data_2CD0
# 
_entry.id   2CD0 
# 
_audit_conform.dict_name       mmcif_pdbx.dic 
_audit_conform.dict_version    5.397 
_audit_conform.dict_location   http://mmcif.pdb.org/dictionaries/ascii/mmcif_pdbx.dic 
# 
loop_
_database_2.database_id 
_database_2.database_code 
_database_2.pdbx_database_accession 
_database_2.pdbx_DOI 
PDB   2CD0         pdb_00002cd0 10.2210/pdb2cd0/pdb 
RCSB  RCSB000601   ?            ?                   
WWPDB D_1000000601 ?            ?                   
# 
loop_
_pdbx_audit_revision_history.ordinal 
_pdbx_audit_revision_history.data_content_type 
_pdbx_audit_revision_history.major_revision 
_pdbx_audit_revision_history.minor_revision 
_pdbx_audit_revision_history.revision_date 
1 'Structure model' 1 0 2000-03-08 
2 'Structure model' 1 1 2008-04-26 
3 'Structure model' 1 2 2011-07-13 
4 'Structure model' 1 3 2023-08-23 
5 'Structure model' 1 4 2024-10-16 
# 
_pdbx_audit_revision_details.ordinal             1 
_pdbx_audit_revision_details.revision_ordinal    1 
_pdbx_audit_revision_details.data_content_type   'Structure model' 
_pdbx_audit_revision_details.provider            repository 
_pdbx_audit_revision_details.type                'Initial release' 
_pdbx_audit_revision_details.description         ? 
_pdbx_audit_revision_details.details             ? 
# 
loop_
_pdbx_audit_revision_group.ordinal 
_pdbx_audit_revision_group.revision_ordinal 
_pdbx_audit_revision_group.data_content_type 
_pdbx_audit_revision_group.group 
1 2 'Structure model' 'Version format compliance' 
2 3 'Structure model' 'Version format compliance' 
3 4 'Structure model' 'Data collection'           
4 4 'Structure model' 'Database references'       
5 4 'Structure model' 'Refinement description'    
6 5 'Structure model' 'Structure summary'         
# 
loop_
_pdbx_audit_revision_category.ordinal 
_pdbx_audit_revision_category.revision_ordinal 
_pdbx_audit_revision_category.data_content_type 
_pdbx_audit_revision_category.category 
1 4 'Structure model' chem_comp_atom                
2 4 'Structure model' chem_comp_bond                
3 4 'Structure model' database_2                    
4 4 'Structure model' pdbx_initial_refinement_model 
5 4 'Structure model' struct_ref_seq_dif            
6 5 'Structure model' pdbx_entry_details            
7 5 'Structure model' pdbx_modification_feature     
# 
loop_
_pdbx_audit_revision_item.ordinal 
_pdbx_audit_revision_item.revision_ordinal 
_pdbx_audit_revision_item.data_content_type 
_pdbx_audit_revision_item.item 
1 4 'Structure model' '_database_2.pdbx_DOI'                
2 4 'Structure model' '_database_2.pdbx_database_accession' 
3 4 'Structure model' '_struct_ref_seq_dif.details'         
# 
_pdbx_database_status.status_code                     REL 
_pdbx_database_status.entry_id                        2CD0 
_pdbx_database_status.recvd_initial_deposition_date   1999-03-08 
_pdbx_database_status.deposit_site                    BNL 
_pdbx_database_status.process_site                    RCSB 
_pdbx_database_status.status_code_sf                  REL 
_pdbx_database_status.SG_entry                        . 
_pdbx_database_status.pdb_format_compatible           Y 
_pdbx_database_status.status_code_mr                  ? 
_pdbx_database_status.status_code_cs                  ? 
_pdbx_database_status.status_code_nmr_data            ? 
_pdbx_database_status.methods_development_category    ? 
# 
loop_
_audit_author.name 
_audit_author.pdbx_ordinal 
'Pokkuluri, P.R.' 1 
'Solomon, A.'     2 
'Weiss, D.T.'     3 
'Stevens, F.J.'   4 
'Schiffer, M.'    5 
# 
_citation.id                        primary 
_citation.title                     'Tertiary structure of human lambda 6 light chains.' 
_citation.journal_abbrev            Amyloid 
_citation.journal_volume            6 
_citation.page_first                165 
_citation.page_last                 171 
_citation.year                      1999 
_citation.journal_id_ASTM           ? 
_citation.country                   US 
_citation.journal_id_ISSN           1350-6129 
_citation.journal_id_CSD            9999 
_citation.book_publisher            ? 
_citation.pdbx_database_id_PubMed   10524280 
_citation.pdbx_database_id_DOI      ? 
# 
loop_
_citation_author.citation_id 
_citation_author.name 
_citation_author.ordinal 
_citation_author.identifier_ORCID 
primary 'Pokkuluri, P.R.' 1 ? 
primary 'Solomon, A.'     2 ? 
primary 'Weiss, D.T.'     3 ? 
primary 'Stevens, F.J.'   4 ? 
primary 'Schiffer, M.'    5 ? 
# 
loop_
_entity.id 
_entity.type 
_entity.src_method 
_entity.pdbx_description 
_entity.formula_weight 
_entity.pdbx_number_of_molecules 
_entity.pdbx_ec 
_entity.pdbx_mutation 
_entity.pdbx_fragment 
_entity.details 
1 polymer man 'PROTEIN (BENCE-JONES PROTEIN WIL, A VARIABLE DOMAIN FROM LAMBDA-6 TYPE IMMUNOGLOBULIN LIGHT CHAIN)' 12001.915 2   ? 
? 'VARIABLE DOMAIN' ? 
2 water   nat water                                                                                                18.015    112 ? 
? ?                 ? 
# 
_entity_poly.entity_id                      1 
_entity_poly.type                           'polypeptide(L)' 
_entity_poly.nstd_linkage                   no 
_entity_poly.nstd_monomer                   no 
_entity_poly.pdbx_seq_one_letter_code       
;NFLLTQPHSVSESPGKTVTISCTRSSGSIANNYVHWYQQRPGSSPTTVIFEDDHRPSGVPDRFSGSVDTSSNSASLTISG
LKTEDEADYYCQSYDHNNQVFGGGTKLTVLG
;
_entity_poly.pdbx_seq_one_letter_code_can   
;NFLLTQPHSVSESPGKTVTISCTRSSGSIANNYVHWYQQRPGSSPTTVIFEDDHRPSGVPDRFSGSVDTSSNSASLTISG
LKTEDEADYYCQSYDHNNQVFGGGTKLTVLG
;
_entity_poly.pdbx_strand_id                 A,B 
_entity_poly.pdbx_target_identifier         ? 
# 
_pdbx_entity_nonpoly.entity_id   2 
_pdbx_entity_nonpoly.name        water 
_pdbx_entity_nonpoly.comp_id     HOH 
# 
loop_
_entity_poly_seq.entity_id 
_entity_poly_seq.num 
_entity_poly_seq.mon_id 
_entity_poly_seq.hetero 
1 1   ASN n 
1 2   PHE n 
1 3   LEU n 
1 4   LEU n 
1 5   THR n 
1 6   GLN n 
1 7   PRO n 
1 8   HIS n 
1 9   SER n 
1 10  VAL n 
1 11  SER n 
1 12  GLU n 
1 13  SER n 
1 14  PRO n 
1 15  GLY n 
1 16  LYS n 
1 17  THR n 
1 18  VAL n 
1 19  THR n 
1 20  ILE n 
1 21  SER n 
1 22  CYS n 
1 23  THR n 
1 24  ARG n 
1 25  SER n 
1 26  SER n 
1 27  GLY n 
1 28  SER n 
1 29  ILE n 
1 30  ALA n 
1 31  ASN n 
1 32  ASN n 
1 33  TYR n 
1 34  VAL n 
1 35  HIS n 
1 36  TRP n 
1 37  TYR n 
1 38  GLN n 
1 39  GLN n 
1 40  ARG n 
1 41  PRO n 
1 42  GLY n 
1 43  SER n 
1 44  SER n 
1 45  PRO n 
1 46  THR n 
1 47  THR n 
1 48  VAL n 
1 49  ILE n 
1 50  PHE n 
1 51  GLU n 
1 52  ASP n 
1 53  ASP n 
1 54  HIS n 
1 55  ARG n 
1 56  PRO n 
1 57  SER n 
1 58  GLY n 
1 59  VAL n 
1 60  PRO n 
1 61  ASP n 
1 62  ARG n 
1 63  PHE n 
1 64  SER n 
1 65  GLY n 
1 66  SER n 
1 67  VAL n 
1 68  ASP n 
1 69  THR n 
1 70  SER n 
1 71  SER n 
1 72  ASN n 
1 73  SER n 
1 74  ALA n 
1 75  SER n 
1 76  LEU n 
1 77  THR n 
1 78  ILE n 
1 79  SER n 
1 80  GLY n 
1 81  LEU n 
1 82  LYS n 
1 83  THR n 
1 84  GLU n 
1 85  ASP n 
1 86  GLU n 
1 87  ALA n 
1 88  ASP n 
1 89  TYR n 
1 90  TYR n 
1 91  CYS n 
1 92  GLN n 
1 93  SER n 
1 94  TYR n 
1 95  ASP n 
1 96  HIS n 
1 97  ASN n 
1 98  ASN n 
1 99  GLN n 
1 100 VAL n 
1 101 PHE n 
1 102 GLY n 
1 103 GLY n 
1 104 GLY n 
1 105 THR n 
1 106 LYS n 
1 107 LEU n 
1 108 THR n 
1 109 VAL n 
1 110 LEU n 
1 111 GLY n 
# 
_entity_src_gen.entity_id                          1 
_entity_src_gen.pdbx_src_id                        1 
_entity_src_gen.pdbx_alt_source_flag               sample 
_entity_src_gen.pdbx_seq_type                      ? 
_entity_src_gen.pdbx_beg_seq_num                   ? 
_entity_src_gen.pdbx_end_seq_num                   ? 
_entity_src_gen.gene_src_common_name               human 
_entity_src_gen.gene_src_genus                     Homo 
_entity_src_gen.pdbx_gene_src_gene                 ? 
_entity_src_gen.gene_src_species                   ? 
_entity_src_gen.gene_src_strain                    ? 
_entity_src_gen.gene_src_tissue                    ? 
_entity_src_gen.gene_src_tissue_fraction           ? 
_entity_src_gen.gene_src_details                   ? 
_entity_src_gen.pdbx_gene_src_fragment             ? 
_entity_src_gen.pdbx_gene_src_scientific_name      'Homo sapiens' 
_entity_src_gen.pdbx_gene_src_ncbi_taxonomy_id     9606 
_entity_src_gen.pdbx_gene_src_variant              ? 
_entity_src_gen.pdbx_gene_src_cell_line            ? 
_entity_src_gen.pdbx_gene_src_atcc                 ? 
_entity_src_gen.pdbx_gene_src_organ                ? 
_entity_src_gen.pdbx_gene_src_organelle            ? 
_entity_src_gen.pdbx_gene_src_cell                 ? 
_entity_src_gen.pdbx_gene_src_cellular_location    ? 
_entity_src_gen.host_org_common_name               ? 
_entity_src_gen.pdbx_host_org_scientific_name      'Escherichia coli' 
_entity_src_gen.pdbx_host_org_ncbi_taxonomy_id     562 
_entity_src_gen.host_org_genus                     Escherichia 
_entity_src_gen.pdbx_host_org_gene                 ? 
_entity_src_gen.pdbx_host_org_organ                ? 
_entity_src_gen.host_org_species                   ? 
_entity_src_gen.pdbx_host_org_tissue               ? 
_entity_src_gen.pdbx_host_org_tissue_fraction      ? 
_entity_src_gen.pdbx_host_org_strain               DH5LAMBDA 
_entity_src_gen.pdbx_host_org_variant              ? 
_entity_src_gen.pdbx_host_org_cell_line            ? 
_entity_src_gen.pdbx_host_org_atcc                 ? 
_entity_src_gen.pdbx_host_org_culture_collection   ? 
_entity_src_gen.pdbx_host_org_cell                 ? 
_entity_src_gen.pdbx_host_org_organelle            ? 
_entity_src_gen.pdbx_host_org_cellular_location    ? 
_entity_src_gen.pdbx_host_org_vector_type          ? 
_entity_src_gen.pdbx_host_org_vector               'PET-27B(+)' 
_entity_src_gen.host_org_details                   ? 
_entity_src_gen.expression_system_id               ? 
_entity_src_gen.plasmid_name                       ? 
_entity_src_gen.plasmid_details                    ? 
_entity_src_gen.pdbx_description                   ? 
# 
loop_
_chem_comp.id 
_chem_comp.type 
_chem_comp.mon_nstd_flag 
_chem_comp.name 
_chem_comp.pdbx_synonyms 
_chem_comp.formula 
_chem_comp.formula_weight 
ALA 'L-peptide linking' y ALANINE         ? 'C3 H7 N O2'     89.093  
ARG 'L-peptide linking' y ARGININE        ? 'C6 H15 N4 O2 1' 175.209 
ASN 'L-peptide linking' y ASPARAGINE      ? 'C4 H8 N2 O3'    132.118 
ASP 'L-peptide linking' y 'ASPARTIC ACID' ? 'C4 H7 N O4'     133.103 
CYS 'L-peptide linking' y CYSTEINE        ? 'C3 H7 N O2 S'   121.158 
GLN 'L-peptide linking' y GLUTAMINE       ? 'C5 H10 N2 O3'   146.144 
GLU 'L-peptide linking' y 'GLUTAMIC ACID' ? 'C5 H9 N O4'     147.129 
GLY 'peptide linking'   y GLYCINE         ? 'C2 H5 N O2'     75.067  
HIS 'L-peptide linking' y HISTIDINE       ? 'C6 H10 N3 O2 1' 156.162 
HOH non-polymer         . WATER           ? 'H2 O'           18.015  
ILE 'L-peptide linking' y ISOLEUCINE      ? 'C6 H13 N O2'    131.173 
LEU 'L-peptide linking' y LEUCINE         ? 'C6 H13 N O2'    131.173 
LYS 'L-peptide linking' y LYSINE          ? 'C6 H15 N2 O2 1' 147.195 
MET 'L-peptide linking' y METHIONINE      ? 'C5 H11 N O2 S'  149.211 
PHE 'L-peptide linking' y PHENYLALANINE   ? 'C9 H11 N O2'    165.189 
PRO 'L-peptide linking' y PROLINE         ? 'C5 H9 N O2'     115.130 
SER 'L-peptide linking' y SERINE          ? 'C3 H7 N O3'     105.093 
THR 'L-peptide linking' y THREONINE       ? 'C4 H9 N O3'     119.119 
TRP 'L-peptide linking' y TRYPTOPHAN      ? 'C11 H12 N2 O2'  204.225 
TYR 'L-peptide linking' y TYROSINE        ? 'C9 H11 N O3'    181.189 
VAL 'L-peptide linking' y VALINE          ? 'C5 H11 N O2'    117.146 
# 
loop_
_pdbx_poly_seq_scheme.asym_id 
_pdbx_poly_seq_scheme.entity_id 
_pdbx_poly_seq_scheme.seq_id 
_pdbx_poly_seq_scheme.mon_id 
_pdbx_poly_seq_scheme.ndb_seq_num 
_pdbx_poly_seq_scheme.pdb_seq_num 
_pdbx_poly_seq_scheme.auth_seq_num 
_pdbx_poly_seq_scheme.pdb_mon_id 
_pdbx_poly_seq_scheme.auth_mon_id 
_pdbx_poly_seq_scheme.pdb_strand_id 
_pdbx_poly_seq_scheme.pdb_ins_code 
_pdbx_poly_seq_scheme.hetero 
A 1 1   ASN 1   1   1   ASN ASN A . n 
A 1 2   PHE 2   2   2   PHE PHE A . n 
A 1 3   LEU 3   3   3   LEU LEU A . n 
A 1 4   LEU 4   4   4   LEU LEU A . n 
A 1 5   THR 5   5   5   THR THR A . n 
A 1 6   GLN 6   6   6   GLN GLN A . n 
A 1 7   PRO 7   7   7   PRO PRO A . n 
A 1 8   HIS 8   8   8   HIS HIS A . n 
A 1 9   SER 9   9   9   SER SER A . n 
A 1 10  VAL 10  11  11  VAL VAL A . n 
A 1 11  SER 11  12  12  SER SER A . n 
A 1 12  GLU 12  13  13  GLU GLU A . n 
A 1 13  SER 13  14  14  SER SER A . n 
A 1 14  PRO 14  15  15  PRO PRO A . n 
A 1 15  GLY 15  16  16  GLY GLY A . n 
A 1 16  LYS 16  17  17  LYS LYS A . n 
A 1 17  THR 17  18  18  THR THR A . n 
A 1 18  VAL 18  19  19  VAL VAL A . n 
A 1 19  THR 19  20  20  THR THR A . n 
A 1 20  ILE 20  21  21  ILE ILE A . n 
A 1 21  SER 21  22  22  SER SER A . n 
A 1 22  CYS 22  23  23  CYS CYS A . n 
A 1 23  THR 23  24  24  THR THR A . n 
A 1 24  ARG 24  25  25  ARG ARG A . n 
A 1 25  SER 25  26  26  SER SER A . n 
A 1 26  SER 26  27  27  SER SER A . n 
A 1 27  GLY 27  27  27  GLY GLY A A n 
A 1 28  SER 28  27  27  SER SER A B n 
A 1 29  ILE 29  28  28  ILE ILE A . n 
A 1 30  ALA 30  29  29  ALA ALA A . n 
A 1 31  ASN 31  30  30  ASN ASN A . n 
A 1 32  ASN 32  31  31  ASN ASN A . n 
A 1 33  TYR 33  32  32  TYR TYR A . n 
A 1 34  VAL 34  33  33  VAL VAL A . n 
A 1 35  HIS 35  34  34  HIS HIS A . n 
A 1 36  TRP 36  35  35  TRP TRP A . n 
A 1 37  TYR 37  36  36  TYR TYR A . n 
A 1 38  GLN 38  37  37  GLN GLN A . n 
A 1 39  GLN 39  38  38  GLN GLN A . n 
A 1 40  ARG 40  39  39  ARG ARG A . n 
A 1 41  PRO 41  40  40  PRO PRO A . n 
A 1 42  GLY 42  41  41  GLY GLY A . n 
A 1 43  SER 43  42  42  SER SER A . n 
A 1 44  SER 44  43  43  SER SER A . n 
A 1 45  PRO 45  44  44  PRO PRO A . n 
A 1 46  THR 46  45  45  THR THR A . n 
A 1 47  THR 47  46  46  THR THR A . n 
A 1 48  VAL 48  47  47  VAL VAL A . n 
A 1 49  ILE 49  48  48  ILE ILE A . n 
A 1 50  PHE 50  49  49  PHE PHE A . n 
A 1 51  GLU 51  50  50  GLU GLU A . n 
A 1 52  ASP 52  51  51  ASP ASP A . n 
A 1 53  ASP 53  52  52  ASP ASP A . n 
A 1 54  HIS 54  53  53  HIS HIS A . n 
A 1 55  ARG 55  54  54  ARG ARG A . n 
A 1 56  PRO 56  55  55  PRO PRO A . n 
A 1 57  SER 57  56  56  SER SER A . n 
A 1 58  GLY 58  57  57  GLY GLY A . n 
A 1 59  VAL 59  58  58  VAL VAL A . n 
A 1 60  PRO 60  59  59  PRO PRO A . n 
A 1 61  ASP 61  60  60  ASP ASP A . n 
A 1 62  ARG 62  61  61  ARG ARG A . n 
A 1 63  PHE 63  62  62  PHE PHE A . n 
A 1 64  SER 64  63  63  SER SER A . n 
A 1 65  GLY 65  64  64  GLY GLY A . n 
A 1 66  SER 66  65  65  SER SER A . n 
A 1 67  VAL 67  66  66  VAL VAL A . n 
A 1 68  ASP 68  66  66  ASP ASP A A n 
A 1 69  THR 69  66  66  THR THR A B n 
A 1 70  SER 70  67  67  SER SER A . n 
A 1 71  SER 71  68  68  SER SER A . n 
A 1 72  ASN 72  69  69  ASN ASN A . n 
A 1 73  SER 73  70  70  SER SER A . n 
A 1 74  ALA 74  71  71  ALA ALA A . n 
A 1 75  SER 75  72  72  SER SER A . n 
A 1 76  LEU 76  73  73  LEU LEU A . n 
A 1 77  THR 77  74  74  THR THR A . n 
A 1 78  ILE 78  75  75  ILE ILE A . n 
A 1 79  SER 79  76  76  SER SER A . n 
A 1 80  GLY 80  77  77  GLY GLY A . n 
A 1 81  LEU 81  78  78  LEU LEU A . n 
A 1 82  LYS 82  79  79  LYS LYS A . n 
A 1 83  THR 83  80  80  THR THR A . n 
A 1 84  GLU 84  81  81  GLU GLU A . n 
A 1 85  ASP 85  82  82  ASP ASP A . n 
A 1 86  GLU 86  83  83  GLU GLU A . n 
A 1 87  ALA 87  84  84  ALA ALA A . n 
A 1 88  ASP 88  85  85  ASP ASP A . n 
A 1 89  TYR 89  86  86  TYR TYR A . n 
A 1 90  TYR 90  87  87  TYR TYR A . n 
A 1 91  CYS 91  88  88  CYS CYS A . n 
A 1 92  GLN 92  89  89  GLN GLN A . n 
A 1 93  SER 93  90  90  SER SER A . n 
A 1 94  TYR 94  91  91  TYR TYR A . n 
A 1 95  ASP 95  92  92  ASP ASP A . n 
A 1 96  HIS 96  93  93  HIS HIS A . n 
A 1 97  ASN 97  94  94  ASN ASN A . n 
A 1 98  ASN 98  95  95  ASN ASN A . n 
A 1 99  GLN 99  96  96  GLN GLN A . n 
A 1 100 VAL 100 97  97  VAL VAL A . n 
A 1 101 PHE 101 98  98  PHE PHE A . n 
A 1 102 GLY 102 99  99  GLY GLY A . n 
A 1 103 GLY 103 100 100 GLY GLY A . n 
A 1 104 GLY 104 101 101 GLY GLY A . n 
A 1 105 THR 105 102 102 THR THR A . n 
A 1 106 LYS 106 103 103 LYS LYS A . n 
A 1 107 LEU 107 104 104 LEU LEU A . n 
A 1 108 THR 108 105 105 THR THR A . n 
A 1 109 VAL 109 106 106 VAL VAL A . n 
A 1 110 LEU 110 107 107 LEU LEU A . n 
A 1 111 GLY 111 108 108 GLY GLY A . n 
B 1 1   ASN 1   1   1   ASN ASN B . n 
B 1 2   PHE 2   2   2   PHE PHE B . n 
B 1 3   LEU 3   3   3   LEU LEU B . n 
B 1 4   LEU 4   4   4   LEU LEU B . n 
B 1 5   THR 5   5   5   THR THR B . n 
B 1 6   GLN 6   6   6   GLN GLN B . n 
B 1 7   PRO 7   7   7   PRO PRO B . n 
B 1 8   HIS 8   8   8   HIS HIS B . n 
B 1 9   SER 9   9   9   SER SER B . n 
B 1 10  VAL 10  11  11  VAL VAL B . n 
B 1 11  SER 11  12  12  SER SER B . n 
B 1 12  GLU 12  13  13  GLU GLU B . n 
B 1 13  SER 13  14  14  SER SER B . n 
B 1 14  PRO 14  15  15  PRO PRO B . n 
B 1 15  GLY 15  16  16  GLY GLY B . n 
B 1 16  LYS 16  17  17  LYS LYS B . n 
B 1 17  THR 17  18  18  THR THR B . n 
B 1 18  VAL 18  19  19  VAL VAL B . n 
B 1 19  THR 19  20  20  THR THR B . n 
B 1 20  ILE 20  21  21  ILE ILE B . n 
B 1 21  SER 21  22  22  SER SER B . n 
B 1 22  CYS 22  23  23  CYS CYS B . n 
B 1 23  THR 23  24  24  THR THR B . n 
B 1 24  ARG 24  25  25  ARG ARG B . n 
B 1 25  SER 25  26  26  SER SER B . n 
B 1 26  SER 26  27  27  SER SER B . n 
B 1 27  GLY 27  27  27  GLY GLY B A n 
B 1 28  SER 28  27  27  SER SER B B n 
B 1 29  ILE 29  28  28  ILE ILE B . n 
B 1 30  ALA 30  29  29  ALA ALA B . n 
B 1 31  ASN 31  30  30  ASN ASN B . n 
B 1 32  ASN 32  31  31  ASN ASN B . n 
B 1 33  TYR 33  32  32  TYR TYR B . n 
B 1 34  VAL 34  33  33  VAL VAL B . n 
B 1 35  HIS 35  34  34  HIS HIS B . n 
B 1 36  TRP 36  35  35  TRP TRP B . n 
B 1 37  TYR 37  36  36  TYR TYR B . n 
B 1 38  GLN 38  37  37  GLN GLN B . n 
B 1 39  GLN 39  38  38  GLN GLN B . n 
B 1 40  ARG 40  39  39  ARG ARG B . n 
B 1 41  PRO 41  40  40  PRO PRO B . n 
B 1 42  GLY 42  41  41  GLY GLY B . n 
B 1 43  SER 43  42  42  SER SER B . n 
B 1 44  SER 44  43  43  SER SER B . n 
B 1 45  PRO 45  44  44  PRO PRO B . n 
B 1 46  THR 46  45  45  THR THR B . n 
B 1 47  THR 47  46  46  THR THR B . n 
B 1 48  VAL 48  47  47  VAL VAL B . n 
B 1 49  ILE 49  48  48  ILE ILE B . n 
B 1 50  PHE 50  49  49  PHE PHE B . n 
B 1 51  GLU 51  50  50  GLU GLU B . n 
B 1 52  ASP 52  51  51  ASP ASP B . n 
B 1 53  ASP 53  52  52  ASP ASP B . n 
B 1 54  HIS 54  53  53  HIS HIS B . n 
B 1 55  ARG 55  54  54  ARG ARG B . n 
B 1 56  PRO 56  55  55  PRO PRO B . n 
B 1 57  SER 57  56  56  SER SER B . n 
B 1 58  GLY 58  57  57  GLY GLY B . n 
B 1 59  VAL 59  58  58  VAL VAL B . n 
B 1 60  PRO 60  59  59  PRO PRO B . n 
B 1 61  ASP 61  60  60  ASP ASP B . n 
B 1 62  ARG 62  61  61  ARG ARG B . n 
B 1 63  PHE 63  62  62  PHE PHE B . n 
B 1 64  SER 64  63  63  SER SER B . n 
B 1 65  GLY 65  64  64  GLY GLY B . n 
B 1 66  SER 66  65  65  SER SER B . n 
B 1 67  VAL 67  66  66  VAL VAL B . n 
B 1 68  ASP 68  66  66  ASP ASP B A n 
B 1 69  THR 69  66  66  THR THR B B n 
B 1 70  SER 70  67  67  SER SER B . n 
B 1 71  SER 71  68  68  SER SER B . n 
B 1 72  ASN 72  69  69  ASN ASN B . n 
B 1 73  SER 73  70  70  SER SER B . n 
B 1 74  ALA 74  71  71  ALA ALA B . n 
B 1 75  SER 75  72  72  SER SER B . n 
B 1 76  LEU 76  73  73  LEU LEU B . n 
B 1 77  THR 77  74  74  THR THR B . n 
B 1 78  ILE 78  75  75  ILE ILE B . n 
B 1 79  SER 79  76  76  SER SER B . n 
B 1 80  GLY 80  77  77  GLY GLY B . n 
B 1 81  LEU 81  78  78  LEU LEU B . n 
B 1 82  LYS 82  79  79  LYS LYS B . n 
B 1 83  THR 83  80  80  THR THR B . n 
B 1 84  GLU 84  81  81  GLU GLU B . n 
B 1 85  ASP 85  82  82  ASP ASP B . n 
B 1 86  GLU 86  83  83  GLU GLU B . n 
B 1 87  ALA 87  84  84  ALA ALA B . n 
B 1 88  ASP 88  85  85  ASP ASP B . n 
B 1 89  TYR 89  86  86  TYR TYR B . n 
B 1 90  TYR 90  87  87  TYR TYR B . n 
B 1 91  CYS 91  88  88  CYS CYS B . n 
B 1 92  GLN 92  89  89  GLN GLN B . n 
B 1 93  SER 93  90  90  SER SER B . n 
B 1 94  TYR 94  91  91  TYR TYR B . n 
B 1 95  ASP 95  92  92  ASP ASP B . n 
B 1 96  HIS 96  93  93  HIS HIS B . n 
B 1 97  ASN 97  94  94  ASN ASN B . n 
B 1 98  ASN 98  95  95  ASN ASN B . n 
B 1 99  GLN 99  96  96  GLN GLN B . n 
B 1 100 VAL 100 97  97  VAL VAL B . n 
B 1 101 PHE 101 98  98  PHE PHE B . n 
B 1 102 GLY 102 99  99  GLY GLY B . n 
B 1 103 GLY 103 100 100 GLY GLY B . n 
B 1 104 GLY 104 101 101 GLY GLY B . n 
B 1 105 THR 105 102 102 THR THR B . n 
B 1 106 LYS 106 103 103 LYS LYS B . n 
B 1 107 LEU 107 104 104 LEU LEU B . n 
B 1 108 THR 108 105 105 THR THR B . n 
B 1 109 VAL 109 106 106 VAL VAL B . n 
B 1 110 LEU 110 107 107 LEU LEU B . n 
B 1 111 GLY 111 108 108 GLY GLY B . n 
# 
loop_
_pdbx_nonpoly_scheme.asym_id 
_pdbx_nonpoly_scheme.entity_id 
_pdbx_nonpoly_scheme.mon_id 
_pdbx_nonpoly_scheme.ndb_seq_num 
_pdbx_nonpoly_scheme.pdb_seq_num 
_pdbx_nonpoly_scheme.auth_seq_num 
_pdbx_nonpoly_scheme.pdb_mon_id 
_pdbx_nonpoly_scheme.auth_mon_id 
_pdbx_nonpoly_scheme.pdb_strand_id 
_pdbx_nonpoly_scheme.pdb_ins_code 
C 2 HOH 1  501 501 HOH HOH A . 
C 2 HOH 2  502 502 HOH HOH A . 
C 2 HOH 3  503 503 HOH HOH A . 
C 2 HOH 4  504 504 HOH HOH A . 
C 2 HOH 5  505 505 HOH HOH A . 
C 2 HOH 6  506 506 HOH HOH A . 
C 2 HOH 7  507 507 HOH HOH A . 
C 2 HOH 8  508 508 HOH HOH A . 
C 2 HOH 9  509 509 HOH HOH A . 
C 2 HOH 10 510 510 HOH HOH A . 
C 2 HOH 11 511 511 HOH HOH A . 
C 2 HOH 12 512 512 HOH HOH A . 
C 2 HOH 13 513 513 HOH HOH A . 
C 2 HOH 14 514 514 HOH HOH A . 
C 2 HOH 15 515 515 HOH HOH A . 
C 2 HOH 16 516 516 HOH HOH A . 
C 2 HOH 17 517 517 HOH HOH A . 
C 2 HOH 18 518 518 HOH HOH A . 
C 2 HOH 19 519 519 HOH HOH A . 
C 2 HOH 20 520 520 HOH HOH A . 
C 2 HOH 21 528 528 HOH HOH A . 
C 2 HOH 22 529 529 HOH HOH A . 
C 2 HOH 23 530 530 HOH HOH A . 
C 2 HOH 24 531 531 HOH HOH A . 
C 2 HOH 25 532 532 HOH HOH A . 
C 2 HOH 26 533 533 HOH HOH A . 
C 2 HOH 27 535 535 HOH HOH A . 
C 2 HOH 28 536 536 HOH HOH A . 
C 2 HOH 29 537 537 HOH HOH A . 
C 2 HOH 30 538 538 HOH HOH A . 
C 2 HOH 31 539 539 HOH HOH A . 
C 2 HOH 32 540 540 HOH HOH A . 
C 2 HOH 33 541 541 HOH HOH A . 
C 2 HOH 34 542 542 HOH HOH A . 
C 2 HOH 35 544 544 HOH HOH A . 
C 2 HOH 36 545 545 HOH HOH A . 
C 2 HOH 37 551 551 HOH HOH A . 
C 2 HOH 38 552 552 HOH HOH A . 
C 2 HOH 39 553 553 HOH HOH A . 
C 2 HOH 40 554 554 HOH HOH A . 
C 2 HOH 41 555 555 HOH HOH A . 
C 2 HOH 42 556 556 HOH HOH A . 
C 2 HOH 43 557 557 HOH HOH A . 
C 2 HOH 44 558 558 HOH HOH A . 
C 2 HOH 45 559 559 HOH HOH A . 
C 2 HOH 46 560 560 HOH HOH A . 
C 2 HOH 47 561 561 HOH HOH A . 
C 2 HOH 48 562 562 HOH HOH A . 
C 2 HOH 49 563 563 HOH HOH A . 
C 2 HOH 50 564 564 HOH HOH A . 
C 2 HOH 51 565 565 HOH HOH A . 
C 2 HOH 52 566 566 HOH HOH A . 
C 2 HOH 53 567 567 HOH HOH A . 
C 2 HOH 54 568 568 HOH HOH A . 
C 2 HOH 55 569 569 HOH HOH A . 
C 2 HOH 56 570 570 HOH HOH A . 
C 2 HOH 57 574 574 HOH HOH A . 
C 2 HOH 58 575 575 HOH HOH A . 
C 2 HOH 59 576 576 HOH HOH A . 
C 2 HOH 60 577 577 HOH HOH A . 
C 2 HOH 61 578 578 HOH HOH A . 
C 2 HOH 62 579 579 HOH HOH A . 
C 2 HOH 63 580 580 HOH HOH A . 
C 2 HOH 64 581 581 HOH HOH A . 
C 2 HOH 65 582 582 HOH HOH A . 
C 2 HOH 66 583 583 HOH HOH A . 
C 2 HOH 67 584 584 HOH HOH A . 
C 2 HOH 68 585 585 HOH HOH A . 
C 2 HOH 69 586 586 HOH HOH A . 
C 2 HOH 70 587 587 HOH HOH A . 
C 2 HOH 71 605 605 HOH HOH A . 
D 2 HOH 1  521 521 HOH HOH B . 
D 2 HOH 2  522 522 HOH HOH B . 
D 2 HOH 3  523 523 HOH HOH B . 
D 2 HOH 4  524 524 HOH HOH B . 
D 2 HOH 5  525 525 HOH HOH B . 
D 2 HOH 6  526 526 HOH HOH B . 
D 2 HOH 7  527 527 HOH HOH B . 
D 2 HOH 8  534 534 HOH HOH B . 
D 2 HOH 9  543 543 HOH HOH B . 
D 2 HOH 10 546 546 HOH HOH B . 
D 2 HOH 11 547 547 HOH HOH B . 
D 2 HOH 12 548 548 HOH HOH B . 
D 2 HOH 13 549 549 HOH HOH B . 
D 2 HOH 14 550 550 HOH HOH B . 
D 2 HOH 15 571 571 HOH HOH B . 
D 2 HOH 16 572 572 HOH HOH B . 
D 2 HOH 17 573 573 HOH HOH B . 
D 2 HOH 18 588 588 HOH HOH B . 
D 2 HOH 19 589 589 HOH HOH B . 
D 2 HOH 20 590 590 HOH HOH B . 
D 2 HOH 21 591 591 HOH HOH B . 
D 2 HOH 22 592 592 HOH HOH B . 
D 2 HOH 23 593 593 HOH HOH B . 
D 2 HOH 24 594 594 HOH HOH B . 
D 2 HOH 25 595 595 HOH HOH B . 
D 2 HOH 26 596 596 HOH HOH B . 
D 2 HOH 27 597 597 HOH HOH B . 
D 2 HOH 28 598 598 HOH HOH B . 
D 2 HOH 29 599 599 HOH HOH B . 
D 2 HOH 30 600 600 HOH HOH B . 
D 2 HOH 31 601 601 HOH HOH B . 
D 2 HOH 32 602 602 HOH HOH B . 
D 2 HOH 33 603 603 HOH HOH B . 
D 2 HOH 34 604 604 HOH HOH B . 
D 2 HOH 35 606 606 HOH HOH B . 
D 2 HOH 36 607 607 HOH HOH B . 
D 2 HOH 37 608 608 HOH HOH B . 
D 2 HOH 38 609 609 HOH HOH B . 
D 2 HOH 39 610 610 HOH HOH B . 
D 2 HOH 40 611 611 HOH HOH B . 
D 2 HOH 41 612 612 HOH HOH B . 
# 
loop_
_pdbx_unobs_or_zero_occ_atoms.id 
_pdbx_unobs_or_zero_occ_atoms.PDB_model_num 
_pdbx_unobs_or_zero_occ_atoms.polymer_flag 
_pdbx_unobs_or_zero_occ_atoms.occupancy_flag 
_pdbx_unobs_or_zero_occ_atoms.auth_asym_id 
_pdbx_unobs_or_zero_occ_atoms.auth_comp_id 
_pdbx_unobs_or_zero_occ_atoms.auth_seq_id 
_pdbx_unobs_or_zero_occ_atoms.PDB_ins_code 
_pdbx_unobs_or_zero_occ_atoms.auth_atom_id 
_pdbx_unobs_or_zero_occ_atoms.label_alt_id 
_pdbx_unobs_or_zero_occ_atoms.label_asym_id 
_pdbx_unobs_or_zero_occ_atoms.label_comp_id 
_pdbx_unobs_or_zero_occ_atoms.label_seq_id 
_pdbx_unobs_or_zero_occ_atoms.label_atom_id 
1  1 Y 1 A SER 42 ? OG  ? A SER 43 OG  
2  1 Y 1 A HIS 93 ? CG  ? A HIS 96 CG  
3  1 Y 1 A HIS 93 ? ND1 ? A HIS 96 ND1 
4  1 Y 1 A HIS 93 ? CD2 ? A HIS 96 CD2 
5  1 Y 1 A HIS 93 ? CE1 ? A HIS 96 CE1 
6  1 Y 1 A HIS 93 ? NE2 ? A HIS 96 NE2 
7  1 Y 1 B LEU 3  ? CG  ? B LEU 3  CG  
8  1 Y 1 B LEU 3  ? CD1 ? B LEU 3  CD1 
9  1 Y 1 B LEU 3  ? CD2 ? B LEU 3  CD2 
10 1 Y 1 B VAL 19 ? CG1 ? B VAL 18 CG1 
11 1 Y 1 B VAL 19 ? CG2 ? B VAL 18 CG2 
12 1 Y 1 B ILE 21 ? CD1 ? B ILE 20 CD1 
13 1 Y 1 B ARG 25 ? CG  ? B ARG 24 CG  
14 1 Y 1 B ARG 25 ? CD  ? B ARG 24 CD  
15 1 Y 1 B ARG 25 ? NE  ? B ARG 24 NE  
16 1 Y 1 B ARG 25 ? CZ  ? B ARG 24 CZ  
17 1 Y 1 B ARG 25 ? NH1 ? B ARG 24 NH1 
18 1 Y 1 B ARG 25 ? NH2 ? B ARG 24 NH2 
19 1 Y 1 B SER 27 ? OG  ? B SER 26 OG  
20 1 Y 1 B SER 27 B OG  ? B SER 28 OG  
21 1 Y 1 B ILE 28 ? CG1 ? B ILE 29 CG1 
22 1 Y 1 B ILE 28 ? CG2 ? B ILE 29 CG2 
23 1 Y 1 B ILE 28 ? CD1 ? B ILE 29 CD1 
24 1 Y 1 B ASN 30 ? CG  ? B ASN 31 CG  
25 1 Y 1 B ASN 30 ? OD1 ? B ASN 31 OD1 
26 1 Y 1 B ASN 30 ? ND2 ? B ASN 31 ND2 
27 1 Y 1 B ASN 31 ? CG  ? B ASN 32 CG  
28 1 Y 1 B ASN 31 ? OD1 ? B ASN 32 OD1 
29 1 Y 1 B ASN 31 ? ND2 ? B ASN 32 ND2 
30 1 Y 1 B TYR 32 ? CG  ? B TYR 33 CG  
31 1 Y 1 B TYR 32 ? CD1 ? B TYR 33 CD1 
32 1 Y 1 B TYR 32 ? CD2 ? B TYR 33 CD2 
33 1 Y 1 B TYR 32 ? CE1 ? B TYR 33 CE1 
34 1 Y 1 B TYR 32 ? CE2 ? B TYR 33 CE2 
35 1 Y 1 B TYR 32 ? CZ  ? B TYR 33 CZ  
36 1 Y 1 B TYR 32 ? OH  ? B TYR 33 OH  
37 1 Y 1 B ILE 48 ? CG1 ? B ILE 49 CG1 
38 1 Y 1 B ILE 48 ? CG2 ? B ILE 49 CG2 
39 1 Y 1 B ILE 48 ? CD1 ? B ILE 49 CD1 
40 1 Y 1 B PHE 49 ? CG  ? B PHE 50 CG  
41 1 Y 1 B PHE 49 ? CD1 ? B PHE 50 CD1 
42 1 Y 1 B PHE 49 ? CD2 ? B PHE 50 CD2 
43 1 Y 1 B PHE 49 ? CE1 ? B PHE 50 CE1 
44 1 Y 1 B PHE 49 ? CE2 ? B PHE 50 CE2 
45 1 Y 1 B PHE 49 ? CZ  ? B PHE 50 CZ  
46 1 Y 1 B GLU 50 ? CG  ? B GLU 51 CG  
47 1 Y 1 B GLU 50 ? CD  ? B GLU 51 CD  
48 1 Y 1 B GLU 50 ? OE1 ? B GLU 51 OE1 
49 1 Y 1 B GLU 50 ? OE2 ? B GLU 51 OE2 
50 1 Y 1 B ASP 51 ? CG  ? B ASP 52 CG  
51 1 Y 1 B ASP 51 ? OD1 ? B ASP 52 OD1 
52 1 Y 1 B ASP 51 ? OD2 ? B ASP 52 OD2 
53 1 Y 1 B ASP 52 ? CG  ? B ASP 53 CG  
54 1 Y 1 B ASP 52 ? OD1 ? B ASP 53 OD1 
55 1 Y 1 B ASP 52 ? OD2 ? B ASP 53 OD2 
56 1 Y 1 B HIS 53 ? CG  ? B HIS 54 CG  
57 1 Y 1 B HIS 53 ? ND1 ? B HIS 54 ND1 
58 1 Y 1 B HIS 53 ? CD2 ? B HIS 54 CD2 
59 1 Y 1 B HIS 53 ? CE1 ? B HIS 54 CE1 
60 1 Y 1 B HIS 53 ? NE2 ? B HIS 54 NE2 
61 1 Y 1 B ARG 54 ? CG  ? B ARG 55 CG  
62 1 Y 1 B ARG 54 ? CD  ? B ARG 55 CD  
63 1 Y 1 B ARG 54 ? NE  ? B ARG 55 NE  
64 1 Y 1 B ARG 54 ? CZ  ? B ARG 55 CZ  
65 1 Y 1 B ARG 54 ? NH1 ? B ARG 55 NH1 
66 1 Y 1 B ARG 54 ? NH2 ? B ARG 55 NH2 
67 1 Y 1 B ASP 66 A CG  ? B ASP 68 CG  
68 1 Y 1 B ASP 66 A OD1 ? B ASP 68 OD1 
69 1 Y 1 B ASP 66 A OD2 ? B ASP 68 OD2 
70 1 Y 1 B THR 66 B OG1 ? B THR 69 OG1 
71 1 Y 1 B THR 66 B CG2 ? B THR 69 CG2 
72 1 Y 1 B SER 67 ? OG  ? B SER 70 OG  
73 1 Y 1 B SER 68 ? OG  ? B SER 71 OG  
74 1 Y 1 B ASN 69 ? CG  ? B ASN 72 CG  
75 1 Y 1 B ASN 69 ? OD1 ? B ASN 72 OD1 
76 1 Y 1 B ASN 69 ? ND2 ? B ASN 72 ND2 
77 1 Y 1 B SER 70 ? OG  ? B SER 73 OG  
78 1 Y 1 B TYR 91 ? OH  ? B TYR 94 OH  
# 
loop_
_software.name 
_software.classification 
_software.version 
_software.citation_id 
_software.pdbx_ordinal 
DENZO     'data reduction' .   ? 1 
SCALEPACK 'data scaling'   .   ? 2 
AMoRE     phasing          .   ? 3 
CNS       refinement       0.3 ? 4 
# 
_cell.entry_id           2CD0 
_cell.length_a           147.900 
_cell.length_b           147.900 
_cell.length_c           46.600 
_cell.angle_alpha        90.00 
_cell.angle_beta         90.00 
_cell.angle_gamma        120.00 
_cell.Z_PDB              36 
_cell.pdbx_unique_axis   ? 
# 
_symmetry.entry_id                         2CD0 
_symmetry.space_group_name_H-M             'H 3 2' 
_symmetry.pdbx_full_space_group_name_H-M   ? 
_symmetry.cell_setting                     ? 
_symmetry.Int_Tables_number                155 
# 
_exptl.entry_id          2CD0 
_exptl.method            'X-RAY DIFFRACTION' 
_exptl.crystals_number   1 
# 
_exptl_crystal.id                    1 
_exptl_crystal.density_meas          ? 
_exptl_crystal.density_Matthews      2.0 
_exptl_crystal.density_percent_sol   38.5 
_exptl_crystal.description           
;CONSTANT DOMAINS WERE ALSO REMOVED FROM MCG MODEL PRIOR TO MOLECULAR 
REPLACEMENT.
;
# 
_exptl_crystal_grow.crystal_id      1 
_exptl_crystal_grow.method          ? 
_exptl_crystal_grow.temp            ? 
_exptl_crystal_grow.temp_details    ? 
_exptl_crystal_grow.pH              5.6 
_exptl_crystal_grow.pdbx_details    
;1.8M AMMONIUM SULPHATE, 0.1 M SODIUM CITRATE PH 5.6,                 
0.01 M CADMIUM CHLORIDE
;
_exptl_crystal_grow.pdbx_pH_range   ? 
# 
_diffrn.id                     1 
_diffrn.ambient_temp           100 
_diffrn.ambient_temp_details   ? 
_diffrn.crystal_id             1 
# 
_diffrn_detector.diffrn_id              1 
_diffrn_detector.detector               CCD 
_diffrn_detector.type                   CUSTOM-MADE 
_diffrn_detector.pdbx_collection_date   1998-09 
_diffrn_detector.details                ? 
# 
_diffrn_radiation.diffrn_id                        1 
_diffrn_radiation.wavelength_id                    1 
_diffrn_radiation.pdbx_monochromatic_or_laue_m_l   M 
_diffrn_radiation.monochromator                    ? 
_diffrn_radiation.pdbx_diffrn_protocol             'SINGLE WAVELENGTH' 
_diffrn_radiation.pdbx_scattering_type             x-ray 
# 
_diffrn_radiation_wavelength.id           1 
_diffrn_radiation_wavelength.wavelength   1.033 
_diffrn_radiation_wavelength.wt           1.0 
# 
_diffrn_source.diffrn_id                   1 
_diffrn_source.source                      SYNCHROTRON 
_diffrn_source.type                        'APS BEAMLINE 19-ID' 
_diffrn_source.pdbx_synchrotron_site       APS 
_diffrn_source.pdbx_synchrotron_beamline   19-ID 
_diffrn_source.pdbx_wavelength             1.033 
_diffrn_source.pdbx_wavelength_list        ? 
# 
_reflns.entry_id                     2CD0 
_reflns.observed_criterion_sigma_I   -3 
_reflns.observed_criterion_sigma_F   ? 
_reflns.d_resolution_low             20.0 
_reflns.d_resolution_high            1.70 
_reflns.number_obs                   21478 
_reflns.number_all                   ? 
_reflns.percent_possible_obs         97.6 
_reflns.pdbx_Rmerge_I_obs            0.04 
_reflns.pdbx_Rsym_value              ? 
_reflns.pdbx_netI_over_sigmaI        48 
_reflns.B_iso_Wilson_estimate        16.0 
_reflns.pdbx_redundancy              21.8 
_reflns.R_free_details               ? 
_reflns.limit_h_max                  ? 
_reflns.limit_h_min                  ? 
_reflns.limit_k_max                  ? 
_reflns.limit_k_min                  ? 
_reflns.limit_l_max                  ? 
_reflns.limit_l_min                  ? 
_reflns.observed_criterion_F_max     ? 
_reflns.observed_criterion_F_min     ? 
_reflns.pdbx_diffrn_id               1 
_reflns.pdbx_ordinal                 1 
# 
_reflns_shell.d_res_high             1.70 
_reflns_shell.d_res_low              1.76 
_reflns_shell.percent_possible_all   96.4 
_reflns_shell.Rmerge_I_obs           0.232 
_reflns_shell.pdbx_Rsym_value        ? 
_reflns_shell.meanI_over_sigI_obs    19 
_reflns_shell.pdbx_redundancy        9 
_reflns_shell.percent_possible_obs   ? 
_reflns_shell.number_unique_all      ? 
_reflns_shell.pdbx_diffrn_id         ? 
_reflns_shell.pdbx_ordinal           1 
# 
_refine.entry_id                                 2CD0 
_refine.ls_number_reflns_obs                     17271 
_refine.ls_number_reflns_all                     ? 
_refine.pdbx_ls_sigma_I                          ? 
_refine.pdbx_ls_sigma_F                          3.0 
_refine.pdbx_data_cutoff_high_absF               ? 
_refine.pdbx_data_cutoff_low_absF                ? 
_refine.pdbx_data_cutoff_high_rms_absF           1379583.80 
_refine.ls_d_res_low                             8.00 
_refine.ls_d_res_high                            1.80 
_refine.ls_percent_reflns_obs                    96.5 
_refine.ls_R_factor_obs                          ? 
_refine.ls_R_factor_all                          ? 
_refine.ls_R_factor_R_work                       0.289 
_refine.ls_R_factor_R_free                       0.351 
_refine.ls_R_factor_R_free_error                 0.009 
_refine.ls_R_factor_R_free_error_details         ? 
_refine.ls_percent_reflns_R_free                 9.8 
_refine.ls_number_reflns_R_free                  1689 
_refine.ls_number_parameters                     ? 
_refine.ls_number_restraints                     ? 
_refine.occupancy_min                            ? 
_refine.occupancy_max                            ? 
_refine.B_iso_mean                               25.1 
_refine.aniso_B[1][1]                            -2.28 
_refine.aniso_B[2][2]                            -2.28 
_refine.aniso_B[3][3]                            4.56 
_refine.aniso_B[1][2]                            -2.21 
_refine.aniso_B[1][3]                            0.00 
_refine.aniso_B[2][3]                            0.00 
_refine.solvent_model_details                    'FLAT MODEL' 
_refine.solvent_model_param_ksol                 0.49 
_refine.solvent_model_param_bsol                 65.0 
_refine.pdbx_ls_cross_valid_method               THROUGHOUT 
_refine.details                                  'BULK SOLVENT MODEL USED' 
_refine.pdbx_starting_model                      'MCG (1DCL): USED ONLY VL DIMER WITH CDR LOOPS DELETED.' 
_refine.pdbx_method_to_determine_struct          'MOLECULAR REPLACEMENT' 
_refine.pdbx_isotropic_thermal_model             RESTRAINED 
_refine.pdbx_stereochemistry_target_values       ? 
_refine.pdbx_stereochem_target_val_spec_case     ? 
_refine.pdbx_R_Free_selection_details            RANDOM 
_refine.pdbx_overall_ESU_R                       ? 
_refine.pdbx_overall_ESU_R_Free                  ? 
_refine.overall_SU_ML                            ? 
_refine.overall_SU_B                             ? 
_refine.ls_redundancy_reflns_obs                 ? 
_refine.B_iso_min                                ? 
_refine.B_iso_max                                ? 
_refine.pdbx_refine_id                           'X-RAY DIFFRACTION' 
_refine.pdbx_diffrn_id                           1 
_refine.pdbx_TLS_residual_ADP_flag               ? 
_refine.correlation_coeff_Fo_to_Fc               ? 
_refine.correlation_coeff_Fo_to_Fc_free          ? 
_refine.pdbx_solvent_vdw_probe_radii             ? 
_refine.pdbx_solvent_ion_probe_radii             ? 
_refine.pdbx_solvent_shrinkage_radii             ? 
_refine.pdbx_overall_phase_error                 ? 
_refine.overall_SU_R_Cruickshank_DPI             ? 
_refine.pdbx_overall_SU_R_free_Cruickshank_DPI   ? 
_refine.pdbx_overall_SU_R_Blow_DPI               ? 
_refine.pdbx_overall_SU_R_free_Blow_DPI          ? 
# 
_refine_analyze.entry_id                        2CD0 
_refine_analyze.Luzzati_coordinate_error_obs    0.32 
_refine_analyze.Luzzati_sigma_a_obs             0.26 
_refine_analyze.Luzzati_d_res_low_obs           5.00 
_refine_analyze.Luzzati_coordinate_error_free   0.43 
_refine_analyze.Luzzati_sigma_a_free            0.41 
_refine_analyze.Luzzati_d_res_low_free          ? 
_refine_analyze.number_disordered_residues      ? 
_refine_analyze.occupancy_sum_hydrogen          ? 
_refine_analyze.occupancy_sum_non_hydrogen      ? 
_refine_analyze.pdbx_Luzzati_d_res_high_obs     ? 
_refine_analyze.pdbx_refine_id                  'X-RAY DIFFRACTION' 
# 
_refine_hist.pdbx_refine_id                   'X-RAY DIFFRACTION' 
_refine_hist.cycle_id                         LAST 
_refine_hist.pdbx_number_atoms_protein        1612 
_refine_hist.pdbx_number_atoms_nucleic_acid   0 
_refine_hist.pdbx_number_atoms_ligand         0 
_refine_hist.number_atoms_solvent             112 
_refine_hist.number_atoms_total               1724 
_refine_hist.d_res_high                       1.80 
_refine_hist.d_res_low                        8.00 
# 
loop_
_refine_ls_restr.type 
_refine_ls_restr.dev_ideal 
_refine_ls_restr.dev_ideal_target 
_refine_ls_restr.weight 
_refine_ls_restr.number 
_refine_ls_restr.pdbx_refine_id 
_refine_ls_restr.pdbx_restraint_function 
x_bond_d                0.007 ?    ? ? 'X-RAY DIFFRACTION' ? 
x_bond_d_na             ?     ?    ? ? 'X-RAY DIFFRACTION' ? 
x_bond_d_prot           ?     ?    ? ? 'X-RAY DIFFRACTION' ? 
x_angle_d               ?     ?    ? ? 'X-RAY DIFFRACTION' ? 
x_angle_d_na            ?     ?    ? ? 'X-RAY DIFFRACTION' ? 
x_angle_d_prot          ?     ?    ? ? 'X-RAY DIFFRACTION' ? 
x_angle_deg             1.5   ?    ? ? 'X-RAY DIFFRACTION' ? 
x_angle_deg_na          ?     ?    ? ? 'X-RAY DIFFRACTION' ? 
x_angle_deg_prot        ?     ?    ? ? 'X-RAY DIFFRACTION' ? 
x_dihedral_angle_d      25.5  ?    ? ? 'X-RAY DIFFRACTION' ? 
x_dihedral_angle_d_na   ?     ?    ? ? 'X-RAY DIFFRACTION' ? 
x_dihedral_angle_d_prot ?     ?    ? ? 'X-RAY DIFFRACTION' ? 
x_improper_angle_d      0.78  ?    ? ? 'X-RAY DIFFRACTION' ? 
x_improper_angle_d_na   ?     ?    ? ? 'X-RAY DIFFRACTION' ? 
x_improper_angle_d_prot ?     ?    ? ? 'X-RAY DIFFRACTION' ? 
x_mcbond_it             1.02  1.50 ? ? 'X-RAY DIFFRACTION' ? 
x_mcangle_it            1.74  2.00 ? ? 'X-RAY DIFFRACTION' ? 
x_scbond_it             1.16  2.00 ? ? 'X-RAY DIFFRACTION' ? 
x_scangle_it            1.68  2.50 ? ? 'X-RAY DIFFRACTION' ? 
# 
_refine_ls_shell.pdbx_total_number_of_bins_used   33 
_refine_ls_shell.d_res_high                       1.80 
_refine_ls_shell.d_res_low                        1.82 
_refine_ls_shell.number_reflns_R_work             431 
_refine_ls_shell.R_factor_R_work                  0.363 
_refine_ls_shell.percent_reflns_obs               91.1 
_refine_ls_shell.R_factor_R_free                  0.41 
_refine_ls_shell.R_factor_R_free_error            0.054 
_refine_ls_shell.percent_reflns_R_free            11.9 
_refine_ls_shell.number_reflns_R_free             58 
_refine_ls_shell.redundancy_reflns_obs            ? 
_refine_ls_shell.number_reflns_all                ? 
_refine_ls_shell.number_reflns_obs                ? 
_refine_ls_shell.pdbx_refine_id                   'X-RAY DIFFRACTION' 
_refine_ls_shell.R_factor_all                     ? 
# 
loop_
_pdbx_xplor_file.serial_no 
_pdbx_xplor_file.param_file 
_pdbx_xplor_file.topol_file 
_pdbx_xplor_file.pdbx_refine_id 
1 PROTEIN_REP.PARAM PROTEIN.TOP 'X-RAY DIFFRACTION' 
2 WATER_REP.PARAM   WATER.TOP   'X-RAY DIFFRACTION' 
# 
_struct.entry_id                  2CD0 
_struct.title                     'STRUCTURE OF HUMAN LAMBDA-6 LIGHT CHAIN DIMER WIL' 
_struct.pdbx_model_details        ? 
_struct.pdbx_CASP_flag            ? 
_struct.pdbx_model_type_details   ? 
# 
_struct_keywords.entry_id        2CD0 
_struct_keywords.pdbx_keywords   'IMMUNE SYSTEM' 
_struct_keywords.text            'IMMUNOGLOBULIN, BENCE-JONES PROTEIN, LAMBDA-6, IMMUNE SYSTEM' 
# 
loop_
_struct_asym.id 
_struct_asym.pdbx_blank_PDB_chainid_flag 
_struct_asym.pdbx_modified 
_struct_asym.entity_id 
_struct_asym.details 
A N N 1 ? 
B N N 1 ? 
C N N 2 ? 
D N N 2 ? 
# 
_struct_ref.id                         1 
_struct_ref.db_name                    GB 
_struct_ref.db_code                    Z37375 
_struct_ref.entity_id                  1 
_struct_ref.pdbx_db_accession          587410 
_struct_ref.pdbx_align_begin           ? 
_struct_ref.pdbx_seq_one_letter_code   ? 
_struct_ref.pdbx_db_isoform            ? 
# 
loop_
_struct_ref_seq.align_id 
_struct_ref_seq.ref_id 
_struct_ref_seq.pdbx_PDB_id_code 
_struct_ref_seq.pdbx_strand_id 
_struct_ref_seq.seq_align_beg 
_struct_ref_seq.pdbx_seq_align_beg_ins_code 
_struct_ref_seq.seq_align_end 
_struct_ref_seq.pdbx_seq_align_end_ins_code 
_struct_ref_seq.pdbx_db_accession 
_struct_ref_seq.db_align_beg 
_struct_ref_seq.pdbx_db_align_beg_ins_code 
_struct_ref_seq.db_align_end 
_struct_ref_seq.pdbx_db_align_end_ins_code 
_struct_ref_seq.pdbx_auth_seq_align_beg 
_struct_ref_seq.pdbx_auth_seq_align_end 
1 1 2CD0 A 1 ? 111 ? 587410 1 ? 111 ? 1 108 
2 1 2CD0 B 1 ? 111 ? 587410 1 ? 111 ? 1 108 
# 
loop_
_struct_ref_seq_dif.align_id 
_struct_ref_seq_dif.pdbx_pdb_id_code 
_struct_ref_seq_dif.mon_id 
_struct_ref_seq_dif.pdbx_pdb_strand_id 
_struct_ref_seq_dif.seq_num 
_struct_ref_seq_dif.pdbx_pdb_ins_code 
_struct_ref_seq_dif.pdbx_seq_db_name 
_struct_ref_seq_dif.pdbx_seq_db_accession_code 
_struct_ref_seq_dif.db_mon_id 
_struct_ref_seq_dif.pdbx_seq_db_seq_num 
_struct_ref_seq_dif.details 
_struct_ref_seq_dif.pdbx_auth_seq_num 
_struct_ref_seq_dif.pdbx_ordinal 
1 2CD0 LEU A 3  ? GB 587410 MET 3  conflict 3  1  
1 2CD0 ASN A 31 ? GB 587410 SER 31 conflict 30 2  
1 2CD0 HIS A 35 ? GB 587410 GLN 35 conflict 34 3  
1 2CD0 SER A 44 ? GB 587410 ALA 44 conflict 43 4  
1 2CD0 PHE A 50 ? GB 587410 TYR 50 conflict 49 5  
1 2CD0 ASP A 53 ? GB 587410 ASN 53 conflict 52 6  
1 2CD0 HIS A 54 ? GB 587410 GLN 54 conflict 53 7  
1 2CD0 VAL A 67 ? GB 587410 ILE 67 conflict 66 8  
1 2CD0 THR A 69 B GB 587410 SER 69 conflict 66 9  
1 2CD0 HIS A 96 ? GB 587410 SER 96 conflict 93 10 
1 2CD0 ASN A 97 ? GB 587410 SER 97 conflict 94 11 
# 
_pdbx_struct_assembly.id                   1 
_pdbx_struct_assembly.details              author_defined_assembly 
_pdbx_struct_assembly.method_details       ? 
_pdbx_struct_assembly.oligomeric_details   dimeric 
_pdbx_struct_assembly.oligomeric_count     2 
# 
_pdbx_struct_assembly_gen.assembly_id       1 
_pdbx_struct_assembly_gen.oper_expression   1 
_pdbx_struct_assembly_gen.asym_id_list      A,B,C,D 
# 
_pdbx_struct_oper_list.id                   1 
_pdbx_struct_oper_list.type                 'identity operation' 
_pdbx_struct_oper_list.name                 1_555 
_pdbx_struct_oper_list.symmetry_operation   x,y,z 
_pdbx_struct_oper_list.matrix[1][1]         1.0000000000 
_pdbx_struct_oper_list.matrix[1][2]         0.0000000000 
_pdbx_struct_oper_list.matrix[1][3]         0.0000000000 
_pdbx_struct_oper_list.vector[1]            0.0000000000 
_pdbx_struct_oper_list.matrix[2][1]         0.0000000000 
_pdbx_struct_oper_list.matrix[2][2]         1.0000000000 
_pdbx_struct_oper_list.matrix[2][3]         0.0000000000 
_pdbx_struct_oper_list.vector[2]            0.0000000000 
_pdbx_struct_oper_list.matrix[3][1]         0.0000000000 
_pdbx_struct_oper_list.matrix[3][2]         0.0000000000 
_pdbx_struct_oper_list.matrix[3][3]         1.0000000000 
_pdbx_struct_oper_list.vector[3]            0.0000000000 
# 
_struct_biol.id                    1 
_struct_biol.details               
;THE BIOLOGICALLY ACTIVE MOLECULE IS A HOMODIMER. THE
ASYMMETRIC UNIT CONTAINS BOTH MONOMERS, CHAINS A AND B.
BOTH MONOMERS REFINED INDEPENDENTLY.
;
_struct_biol.pdbx_parent_biol_id   ? 
# 
loop_
_struct_conf.conf_type_id 
_struct_conf.id 
_struct_conf.pdbx_PDB_helix_id 
_struct_conf.beg_label_comp_id 
_struct_conf.beg_label_asym_id 
_struct_conf.beg_label_seq_id 
_struct_conf.pdbx_beg_PDB_ins_code 
_struct_conf.end_label_comp_id 
_struct_conf.end_label_asym_id 
_struct_conf.end_label_seq_id 
_struct_conf.pdbx_end_PDB_ins_code 
_struct_conf.beg_auth_comp_id 
_struct_conf.beg_auth_asym_id 
_struct_conf.beg_auth_seq_id 
_struct_conf.end_auth_comp_id 
_struct_conf.end_auth_asym_id 
_struct_conf.end_auth_seq_id 
_struct_conf.pdbx_PDB_helix_class 
_struct_conf.details 
_struct_conf.pdbx_PDB_helix_length 
HELX_P HELX_P1 1 LYS A 82 ? GLU A 86 ? LYS A 79 GLU A 83 5 ? 5 
HELX_P HELX_P2 2 LYS B 82 ? GLU B 86 ? LYS B 79 GLU B 83 5 ? 5 
# 
_struct_conf_type.id          HELX_P 
_struct_conf_type.criteria    ? 
_struct_conf_type.reference   ? 
# 
loop_
_struct_conn.id 
_struct_conn.conn_type_id 
_struct_conn.pdbx_leaving_atom_flag 
_struct_conn.pdbx_PDB_id 
_struct_conn.ptnr1_label_asym_id 
_struct_conn.ptnr1_label_comp_id 
_struct_conn.ptnr1_label_seq_id 
_struct_conn.ptnr1_label_atom_id 
_struct_conn.pdbx_ptnr1_label_alt_id 
_struct_conn.pdbx_ptnr1_PDB_ins_code 
_struct_conn.pdbx_ptnr1_standard_comp_id 
_struct_conn.ptnr1_symmetry 
_struct_conn.ptnr2_label_asym_id 
_struct_conn.ptnr2_label_comp_id 
_struct_conn.ptnr2_label_seq_id 
_struct_conn.ptnr2_label_atom_id 
_struct_conn.pdbx_ptnr2_label_alt_id 
_struct_conn.pdbx_ptnr2_PDB_ins_code 
_struct_conn.ptnr1_auth_asym_id 
_struct_conn.ptnr1_auth_comp_id 
_struct_conn.ptnr1_auth_seq_id 
_struct_conn.ptnr2_auth_asym_id 
_struct_conn.ptnr2_auth_comp_id 
_struct_conn.ptnr2_auth_seq_id 
_struct_conn.ptnr2_symmetry 
_struct_conn.pdbx_ptnr3_label_atom_id 
_struct_conn.pdbx_ptnr3_label_seq_id 
_struct_conn.pdbx_ptnr3_label_comp_id 
_struct_conn.pdbx_ptnr3_label_asym_id 
_struct_conn.pdbx_ptnr3_label_alt_id 
_struct_conn.pdbx_ptnr3_PDB_ins_code 
_struct_conn.details 
_struct_conn.pdbx_dist_value 
_struct_conn.pdbx_value_order 
_struct_conn.pdbx_role 
disulf1 disulf ? ? A CYS 22 SG ? ? ? 1_555 A CYS 91 SG ? ? A CYS 23 A CYS 88 1_555 ? ? ? ? ? ? ? 2.049 ? ? 
disulf2 disulf ? ? B CYS 22 SG ? ? ? 1_555 B CYS 91 SG ? ? B CYS 23 B CYS 88 1_555 ? ? ? ? ? ? ? 2.038 ? ? 
# 
_struct_conn_type.id          disulf 
_struct_conn_type.criteria    ? 
_struct_conn_type.reference   ? 
# 
loop_
_pdbx_modification_feature.ordinal 
_pdbx_modification_feature.label_comp_id 
_pdbx_modification_feature.label_asym_id 
_pdbx_modification_feature.label_seq_id 
_pdbx_modification_feature.label_alt_id 
_pdbx_modification_feature.modified_residue_label_comp_id 
_pdbx_modification_feature.modified_residue_label_asym_id 
_pdbx_modification_feature.modified_residue_label_seq_id 
_pdbx_modification_feature.modified_residue_label_alt_id 
_pdbx_modification_feature.auth_comp_id 
_pdbx_modification_feature.auth_asym_id 
_pdbx_modification_feature.auth_seq_id 
_pdbx_modification_feature.PDB_ins_code 
_pdbx_modification_feature.symmetry 
_pdbx_modification_feature.modified_residue_auth_comp_id 
_pdbx_modification_feature.modified_residue_auth_asym_id 
_pdbx_modification_feature.modified_residue_auth_seq_id 
_pdbx_modification_feature.modified_residue_PDB_ins_code 
_pdbx_modification_feature.modified_residue_symmetry 
_pdbx_modification_feature.comp_id_linking_atom 
_pdbx_modification_feature.modified_residue_id_linking_atom 
_pdbx_modification_feature.modified_residue_id 
_pdbx_modification_feature.ref_pcm_id 
_pdbx_modification_feature.ref_comp_id 
_pdbx_modification_feature.type 
_pdbx_modification_feature.category 
1 CYS A 22 ? CYS A 91 ? CYS A 23 ? 1_555 CYS A 88 ? 1_555 SG SG . . . None 'Disulfide bridge' 
2 CYS B 22 ? CYS B 91 ? CYS B 23 ? 1_555 CYS B 88 ? 1_555 SG SG . . . None 'Disulfide bridge' 
# 
loop_
_struct_sheet.id 
_struct_sheet.type 
_struct_sheet.number_strands 
_struct_sheet.details 
A ? 4 ? 
B ? 5 ? 
C ? 4 ? 
D ? 4 ? 
E ? 4 ? 
F ? 5 ? 
# 
loop_
_struct_sheet_order.sheet_id 
_struct_sheet_order.range_id_1 
_struct_sheet_order.range_id_2 
_struct_sheet_order.offset 
_struct_sheet_order.sense 
A 1 2 ? anti-parallel 
A 2 3 ? anti-parallel 
A 3 4 ? anti-parallel 
B 1 2 ? parallel      
B 2 3 ? anti-parallel 
B 3 4 ? anti-parallel 
B 4 5 ? anti-parallel 
C 1 2 ? parallel      
C 2 3 ? anti-parallel 
C 3 4 ? anti-parallel 
D 1 2 ? anti-parallel 
D 2 3 ? anti-parallel 
D 3 4 ? anti-parallel 
E 1 2 ? anti-parallel 
E 2 3 ? anti-parallel 
E 3 4 ? anti-parallel 
F 1 2 ? anti-parallel 
F 2 3 ? anti-parallel 
F 3 4 ? anti-parallel 
F 4 5 ? parallel      
# 
loop_
_struct_sheet_range.sheet_id 
_struct_sheet_range.id 
_struct_sheet_range.beg_label_comp_id 
_struct_sheet_range.beg_label_asym_id 
_struct_sheet_range.beg_label_seq_id 
_struct_sheet_range.pdbx_beg_PDB_ins_code 
_struct_sheet_range.end_label_comp_id 
_struct_sheet_range.end_label_asym_id 
_struct_sheet_range.end_label_seq_id 
_struct_sheet_range.pdbx_end_PDB_ins_code 
_struct_sheet_range.beg_auth_comp_id 
_struct_sheet_range.beg_auth_asym_id 
_struct_sheet_range.beg_auth_seq_id 
_struct_sheet_range.end_auth_comp_id 
_struct_sheet_range.end_auth_asym_id 
_struct_sheet_range.end_auth_seq_id 
A 1 LEU A 4   ? THR A 5   ? LEU A 4   THR A 5   
A 2 VAL A 18  ? ARG A 24  ? VAL A 19  ARG A 25  
A 3 SER A 73  ? ILE A 78  ? SER A 70  ILE A 75  
A 4 PHE A 63  ? ASP A 68  A PHE A 62  ASP A 66  
B 1 SER A 9   ? GLU A 12  ? SER A 9   GLU A 13  
B 2 THR A 105 ? VAL A 109 ? THR A 102 VAL A 106 
B 3 ALA A 87  ? ASP A 95  ? ALA A 84  ASP A 92  
B 4 HIS A 35  ? GLN A 39  ? HIS A 34  GLN A 38  
B 5 THR A 46  ? ILE A 49  ? THR A 45  ILE A 48  
C 1 SER A 9   ? GLU A 12  ? SER A 9   GLU A 13  
C 2 THR A 105 ? VAL A 109 ? THR A 102 VAL A 106 
C 3 ALA A 87  ? ASP A 95  ? ALA A 84  ASP A 92  
C 4 ASN A 98  ? PHE A 101 ? ASN A 95  PHE A 98  
D 1 LEU B 4   ? THR B 5   ? LEU B 4   THR B 5   
D 2 VAL B 18  ? ARG B 24  ? VAL B 19  ARG B 25  
D 3 SER B 73  ? ILE B 78  ? SER B 70  ILE B 75  
D 4 PHE B 63  ? ASP B 68  A PHE B 62  ASP B 66  
E 1 THR B 46  ? ILE B 49  ? THR B 45  ILE B 48  
E 2 VAL B 34  ? GLN B 39  ? VAL B 33  GLN B 38  
E 3 ALA B 87  ? ASP B 95  ? ALA B 84  ASP B 92  
E 4 ASN B 98  ? PHE B 101 ? ASN B 95  PHE B 98  
F 1 THR B 46  ? ILE B 49  ? THR B 45  ILE B 48  
F 2 VAL B 34  ? GLN B 39  ? VAL B 33  GLN B 38  
F 3 ALA B 87  ? ASP B 95  ? ALA B 84  ASP B 92  
F 4 THR B 105 ? VAL B 109 ? THR B 102 VAL B 106 
F 5 SER B 9   ? GLU B 12  ? SER B 9   GLU B 13  
# 
loop_
_pdbx_struct_sheet_hbond.sheet_id 
_pdbx_struct_sheet_hbond.range_id_1 
_pdbx_struct_sheet_hbond.range_id_2 
_pdbx_struct_sheet_hbond.range_1_label_atom_id 
_pdbx_struct_sheet_hbond.range_1_label_comp_id 
_pdbx_struct_sheet_hbond.range_1_label_asym_id 
_pdbx_struct_sheet_hbond.range_1_label_seq_id 
_pdbx_struct_sheet_hbond.range_1_PDB_ins_code 
_pdbx_struct_sheet_hbond.range_1_auth_atom_id 
_pdbx_struct_sheet_hbond.range_1_auth_comp_id 
_pdbx_struct_sheet_hbond.range_1_auth_asym_id 
_pdbx_struct_sheet_hbond.range_1_auth_seq_id 
_pdbx_struct_sheet_hbond.range_2_label_atom_id 
_pdbx_struct_sheet_hbond.range_2_label_comp_id 
_pdbx_struct_sheet_hbond.range_2_label_asym_id 
_pdbx_struct_sheet_hbond.range_2_label_seq_id 
_pdbx_struct_sheet_hbond.range_2_PDB_ins_code 
_pdbx_struct_sheet_hbond.range_2_auth_atom_id 
_pdbx_struct_sheet_hbond.range_2_auth_comp_id 
_pdbx_struct_sheet_hbond.range_2_auth_asym_id 
_pdbx_struct_sheet_hbond.range_2_auth_seq_id 
A 1 2 N THR A 5   ? N THR A 5   O THR A 23  ? O THR A 24  
A 2 3 N CYS A 22  ? N CYS A 23  O ALA A 74  ? O ALA A 71  
A 3 4 N THR A 77  ? N THR A 74  O SER A 64  ? O SER A 63  
B 1 2 N VAL A 10  ? N VAL A 11  O LYS A 106 ? O LYS A 103 
B 2 3 N LEU A 107 ? N LEU A 104 O ALA A 87  ? O ALA A 84  
B 3 4 N GLN A 92  ? N GLN A 89  O HIS A 35  ? O HIS A 34  
B 4 5 N GLN A 38  ? N GLN A 37  O THR A 46  ? O THR A 45  
C 1 2 N VAL A 10  ? N VAL A 11  O LYS A 106 ? O LYS A 103 
C 2 3 N LEU A 107 ? N LEU A 104 O ALA A 87  ? O ALA A 84  
C 3 4 N ASP A 95  ? N ASP A 92  O ASN A 98  ? O ASN A 95  
D 1 2 O THR B 5   ? O THR B 5   N THR B 23  ? N THR B 24  
D 2 3 N CYS B 22  ? N CYS B 23  O ALA B 74  ? O ALA B 71  
D 3 4 N THR B 77  ? N THR B 74  O SER B 64  ? O SER B 63  
E 1 2 N VAL B 48  ? N VAL B 47  O TRP B 36  ? O TRP B 35  
E 2 3 N GLN B 39  ? N GLN B 38  O ASP B 88  ? O ASP B 85  
E 3 4 N ASP B 95  ? N ASP B 92  O ASN B 98  ? O ASN B 95  
F 1 2 N VAL B 48  ? N VAL B 47  O TRP B 36  ? O TRP B 35  
F 2 3 N GLN B 39  ? N GLN B 38  O ASP B 88  ? O ASP B 85  
F 3 4 N TYR B 89  ? N TYR B 86  O THR B 105 ? O THR B 102 
F 4 5 O LYS B 106 ? O LYS B 103 N VAL B 10  ? N VAL B 11  
# 
_pdbx_entry_details.entry_id                   2CD0 
_pdbx_entry_details.compound_details           ? 
_pdbx_entry_details.source_details             ? 
_pdbx_entry_details.nonpolymer_details         ? 
_pdbx_entry_details.sequence_details           ? 
_pdbx_entry_details.has_ligand_of_interest     ? 
_pdbx_entry_details.has_protein_modification   Y 
# 
_pdbx_validate_close_contact.id               1 
_pdbx_validate_close_contact.PDB_model_num    1 
_pdbx_validate_close_contact.auth_atom_id_1   OE2 
_pdbx_validate_close_contact.auth_asym_id_1   B 
_pdbx_validate_close_contact.auth_comp_id_1   GLU 
_pdbx_validate_close_contact.auth_seq_id_1    81 
_pdbx_validate_close_contact.PDB_ins_code_1   ? 
_pdbx_validate_close_contact.label_alt_id_1   ? 
_pdbx_validate_close_contact.auth_atom_id_2   O 
_pdbx_validate_close_contact.auth_asym_id_2   B 
_pdbx_validate_close_contact.auth_comp_id_2   HOH 
_pdbx_validate_close_contact.auth_seq_id_2    612 
_pdbx_validate_close_contact.PDB_ins_code_2   ? 
_pdbx_validate_close_contact.label_alt_id_2   ? 
_pdbx_validate_close_contact.dist             2.08 
# 
_pdbx_validate_symm_contact.id                1 
_pdbx_validate_symm_contact.PDB_model_num     1 
_pdbx_validate_symm_contact.auth_atom_id_1    O 
_pdbx_validate_symm_contact.auth_asym_id_1    B 
_pdbx_validate_symm_contact.auth_comp_id_1    HOH 
_pdbx_validate_symm_contact.auth_seq_id_1     526 
_pdbx_validate_symm_contact.PDB_ins_code_1    ? 
_pdbx_validate_symm_contact.label_alt_id_1    ? 
_pdbx_validate_symm_contact.site_symmetry_1   1_555 
_pdbx_validate_symm_contact.auth_atom_id_2    O 
_pdbx_validate_symm_contact.auth_asym_id_2    B 
_pdbx_validate_symm_contact.auth_comp_id_2    HOH 
_pdbx_validate_symm_contact.auth_seq_id_2     526 
_pdbx_validate_symm_contact.PDB_ins_code_2    ? 
_pdbx_validate_symm_contact.label_alt_id_2    ? 
_pdbx_validate_symm_contact.site_symmetry_2   4_556 
_pdbx_validate_symm_contact.dist              1.94 
# 
loop_
_pdbx_validate_torsion.id 
_pdbx_validate_torsion.PDB_model_num 
_pdbx_validate_torsion.auth_comp_id 
_pdbx_validate_torsion.auth_asym_id 
_pdbx_validate_torsion.auth_seq_id 
_pdbx_validate_torsion.PDB_ins_code 
_pdbx_validate_torsion.label_alt_id 
_pdbx_validate_torsion.phi 
_pdbx_validate_torsion.psi 
1  1 ARG A 39  ? ? -58.19  170.27  
2  1 PRO A 40  ? ? -41.20  -76.68  
3  1 ASP A 51  ? ? 71.92   -53.10  
4  1 ASP A 52  ? ? -147.38 18.07   
5  1 ASP A 60  ? ? -67.41  1.67    
6  1 ALA A 84  ? ? 178.92  -179.34 
7  1 HIS A 93  ? ? -31.89  -70.84  
8  1 ASP B 51  ? ? 77.20   -22.00  
9  1 ASP B 52  ? ? -166.21 38.68   
10 1 ASN B 95  ? ? -173.95 141.15  
11 1 LEU B 107 ? ? -86.45  44.17   
# 
loop_
_chem_comp_atom.comp_id 
_chem_comp_atom.atom_id 
_chem_comp_atom.type_symbol 
_chem_comp_atom.pdbx_aromatic_flag 
_chem_comp_atom.pdbx_stereo_config 
_chem_comp_atom.pdbx_ordinal 
ALA N    N N N 1   
ALA CA   C N S 2   
ALA C    C N N 3   
ALA O    O N N 4   
ALA CB   C N N 5   
ALA OXT  O N N 6   
ALA H    H N N 7   
ALA H2   H N N 8   
ALA HA   H N N 9   
ALA HB1  H N N 10  
ALA HB2  H N N 11  
ALA HB3  H N N 12  
ALA HXT  H N N 13  
ARG N    N N N 14  
ARG CA   C N S 15  
ARG C    C N N 16  
ARG O    O N N 17  
ARG CB   C N N 18  
ARG CG   C N N 19  
ARG CD   C N N 20  
ARG NE   N N N 21  
ARG CZ   C N N 22  
ARG NH1  N N N 23  
ARG NH2  N N N 24  
ARG OXT  O N N 25  
ARG H    H N N 26  
ARG H2   H N N 27  
ARG HA   H N N 28  
ARG HB2  H N N 29  
ARG HB3  H N N 30  
ARG HG2  H N N 31  
ARG HG3  H N N 32  
ARG HD2  H N N 33  
ARG HD3  H N N 34  
ARG HE   H N N 35  
ARG HH11 H N N 36  
ARG HH12 H N N 37  
ARG HH21 H N N 38  
ARG HH22 H N N 39  
ARG HXT  H N N 40  
ASN N    N N N 41  
ASN CA   C N S 42  
ASN C    C N N 43  
ASN O    O N N 44  
ASN CB   C N N 45  
ASN CG   C N N 46  
ASN OD1  O N N 47  
ASN ND2  N N N 48  
ASN OXT  O N N 49  
ASN H    H N N 50  
ASN H2   H N N 51  
ASN HA   H N N 52  
ASN HB2  H N N 53  
ASN HB3  H N N 54  
ASN HD21 H N N 55  
ASN HD22 H N N 56  
ASN HXT  H N N 57  
ASP N    N N N 58  
ASP CA   C N S 59  
ASP C    C N N 60  
ASP O    O N N 61  
ASP CB   C N N 62  
ASP CG   C N N 63  
ASP OD1  O N N 64  
ASP OD2  O N N 65  
ASP OXT  O N N 66  
ASP H    H N N 67  
ASP H2   H N N 68  
ASP HA   H N N 69  
ASP HB2  H N N 70  
ASP HB3  H N N 71  
ASP HD2  H N N 72  
ASP HXT  H N N 73  
CYS N    N N N 74  
CYS CA   C N R 75  
CYS C    C N N 76  
CYS O    O N N 77  
CYS CB   C N N 78  
CYS SG   S N N 79  
CYS OXT  O N N 80  
CYS H    H N N 81  
CYS H2   H N N 82  
CYS HA   H N N 83  
CYS HB2  H N N 84  
CYS HB3  H N N 85  
CYS HG   H N N 86  
CYS HXT  H N N 87  
GLN N    N N N 88  
GLN CA   C N S 89  
GLN C    C N N 90  
GLN O    O N N 91  
GLN CB   C N N 92  
GLN CG   C N N 93  
GLN CD   C N N 94  
GLN OE1  O N N 95  
GLN NE2  N N N 96  
GLN OXT  O N N 97  
GLN H    H N N 98  
GLN H2   H N N 99  
GLN HA   H N N 100 
GLN HB2  H N N 101 
GLN HB3  H N N 102 
GLN HG2  H N N 103 
GLN HG3  H N N 104 
GLN HE21 H N N 105 
GLN HE22 H N N 106 
GLN HXT  H N N 107 
GLU N    N N N 108 
GLU CA   C N S 109 
GLU C    C N N 110 
GLU O    O N N 111 
GLU CB   C N N 112 
GLU CG   C N N 113 
GLU CD   C N N 114 
GLU OE1  O N N 115 
GLU OE2  O N N 116 
GLU OXT  O N N 117 
GLU H    H N N 118 
GLU H2   H N N 119 
GLU HA   H N N 120 
GLU HB2  H N N 121 
GLU HB3  H N N 122 
GLU HG2  H N N 123 
GLU HG3  H N N 124 
GLU HE2  H N N 125 
GLU HXT  H N N 126 
GLY N    N N N 127 
GLY CA   C N N 128 
GLY C    C N N 129 
GLY O    O N N 130 
GLY OXT  O N N 131 
GLY H    H N N 132 
GLY H2   H N N 133 
GLY HA2  H N N 134 
GLY HA3  H N N 135 
GLY HXT  H N N 136 
HIS N    N N N 137 
HIS CA   C N S 138 
HIS C    C N N 139 
HIS O    O N N 140 
HIS CB   C N N 141 
HIS CG   C Y N 142 
HIS ND1  N Y N 143 
HIS CD2  C Y N 144 
HIS CE1  C Y N 145 
HIS NE2  N Y N 146 
HIS OXT  O N N 147 
HIS H    H N N 148 
HIS H2   H N N 149 
HIS HA   H N N 150 
HIS HB2  H N N 151 
HIS HB3  H N N 152 
HIS HD1  H N N 153 
HIS HD2  H N N 154 
HIS HE1  H N N 155 
HIS HE2  H N N 156 
HIS HXT  H N N 157 
HOH O    O N N 158 
HOH H1   H N N 159 
HOH H2   H N N 160 
ILE N    N N N 161 
ILE CA   C N S 162 
ILE C    C N N 163 
ILE O    O N N 164 
ILE CB   C N S 165 
ILE CG1  C N N 166 
ILE CG2  C N N 167 
ILE CD1  C N N 168 
ILE OXT  O N N 169 
ILE H    H N N 170 
ILE H2   H N N 171 
ILE HA   H N N 172 
ILE HB   H N N 173 
ILE HG12 H N N 174 
ILE HG13 H N N 175 
ILE HG21 H N N 176 
ILE HG22 H N N 177 
ILE HG23 H N N 178 
ILE HD11 H N N 179 
ILE HD12 H N N 180 
ILE HD13 H N N 181 
ILE HXT  H N N 182 
LEU N    N N N 183 
LEU CA   C N S 184 
LEU C    C N N 185 
LEU O    O N N 186 
LEU CB   C N N 187 
LEU CG   C N N 188 
LEU CD1  C N N 189 
LEU CD2  C N N 190 
LEU OXT  O N N 191 
LEU H    H N N 192 
LEU H2   H N N 193 
LEU HA   H N N 194 
LEU HB2  H N N 195 
LEU HB3  H N N 196 
LEU HG   H N N 197 
LEU HD11 H N N 198 
LEU HD12 H N N 199 
LEU HD13 H N N 200 
LEU HD21 H N N 201 
LEU HD22 H N N 202 
LEU HD23 H N N 203 
LEU HXT  H N N 204 
LYS N    N N N 205 
LYS CA   C N S 206 
LYS C    C N N 207 
LYS O    O N N 208 
LYS CB   C N N 209 
LYS CG   C N N 210 
LYS CD   C N N 211 
LYS CE   C N N 212 
LYS NZ   N N N 213 
LYS OXT  O N N 214 
LYS H    H N N 215 
LYS H2   H N N 216 
LYS HA   H N N 217 
LYS HB2  H N N 218 
LYS HB3  H N N 219 
LYS HG2  H N N 220 
LYS HG3  H N N 221 
LYS HD2  H N N 222 
LYS HD3  H N N 223 
LYS HE2  H N N 224 
LYS HE3  H N N 225 
LYS HZ1  H N N 226 
LYS HZ2  H N N 227 
LYS HZ3  H N N 228 
LYS HXT  H N N 229 
MET N    N N N 230 
MET CA   C N S 231 
MET C    C N N 232 
MET O    O N N 233 
MET CB   C N N 234 
MET CG   C N N 235 
MET SD   S N N 236 
MET CE   C N N 237 
MET OXT  O N N 238 
MET H    H N N 239 
MET H2   H N N 240 
MET HA   H N N 241 
MET HB2  H N N 242 
MET HB3  H N N 243 
MET HG2  H N N 244 
MET HG3  H N N 245 
MET HE1  H N N 246 
MET HE2  H N N 247 
MET HE3  H N N 248 
MET HXT  H N N 249 
PHE N    N N N 250 
PHE CA   C N S 251 
PHE C    C N N 252 
PHE O    O N N 253 
PHE CB   C N N 254 
PHE CG   C Y N 255 
PHE CD1  C Y N 256 
PHE CD2  C Y N 257 
PHE CE1  C Y N 258 
PHE CE2  C Y N 259 
PHE CZ   C Y N 260 
PHE OXT  O N N 261 
PHE H    H N N 262 
PHE H2   H N N 263 
PHE HA   H N N 264 
PHE HB2  H N N 265 
PHE HB3  H N N 266 
PHE HD1  H N N 267 
PHE HD2  H N N 268 
PHE HE1  H N N 269 
PHE HE2  H N N 270 
PHE HZ   H N N 271 
PHE HXT  H N N 272 
PRO N    N N N 273 
PRO CA   C N S 274 
PRO C    C N N 275 
PRO O    O N N 276 
PRO CB   C N N 277 
PRO CG   C N N 278 
PRO CD   C N N 279 
PRO OXT  O N N 280 
PRO H    H N N 281 
PRO HA   H N N 282 
PRO HB2  H N N 283 
PRO HB3  H N N 284 
PRO HG2  H N N 285 
PRO HG3  H N N 286 
PRO HD2  H N N 287 
PRO HD3  H N N 288 
PRO HXT  H N N 289 
SER N    N N N 290 
SER CA   C N S 291 
SER C    C N N 292 
SER O    O N N 293 
SER CB   C N N 294 
SER OG   O N N 295 
SER OXT  O N N 296 
SER H    H N N 297 
SER H2   H N N 298 
SER HA   H N N 299 
SER HB2  H N N 300 
SER HB3  H N N 301 
SER HG   H N N 302 
SER HXT  H N N 303 
THR N    N N N 304 
THR CA   C N S 305 
THR C    C N N 306 
THR O    O N N 307 
THR CB   C N R 308 
THR OG1  O N N 309 
THR CG2  C N N 310 
THR OXT  O N N 311 
THR H    H N N 312 
THR H2   H N N 313 
THR HA   H N N 314 
THR HB   H N N 315 
THR HG1  H N N 316 
THR HG21 H N N 317 
THR HG22 H N N 318 
THR HG23 H N N 319 
THR HXT  H N N 320 
TRP N    N N N 321 
TRP CA   C N S 322 
TRP C    C N N 323 
TRP O    O N N 324 
TRP CB   C N N 325 
TRP CG   C Y N 326 
TRP CD1  C Y N 327 
TRP CD2  C Y N 328 
TRP NE1  N Y N 329 
TRP CE2  C Y N 330 
TRP CE3  C Y N 331 
TRP CZ2  C Y N 332 
TRP CZ3  C Y N 333 
TRP CH2  C Y N 334 
TRP OXT  O N N 335 
TRP H    H N N 336 
TRP H2   H N N 337 
TRP HA   H N N 338 
TRP HB2  H N N 339 
TRP HB3  H N N 340 
TRP HD1  H N N 341 
TRP HE1  H N N 342 
TRP HE3  H N N 343 
TRP HZ2  H N N 344 
TRP HZ3  H N N 345 
TRP HH2  H N N 346 
TRP HXT  H N N 347 
TYR N    N N N 348 
TYR CA   C N S 349 
TYR C    C N N 350 
TYR O    O N N 351 
TYR CB   C N N 352 
TYR CG   C Y N 353 
TYR CD1  C Y N 354 
TYR CD2  C Y N 355 
TYR CE1  C Y N 356 
TYR CE2  C Y N 357 
TYR CZ   C Y N 358 
TYR OH   O N N 359 
TYR OXT  O N N 360 
TYR H    H N N 361 
TYR H2   H N N 362 
TYR HA   H N N 363 
TYR HB2  H N N 364 
TYR HB3  H N N 365 
TYR HD1  H N N 366 
TYR HD2  H N N 367 
TYR HE1  H N N 368 
TYR HE2  H N N 369 
TYR HH   H N N 370 
TYR HXT  H N N 371 
VAL N    N N N 372 
VAL CA   C N S 373 
VAL C    C N N 374 
VAL O    O N N 375 
VAL CB   C N N 376 
VAL CG1  C N N 377 
VAL CG2  C N N 378 
VAL OXT  O N N 379 
VAL H    H N N 380 
VAL H2   H N N 381 
VAL HA   H N N 382 
VAL HB   H N N 383 
VAL HG11 H N N 384 
VAL HG12 H N N 385 
VAL HG13 H N N 386 
VAL HG21 H N N 387 
VAL HG22 H N N 388 
VAL HG23 H N N 389 
VAL HXT  H N N 390 
# 
loop_
_chem_comp_bond.comp_id 
_chem_comp_bond.atom_id_1 
_chem_comp_bond.atom_id_2 
_chem_comp_bond.value_order 
_chem_comp_bond.pdbx_aromatic_flag 
_chem_comp_bond.pdbx_stereo_config 
_chem_comp_bond.pdbx_ordinal 
ALA N   CA   sing N N 1   
ALA N   H    sing N N 2   
ALA N   H2   sing N N 3   
ALA CA  C    sing N N 4   
ALA CA  CB   sing N N 5   
ALA CA  HA   sing N N 6   
ALA C   O    doub N N 7   
ALA C   OXT  sing N N 8   
ALA CB  HB1  sing N N 9   
ALA CB  HB2  sing N N 10  
ALA CB  HB3  sing N N 11  
ALA OXT HXT  sing N N 12  
ARG N   CA   sing N N 13  
ARG N   H    sing N N 14  
ARG N   H2   sing N N 15  
ARG CA  C    sing N N 16  
ARG CA  CB   sing N N 17  
ARG CA  HA   sing N N 18  
ARG C   O    doub N N 19  
ARG C   OXT  sing N N 20  
ARG CB  CG   sing N N 21  
ARG CB  HB2  sing N N 22  
ARG CB  HB3  sing N N 23  
ARG CG  CD   sing N N 24  
ARG CG  HG2  sing N N 25  
ARG CG  HG3  sing N N 26  
ARG CD  NE   sing N N 27  
ARG CD  HD2  sing N N 28  
ARG CD  HD3  sing N N 29  
ARG NE  CZ   sing N N 30  
ARG NE  HE   sing N N 31  
ARG CZ  NH1  sing N N 32  
ARG CZ  NH2  doub N N 33  
ARG NH1 HH11 sing N N 34  
ARG NH1 HH12 sing N N 35  
ARG NH2 HH21 sing N N 36  
ARG NH2 HH22 sing N N 37  
ARG OXT HXT  sing N N 38  
ASN N   CA   sing N N 39  
ASN N   H    sing N N 40  
ASN N   H2   sing N N 41  
ASN CA  C    sing N N 42  
ASN CA  CB   sing N N 43  
ASN CA  HA   sing N N 44  
ASN C   O    doub N N 45  
ASN C   OXT  sing N N 46  
ASN CB  CG   sing N N 47  
ASN CB  HB2  sing N N 48  
ASN CB  HB3  sing N N 49  
ASN CG  OD1  doub N N 50  
ASN CG  ND2  sing N N 51  
ASN ND2 HD21 sing N N 52  
ASN ND2 HD22 sing N N 53  
ASN OXT HXT  sing N N 54  
ASP N   CA   sing N N 55  
ASP N   H    sing N N 56  
ASP N   H2   sing N N 57  
ASP CA  C    sing N N 58  
ASP CA  CB   sing N N 59  
ASP CA  HA   sing N N 60  
ASP C   O    doub N N 61  
ASP C   OXT  sing N N 62  
ASP CB  CG   sing N N 63  
ASP CB  HB2  sing N N 64  
ASP CB  HB3  sing N N 65  
ASP CG  OD1  doub N N 66  
ASP CG  OD2  sing N N 67  
ASP OD2 HD2  sing N N 68  
ASP OXT HXT  sing N N 69  
CYS N   CA   sing N N 70  
CYS N   H    sing N N 71  
CYS N   H2   sing N N 72  
CYS CA  C    sing N N 73  
CYS CA  CB   sing N N 74  
CYS CA  HA   sing N N 75  
CYS C   O    doub N N 76  
CYS C   OXT  sing N N 77  
CYS CB  SG   sing N N 78  
CYS CB  HB2  sing N N 79  
CYS CB  HB3  sing N N 80  
CYS SG  HG   sing N N 81  
CYS OXT HXT  sing N N 82  
GLN N   CA   sing N N 83  
GLN N   H    sing N N 84  
GLN N   H2   sing N N 85  
GLN CA  C    sing N N 86  
GLN CA  CB   sing N N 87  
GLN CA  HA   sing N N 88  
GLN C   O    doub N N 89  
GLN C   OXT  sing N N 90  
GLN CB  CG   sing N N 91  
GLN CB  HB2  sing N N 92  
GLN CB  HB3  sing N N 93  
GLN CG  CD   sing N N 94  
GLN CG  HG2  sing N N 95  
GLN CG  HG3  sing N N 96  
GLN CD  OE1  doub N N 97  
GLN CD  NE2  sing N N 98  
GLN NE2 HE21 sing N N 99  
GLN NE2 HE22 sing N N 100 
GLN OXT HXT  sing N N 101 
GLU N   CA   sing N N 102 
GLU N   H    sing N N 103 
GLU N   H2   sing N N 104 
GLU CA  C    sing N N 105 
GLU CA  CB   sing N N 106 
GLU CA  HA   sing N N 107 
GLU C   O    doub N N 108 
GLU C   OXT  sing N N 109 
GLU CB  CG   sing N N 110 
GLU CB  HB2  sing N N 111 
GLU CB  HB3  sing N N 112 
GLU CG  CD   sing N N 113 
GLU CG  HG2  sing N N 114 
GLU CG  HG3  sing N N 115 
GLU CD  OE1  doub N N 116 
GLU CD  OE2  sing N N 117 
GLU OE2 HE2  sing N N 118 
GLU OXT HXT  sing N N 119 
GLY N   CA   sing N N 120 
GLY N   H    sing N N 121 
GLY N   H2   sing N N 122 
GLY CA  C    sing N N 123 
GLY CA  HA2  sing N N 124 
GLY CA  HA3  sing N N 125 
GLY C   O    doub N N 126 
GLY C   OXT  sing N N 127 
GLY OXT HXT  sing N N 128 
HIS N   CA   sing N N 129 
HIS N   H    sing N N 130 
HIS N   H2   sing N N 131 
HIS CA  C    sing N N 132 
HIS CA  CB   sing N N 133 
HIS CA  HA   sing N N 134 
HIS C   O    doub N N 135 
HIS C   OXT  sing N N 136 
HIS CB  CG   sing N N 137 
HIS CB  HB2  sing N N 138 
HIS CB  HB3  sing N N 139 
HIS CG  ND1  sing Y N 140 
HIS CG  CD2  doub Y N 141 
HIS ND1 CE1  doub Y N 142 
HIS ND1 HD1  sing N N 143 
HIS CD2 NE2  sing Y N 144 
HIS CD2 HD2  sing N N 145 
HIS CE1 NE2  sing Y N 146 
HIS CE1 HE1  sing N N 147 
HIS NE2 HE2  sing N N 148 
HIS OXT HXT  sing N N 149 
HOH O   H1   sing N N 150 
HOH O   H2   sing N N 151 
ILE N   CA   sing N N 152 
ILE N   H    sing N N 153 
ILE N   H2   sing N N 154 
ILE CA  C    sing N N 155 
ILE CA  CB   sing N N 156 
ILE CA  HA   sing N N 157 
ILE C   O    doub N N 158 
ILE C   OXT  sing N N 159 
ILE CB  CG1  sing N N 160 
ILE CB  CG2  sing N N 161 
ILE CB  HB   sing N N 162 
ILE CG1 CD1  sing N N 163 
ILE CG1 HG12 sing N N 164 
ILE CG1 HG13 sing N N 165 
ILE CG2 HG21 sing N N 166 
ILE CG2 HG22 sing N N 167 
ILE CG2 HG23 sing N N 168 
ILE CD1 HD11 sing N N 169 
ILE CD1 HD12 sing N N 170 
ILE CD1 HD13 sing N N 171 
ILE OXT HXT  sing N N 172 
LEU N   CA   sing N N 173 
LEU N   H    sing N N 174 
LEU N   H2   sing N N 175 
LEU CA  C    sing N N 176 
LEU CA  CB   sing N N 177 
LEU CA  HA   sing N N 178 
LEU C   O    doub N N 179 
LEU C   OXT  sing N N 180 
LEU CB  CG   sing N N 181 
LEU CB  HB2  sing N N 182 
LEU CB  HB3  sing N N 183 
LEU CG  CD1  sing N N 184 
LEU CG  CD2  sing N N 185 
LEU CG  HG   sing N N 186 
LEU CD1 HD11 sing N N 187 
LEU CD1 HD12 sing N N 188 
LEU CD1 HD13 sing N N 189 
LEU CD2 HD21 sing N N 190 
LEU CD2 HD22 sing N N 191 
LEU CD2 HD23 sing N N 192 
LEU OXT HXT  sing N N 193 
LYS N   CA   sing N N 194 
LYS N   H    sing N N 195 
LYS N   H2   sing N N 196 
LYS CA  C    sing N N 197 
LYS CA  CB   sing N N 198 
LYS CA  HA   sing N N 199 
LYS C   O    doub N N 200 
LYS C   OXT  sing N N 201 
LYS CB  CG   sing N N 202 
LYS CB  HB2  sing N N 203 
LYS CB  HB3  sing N N 204 
LYS CG  CD   sing N N 205 
LYS CG  HG2  sing N N 206 
LYS CG  HG3  sing N N 207 
LYS CD  CE   sing N N 208 
LYS CD  HD2  sing N N 209 
LYS CD  HD3  sing N N 210 
LYS CE  NZ   sing N N 211 
LYS CE  HE2  sing N N 212 
LYS CE  HE3  sing N N 213 
LYS NZ  HZ1  sing N N 214 
LYS NZ  HZ2  sing N N 215 
LYS NZ  HZ3  sing N N 216 
LYS OXT HXT  sing N N 217 
MET N   CA   sing N N 218 
MET N   H    sing N N 219 
MET N   H2   sing N N 220 
MET CA  C    sing N N 221 
MET CA  CB   sing N N 222 
MET CA  HA   sing N N 223 
MET C   O    doub N N 224 
MET C   OXT  sing N N 225 
MET CB  CG   sing N N 226 
MET CB  HB2  sing N N 227 
MET CB  HB3  sing N N 228 
MET CG  SD   sing N N 229 
MET CG  HG2  sing N N 230 
MET CG  HG3  sing N N 231 
MET SD  CE   sing N N 232 
MET CE  HE1  sing N N 233 
MET CE  HE2  sing N N 234 
MET CE  HE3  sing N N 235 
MET OXT HXT  sing N N 236 
PHE N   CA   sing N N 237 
PHE N   H    sing N N 238 
PHE N   H2   sing N N 239 
PHE CA  C    sing N N 240 
PHE CA  CB   sing N N 241 
PHE CA  HA   sing N N 242 
PHE C   O    doub N N 243 
PHE C   OXT  sing N N 244 
PHE CB  CG   sing N N 245 
PHE CB  HB2  sing N N 246 
PHE CB  HB3  sing N N 247 
PHE CG  CD1  doub Y N 248 
PHE CG  CD2  sing Y N 249 
PHE CD1 CE1  sing Y N 250 
PHE CD1 HD1  sing N N 251 
PHE CD2 CE2  doub Y N 252 
PHE CD2 HD2  sing N N 253 
PHE CE1 CZ   doub Y N 254 
PHE CE1 HE1  sing N N 255 
PHE CE2 CZ   sing Y N 256 
PHE CE2 HE2  sing N N 257 
PHE CZ  HZ   sing N N 258 
PHE OXT HXT  sing N N 259 
PRO N   CA   sing N N 260 
PRO N   CD   sing N N 261 
PRO N   H    sing N N 262 
PRO CA  C    sing N N 263 
PRO CA  CB   sing N N 264 
PRO CA  HA   sing N N 265 
PRO C   O    doub N N 266 
PRO C   OXT  sing N N 267 
PRO CB  CG   sing N N 268 
PRO CB  HB2  sing N N 269 
PRO CB  HB3  sing N N 270 
PRO CG  CD   sing N N 271 
PRO CG  HG2  sing N N 272 
PRO CG  HG3  sing N N 273 
PRO CD  HD2  sing N N 274 
PRO CD  HD3  sing N N 275 
PRO OXT HXT  sing N N 276 
SER N   CA   sing N N 277 
SER N   H    sing N N 278 
SER N   H2   sing N N 279 
SER CA  C    sing N N 280 
SER CA  CB   sing N N 281 
SER CA  HA   sing N N 282 
SER C   O    doub N N 283 
SER C   OXT  sing N N 284 
SER CB  OG   sing N N 285 
SER CB  HB2  sing N N 286 
SER CB  HB3  sing N N 287 
SER OG  HG   sing N N 288 
SER OXT HXT  sing N N 289 
THR N   CA   sing N N 290 
THR N   H    sing N N 291 
THR N   H2   sing N N 292 
THR CA  C    sing N N 293 
THR CA  CB   sing N N 294 
THR CA  HA   sing N N 295 
THR C   O    doub N N 296 
THR C   OXT  sing N N 297 
THR CB  OG1  sing N N 298 
THR CB  CG2  sing N N 299 
THR CB  HB   sing N N 300 
THR OG1 HG1  sing N N 301 
THR CG2 HG21 sing N N 302 
THR CG2 HG22 sing N N 303 
THR CG2 HG23 sing N N 304 
THR OXT HXT  sing N N 305 
TRP N   CA   sing N N 306 
TRP N   H    sing N N 307 
TRP N   H2   sing N N 308 
TRP CA  C    sing N N 309 
TRP CA  CB   sing N N 310 
TRP CA  HA   sing N N 311 
TRP C   O    doub N N 312 
TRP C   OXT  sing N N 313 
TRP CB  CG   sing N N 314 
TRP CB  HB2  sing N N 315 
TRP CB  HB3  sing N N 316 
TRP CG  CD1  doub Y N 317 
TRP CG  CD2  sing Y N 318 
TRP CD1 NE1  sing Y N 319 
TRP CD1 HD1  sing N N 320 
TRP CD2 CE2  doub Y N 321 
TRP CD2 CE3  sing Y N 322 
TRP NE1 CE2  sing Y N 323 
TRP NE1 HE1  sing N N 324 
TRP CE2 CZ2  sing Y N 325 
TRP CE3 CZ3  doub Y N 326 
TRP CE3 HE3  sing N N 327 
TRP CZ2 CH2  doub Y N 328 
TRP CZ2 HZ2  sing N N 329 
TRP CZ3 CH2  sing Y N 330 
TRP CZ3 HZ3  sing N N 331 
TRP CH2 HH2  sing N N 332 
TRP OXT HXT  sing N N 333 
TYR N   CA   sing N N 334 
TYR N   H    sing N N 335 
TYR N   H2   sing N N 336 
TYR CA  C    sing N N 337 
TYR CA  CB   sing N N 338 
TYR CA  HA   sing N N 339 
TYR C   O    doub N N 340 
TYR C   OXT  sing N N 341 
TYR CB  CG   sing N N 342 
TYR CB  HB2  sing N N 343 
TYR CB  HB3  sing N N 344 
TYR CG  CD1  doub Y N 345 
TYR CG  CD2  sing Y N 346 
TYR CD1 CE1  sing Y N 347 
TYR CD1 HD1  sing N N 348 
TYR CD2 CE2  doub Y N 349 
TYR CD2 HD2  sing N N 350 
TYR CE1 CZ   doub Y N 351 
TYR CE1 HE1  sing N N 352 
TYR CE2 CZ   sing Y N 353 
TYR CE2 HE2  sing N N 354 
TYR CZ  OH   sing N N 355 
TYR OH  HH   sing N N 356 
TYR OXT HXT  sing N N 357 
VAL N   CA   sing N N 358 
VAL N   H    sing N N 359 
VAL N   H2   sing N N 360 
VAL CA  C    sing N N 361 
VAL CA  CB   sing N N 362 
VAL CA  HA   sing N N 363 
VAL C   O    doub N N 364 
VAL C   OXT  sing N N 365 
VAL CB  CG1  sing N N 366 
VAL CB  CG2  sing N N 367 
VAL CB  HB   sing N N 368 
VAL CG1 HG11 sing N N 369 
VAL CG1 HG12 sing N N 370 
VAL CG1 HG13 sing N N 371 
VAL CG2 HG21 sing N N 372 
VAL CG2 HG22 sing N N 373 
VAL CG2 HG23 sing N N 374 
VAL OXT HXT  sing N N 375 
# 
_pdbx_initial_refinement_model.id               1 
_pdbx_initial_refinement_model.entity_id_list   ? 
_pdbx_initial_refinement_model.type             'experimental model' 
_pdbx_initial_refinement_model.source_name      PDB 
_pdbx_initial_refinement_model.accession_code   1DCL 
_pdbx_initial_refinement_model.details          'MCG (1DCL): USED ONLY VL DIMER WITH CDR LOOPS DELETED.' 
# 
_atom_sites.entry_id                    2CD0 
_atom_sites.fract_transf_matrix[1][1]   -0.00390077 
_atom_sites.fract_transf_matrix[1][2]   0.00637169 
_atom_sites.fract_transf_matrix[1][3]   0.00226668 
_atom_sites.fract_transf_matrix[2][1]   -0.00542303 
_atom_sites.fract_transf_matrix[2][2]   -0.00052566 
_atom_sites.fract_transf_matrix[2][3]   0.00559140 
_atom_sites.fract_transf_matrix[3][1]   0.01496844 
_atom_sites.fract_transf_matrix[3][2]   0.00386976 
_atom_sites.fract_transf_matrix[3][3]   0.01488151 
_atom_sites.fract_transf_vector[1]      0.216429 
_atom_sites.fract_transf_vector[2]      0.105727 
_atom_sites.fract_transf_vector[3]      0.344113 
# 
loop_
_atom_type.symbol 
C 
N 
O 
S 
# 
loop_
_atom_site.group_PDB 
_atom_site.id 
_atom_site.type_symbol 
_atom_site.label_atom_id 
_atom_site.label_alt_id 
_atom_site.label_comp_id 
_atom_site.label_asym_id 
_atom_site.label_entity_id 
_atom_site.label_seq_id 
_atom_site.pdbx_PDB_ins_code 
_atom_site.Cartn_x 
_atom_site.Cartn_y 
_atom_site.Cartn_z 
_atom_site.occupancy 
_atom_site.B_iso_or_equiv 
_atom_site.pdbx_formal_charge 
_atom_site.auth_seq_id 
_atom_site.auth_comp_id 
_atom_site.auth_asym_id 
_atom_site.auth_atom_id 
_atom_site.pdbx_PDB_model_num 
ATOM   1    N N   . ASN A 1 1   ? -17.294 -3.987  2.672   1.00 38.07 ? 1   ASN A N   1 
ATOM   2    C CA  . ASN A 1 1   ? -16.943 -5.317  3.255   1.00 37.66 ? 1   ASN A CA  1 
ATOM   3    C C   . ASN A 1 1   ? -16.733 -6.350  2.156   1.00 36.49 ? 1   ASN A C   1 
ATOM   4    O O   . ASN A 1 1   ? -17.685 -6.777  1.510   1.00 36.75 ? 1   ASN A O   1 
ATOM   5    C CB  . ASN A 1 1   ? -18.057 -5.785  4.203   1.00 38.55 ? 1   ASN A CB  1 
ATOM   6    C CG  . ASN A 1 1   ? -17.712 -7.080  4.937   1.00 40.38 ? 1   ASN A CG  1 
ATOM   7    O OD1 . ASN A 1 1   ? -18.472 -7.545  5.795   1.00 41.43 ? 1   ASN A OD1 1 
ATOM   8    N ND2 . ASN A 1 1   ? -16.568 -7.667  4.605   1.00 41.21 ? 1   ASN A ND2 1 
ATOM   9    N N   . PHE A 1 2   ? -15.476 -6.734  1.946   1.00 34.98 ? 2   PHE A N   1 
ATOM   10   C CA  . PHE A 1 2   ? -15.116 -7.734  0.947   1.00 33.08 ? 2   PHE A CA  1 
ATOM   11   C C   . PHE A 1 2   ? -13.637 -8.059  1.093   1.00 32.09 ? 2   PHE A C   1 
ATOM   12   O O   . PHE A 1 2   ? -12.921 -7.393  1.845   1.00 32.81 ? 2   PHE A O   1 
ATOM   13   C CB  . PHE A 1 2   ? -15.438 -7.232  -0.468  1.00 33.00 ? 2   PHE A CB  1 
ATOM   14   C CG  . PHE A 1 2   ? -14.633 -6.038  -0.897  1.00 32.21 ? 2   PHE A CG  1 
ATOM   15   C CD1 . PHE A 1 2   ? -13.310 -6.181  -1.307  1.00 31.44 ? 2   PHE A CD1 1 
ATOM   16   C CD2 . PHE A 1 2   ? -15.196 -4.766  -0.883  1.00 32.06 ? 2   PHE A CD2 1 
ATOM   17   C CE1 . PHE A 1 2   ? -12.564 -5.074  -1.699  1.00 30.43 ? 2   PHE A CE1 1 
ATOM   18   C CE2 . PHE A 1 2   ? -14.451 -3.651  -1.274  1.00 32.00 ? 2   PHE A CE2 1 
ATOM   19   C CZ  . PHE A 1 2   ? -13.132 -3.812  -1.682  1.00 30.44 ? 2   PHE A CZ  1 
ATOM   20   N N   . LEU A 1 3   ? -13.182 -9.074  0.371   1.00 30.73 ? 3   LEU A N   1 
ATOM   21   C CA  . LEU A 1 3   ? -11.800 -9.517  0.451   1.00 28.65 ? 3   LEU A CA  1 
ATOM   22   C C   . LEU A 1 3   ? -11.178 -9.612  -0.954  1.00 26.92 ? 3   LEU A C   1 
ATOM   23   O O   . LEU A 1 3   ? -11.878 -9.872  -1.930  1.00 25.55 ? 3   LEU A O   1 
ATOM   24   C CB  . LEU A 1 3   ? -11.790 -10.894 1.131   1.00 29.92 ? 3   LEU A CB  1 
ATOM   25   C CG  . LEU A 1 3   ? -10.551 -11.547 1.741   1.00 31.18 ? 3   LEU A CG  1 
ATOM   26   C CD1 . LEU A 1 3   ? -10.054 -10.726 2.926   1.00 30.89 ? 3   LEU A CD1 1 
ATOM   27   C CD2 . LEU A 1 3   ? -10.916 -12.954 2.215   1.00 31.26 ? 3   LEU A CD2 1 
ATOM   28   N N   . LEU A 1 4   ? -9.872  -9.385  -1.061  1.00 24.24 ? 4   LEU A N   1 
ATOM   29   C CA  . LEU A 1 4   ? -9.195  -9.508  -2.351  1.00 23.01 ? 4   LEU A CA  1 
ATOM   30   C C   . LEU A 1 4   ? -8.187  -10.645 -2.239  1.00 23.71 ? 4   LEU A C   1 
ATOM   31   O O   . LEU A 1 4   ? -7.253  -10.582 -1.431  1.00 23.70 ? 4   LEU A O   1 
ATOM   32   C CB  . LEU A 1 4   ? -8.495  -8.194  -2.737  1.00 21.75 ? 4   LEU A CB  1 
ATOM   33   C CG  . LEU A 1 4   ? -9.456  -7.012  -2.924  1.00 19.81 ? 4   LEU A CG  1 
ATOM   34   C CD1 . LEU A 1 4   ? -8.675  -5.717  -3.141  1.00 19.79 ? 4   LEU A CD1 1 
ATOM   35   C CD2 . LEU A 1 4   ? -10.387 -7.283  -4.094  1.00 20.18 ? 4   LEU A CD2 1 
ATOM   36   N N   . THR A 1 5   ? -8.383  -11.687 -3.046  1.00 23.00 ? 5   THR A N   1 
ATOM   37   C CA  . THR A 1 5   ? -7.518  -12.863 -3.030  1.00 23.54 ? 5   THR A CA  1 
ATOM   38   C C   . THR A 1 5   ? -6.525  -12.956 -4.184  1.00 23.49 ? 5   THR A C   1 
ATOM   39   O O   . THR A 1 5   ? -6.915  -12.890 -5.348  1.00 24.15 ? 5   THR A O   1 
ATOM   40   C CB  . THR A 1 5   ? -8.360  -14.147 -3.064  1.00 23.17 ? 5   THR A CB  1 
ATOM   41   O OG1 . THR A 1 5   ? -9.272  -14.146 -1.963  1.00 22.58 ? 5   THR A OG1 1 
ATOM   42   C CG2 . THR A 1 5   ? -7.466  -15.371 -3.005  1.00 21.96 ? 5   THR A CG2 1 
ATOM   43   N N   . GLN A 1 6   ? -5.253  -13.149 -3.856  1.00 24.39 ? 6   GLN A N   1 
ATOM   44   C CA  . GLN A 1 6   ? -4.205  -13.281 -4.869  1.00 23.96 ? 6   GLN A CA  1 
ATOM   45   C C   . GLN A 1 6   ? -3.411  -14.544 -4.554  1.00 24.59 ? 6   GLN A C   1 
ATOM   46   O O   . GLN A 1 6   ? -3.416  -15.021 -3.414  1.00 24.28 ? 6   GLN A O   1 
ATOM   47   C CB  . GLN A 1 6   ? -3.227  -12.105 -4.803  1.00 23.79 ? 6   GLN A CB  1 
ATOM   48   C CG  . GLN A 1 6   ? -3.861  -10.761 -4.569  1.00 24.12 ? 6   GLN A CG  1 
ATOM   49   C CD  . GLN A 1 6   ? -2.836  -9.652  -4.402  1.00 23.81 ? 6   GLN A CD  1 
ATOM   50   O OE1 . GLN A 1 6   ? -3.135  -8.619  -3.807  1.00 23.64 ? 6   GLN A OE1 1 
ATOM   51   N NE2 . GLN A 1 6   ? -1.632  -9.851  -4.942  1.00 21.89 ? 6   GLN A NE2 1 
ATOM   52   N N   . PRO A 1 7   ? -2.734  -15.117 -5.558  1.00 24.65 ? 7   PRO A N   1 
ATOM   53   C CA  . PRO A 1 7   ? -1.942  -16.320 -5.291  1.00 24.14 ? 7   PRO A CA  1 
ATOM   54   C C   . PRO A 1 7   ? -0.807  -15.952 -4.320  1.00 24.74 ? 7   PRO A C   1 
ATOM   55   O O   . PRO A 1 7   ? -0.331  -14.814 -4.328  1.00 23.71 ? 7   PRO A O   1 
ATOM   56   C CB  . PRO A 1 7   ? -1.423  -16.695 -6.680  1.00 24.17 ? 7   PRO A CB  1 
ATOM   57   C CG  . PRO A 1 7   ? -1.323  -15.325 -7.382  1.00 23.90 ? 7   PRO A CG  1 
ATOM   58   C CD  . PRO A 1 7   ? -2.687  -14.781 -6.995  1.00 23.75 ? 7   PRO A CD  1 
ATOM   59   N N   . HIS A 1 8   ? -0.365  -16.907 -3.504  1.00 23.33 ? 8   HIS A N   1 
ATOM   60   C CA  . HIS A 1 8   ? 0.692   -16.651 -2.537  1.00 23.74 ? 8   HIS A CA  1 
ATOM   61   C C   . HIS A 1 8   ? 1.998   -16.274 -3.225  1.00 23.32 ? 8   HIS A C   1 
ATOM   62   O O   . HIS A 1 8   ? 2.684   -15.339 -2.806  1.00 22.96 ? 8   HIS A O   1 
ATOM   63   C CB  . HIS A 1 8   ? 0.928   -17.885 -1.664  1.00 26.36 ? 8   HIS A CB  1 
ATOM   64   C CG  . HIS A 1 8   ? 1.872   -17.647 -0.530  1.00 27.52 ? 8   HIS A CG  1 
ATOM   65   N ND1 . HIS A 1 8   ? 1.495   -17.004 0.633   1.00 29.21 ? 8   HIS A ND1 1 
ATOM   66   C CD2 . HIS A 1 8   ? 3.193   -17.913 -0.396  1.00 29.45 ? 8   HIS A CD2 1 
ATOM   67   C CE1 . HIS A 1 8   ? 2.540   -16.885 1.428   1.00 28.97 ? 8   HIS A CE1 1 
ATOM   68   N NE2 . HIS A 1 8   ? 3.585   -17.429 0.828   1.00 30.42 ? 8   HIS A NE2 1 
ATOM   69   N N   . SER A 1 9   ? 2.348   -17.007 -4.283  1.00 22.39 ? 9   SER A N   1 
ATOM   70   C CA  . SER A 1 9   ? 3.587   -16.729 -5.004  1.00 22.68 ? 9   SER A CA  1 
ATOM   71   C C   . SER A 1 9   ? 3.626   -17.291 -6.426  1.00 21.44 ? 9   SER A C   1 
ATOM   72   O O   . SER A 1 9   ? 2.790   -18.108 -6.807  1.00 19.55 ? 9   SER A O   1 
ATOM   73   C CB  . SER A 1 9   ? 4.790   -17.260 -4.209  1.00 23.47 ? 9   SER A CB  1 
ATOM   74   O OG  . SER A 1 9   ? 4.657   -18.644 -3.954  1.00 24.39 ? 9   SER A OG  1 
ATOM   75   N N   . VAL A 1 10  ? 4.606   -16.819 -7.197  1.00 21.19 ? 11  VAL A N   1 
ATOM   76   C CA  . VAL A 1 10  ? 4.817   -17.251 -8.574  1.00 21.59 ? 11  VAL A CA  1 
ATOM   77   C C   . VAL A 1 10  ? 6.309   -17.142 -8.858  1.00 21.96 ? 11  VAL A C   1 
ATOM   78   O O   . VAL A 1 10  ? 6.961   -16.182 -8.437  1.00 21.57 ? 11  VAL A O   1 
ATOM   79   C CB  . VAL A 1 10  ? 4.043   -16.361 -9.585  1.00 21.32 ? 11  VAL A CB  1 
ATOM   80   C CG1 . VAL A 1 10  ? 4.219   -16.910 -11.000 1.00 21.53 ? 11  VAL A CG1 1 
ATOM   81   C CG2 . VAL A 1 10  ? 2.570   -16.313 -9.223  1.00 21.72 ? 11  VAL A CG2 1 
ATOM   82   N N   . SER A 1 11  ? 6.858   -18.137 -9.553  1.00 22.36 ? 12  SER A N   1 
ATOM   83   C CA  . SER A 1 11  ? 8.277   -18.135 -9.891  1.00 23.67 ? 12  SER A CA  1 
ATOM   84   C C   . SER A 1 11  ? 8.418   -18.534 -11.352 1.00 23.31 ? 12  SER A C   1 
ATOM   85   O O   . SER A 1 11  ? 8.038   -19.637 -11.731 1.00 23.09 ? 12  SER A O   1 
ATOM   86   C CB  . SER A 1 11  ? 9.038   -19.124 -9.000  1.00 24.71 ? 12  SER A CB  1 
ATOM   87   O OG  . SER A 1 11  ? 8.851   -18.804 -7.630  1.00 28.21 ? 12  SER A OG  1 
ATOM   88   N N   . GLU A 1 12  ? 8.960   -17.634 -12.168 1.00 23.42 ? 13  GLU A N   1 
ATOM   89   C CA  . GLU A 1 12  ? 9.119   -17.894 -13.597 1.00 23.90 ? 13  GLU A CA  1 
ATOM   90   C C   . GLU A 1 12  ? 10.453  -17.362 -14.124 1.00 23.55 ? 13  GLU A C   1 
ATOM   91   O O   . GLU A 1 12  ? 11.082  -16.485 -13.521 1.00 22.40 ? 13  GLU A O   1 
ATOM   92   C CB  . GLU A 1 12  ? 7.989   -17.231 -14.388 1.00 27.22 ? 13  GLU A CB  1 
ATOM   93   C CG  . GLU A 1 12  ? 6.569   -17.662 -14.026 1.00 30.27 ? 13  GLU A CG  1 
ATOM   94   C CD  . GLU A 1 12  ? 6.277   -19.116 -14.347 1.00 32.79 ? 13  GLU A CD  1 
ATOM   95   O OE1 . GLU A 1 12  ? 6.570   -19.554 -15.486 1.00 33.92 ? 13  GLU A OE1 1 
ATOM   96   O OE2 . GLU A 1 12  ? 5.728   -19.817 -13.465 1.00 33.33 ? 13  GLU A OE2 1 
ATOM   97   N N   . SER A 1 13  ? 10.864  -17.887 -15.271 1.00 22.09 ? 14  SER A N   1 
ATOM   98   C CA  . SER A 1 13  ? 12.118  -17.482 -15.880 1.00 21.26 ? 14  SER A CA  1 
ATOM   99   C C   . SER A 1 13  ? 11.953  -16.171 -16.630 1.00 20.71 ? 14  SER A C   1 
ATOM   100  O O   . SER A 1 13  ? 10.873  -15.858 -17.110 1.00 21.35 ? 14  SER A O   1 
ATOM   101  C CB  . SER A 1 13  ? 12.606  -18.571 -16.844 1.00 22.38 ? 14  SER A CB  1 
ATOM   102  O OG  . SER A 1 13  ? 12.876  -19.786 -16.153 1.00 23.17 ? 14  SER A OG  1 
ATOM   103  N N   . PRO A 1 14  ? 13.033  -15.388 -16.739 1.00 20.69 ? 15  PRO A N   1 
ATOM   104  C CA  . PRO A 1 14  ? 12.979  -14.113 -17.445 1.00 20.77 ? 15  PRO A CA  1 
ATOM   105  C C   . PRO A 1 14  ? 12.476  -14.354 -18.861 1.00 21.50 ? 15  PRO A C   1 
ATOM   106  O O   . PRO A 1 14  ? 12.660  -15.445 -19.423 1.00 20.27 ? 15  PRO A O   1 
ATOM   107  C CB  . PRO A 1 14  ? 14.434  -13.651 -17.408 1.00 20.71 ? 15  PRO A CB  1 
ATOM   108  C CG  . PRO A 1 14  ? 14.909  -14.219 -16.082 1.00 21.69 ? 15  PRO A CG  1 
ATOM   109  C CD  . PRO A 1 14  ? 14.395  -15.630 -16.238 1.00 21.41 ? 15  PRO A CD  1 
ATOM   110  N N   . GLY A 1 15  ? 11.833  -13.338 -19.426 1.00 21.62 ? 16  GLY A N   1 
ATOM   111  C CA  . GLY A 1 15  ? 11.316  -13.449 -20.772 1.00 22.70 ? 16  GLY A CA  1 
ATOM   112  C C   . GLY A 1 15  ? 9.902   -13.977 -20.854 1.00 22.89 ? 16  GLY A C   1 
ATOM   113  O O   . GLY A 1 15  ? 9.241   -13.791 -21.874 1.00 24.35 ? 16  GLY A O   1 
ATOM   114  N N   . LYS A 1 16  ? 9.434   -14.634 -19.796 1.00 23.33 ? 17  LYS A N   1 
ATOM   115  C CA  . LYS A 1 16  ? 8.080   -15.186 -19.773 1.00 23.48 ? 17  LYS A CA  1 
ATOM   116  C C   . LYS A 1 16  ? 7.013   -14.210 -19.245 1.00 23.15 ? 17  LYS A C   1 
ATOM   117  O O   . LYS A 1 16  ? 7.331   -13.190 -18.648 1.00 22.74 ? 17  LYS A O   1 
ATOM   118  C CB  . LYS A 1 16  ? 8.051   -16.471 -18.944 1.00 24.45 ? 17  LYS A CB  1 
ATOM   119  C CG  . LYS A 1 16  ? 8.849   -17.630 -19.562 1.00 26.51 ? 17  LYS A CG  1 
ATOM   120  C CD  . LYS A 1 16  ? 8.285   -18.013 -20.929 1.00 27.27 ? 17  LYS A CD  1 
ATOM   121  C CE  . LYS A 1 16  ? 9.043   -19.174 -21.557 1.00 29.07 ? 17  LYS A CE  1 
ATOM   122  N NZ  . LYS A 1 16  ? 8.467   -19.551 -22.884 1.00 29.00 ? 17  LYS A NZ  1 
ATOM   123  N N   . THR A 1 17  ? 5.747   -14.545 -19.466 1.00 21.84 ? 18  THR A N   1 
ATOM   124  C CA  . THR A 1 17  ? 4.638   -13.709 -19.030 1.00 21.45 ? 18  THR A CA  1 
ATOM   125  C C   . THR A 1 17  ? 3.917   -14.309 -17.840 1.00 21.00 ? 18  THR A C   1 
ATOM   126  O O   . THR A 1 17  ? 3.667   -15.510 -17.805 1.00 20.81 ? 18  THR A O   1 
ATOM   127  C CB  . THR A 1 17  ? 3.607   -13.523 -20.150 1.00 20.57 ? 18  THR A CB  1 
ATOM   128  O OG1 . THR A 1 17  ? 4.230   -12.874 -21.258 1.00 20.78 ? 18  THR A OG1 1 
ATOM   129  C CG2 . THR A 1 17  ? 2.425   -12.690 -19.660 1.00 21.30 ? 18  THR A CG2 1 
ATOM   130  N N   . VAL A 1 18  ? 3.572   -13.464 -16.875 1.00 21.34 ? 19  VAL A N   1 
ATOM   131  C CA  . VAL A 1 18  ? 2.870   -13.911 -15.674 1.00 20.97 ? 19  VAL A CA  1 
ATOM   132  C C   . VAL A 1 18  ? 1.591   -13.103 -15.433 1.00 20.72 ? 19  VAL A C   1 
ATOM   133  O O   . VAL A 1 18  ? 1.541   -11.917 -15.736 1.00 19.95 ? 19  VAL A O   1 
ATOM   134  C CB  . VAL A 1 18  ? 3.785   -13.800 -14.441 1.00 21.55 ? 19  VAL A CB  1 
ATOM   135  C CG1 . VAL A 1 18  ? 4.294   -12.382 -14.297 1.00 22.56 ? 19  VAL A CG1 1 
ATOM   136  C CG2 . VAL A 1 18  ? 3.026   -14.207 -13.198 1.00 23.42 ? 19  VAL A CG2 1 
ATOM   137  N N   . THR A 1 19  ? 0.565   -13.755 -14.894 1.00 20.59 ? 20  THR A N   1 
ATOM   138  C CA  . THR A 1 19  ? -0.711  -13.102 -14.612 1.00 20.83 ? 20  THR A CA  1 
ATOM   139  C C   . THR A 1 19  ? -1.130  -13.236 -13.145 1.00 21.20 ? 20  THR A C   1 
ATOM   140  O O   . THR A 1 19  ? -1.662  -14.266 -12.737 1.00 21.56 ? 20  THR A O   1 
ATOM   141  C CB  . THR A 1 19  ? -1.831  -13.680 -15.473 1.00 20.86 ? 20  THR A CB  1 
ATOM   142  O OG1 . THR A 1 19  ? -1.496  -13.522 -16.856 1.00 20.25 ? 20  THR A OG1 1 
ATOM   143  C CG2 . THR A 1 19  ? -3.141  -12.967 -15.186 1.00 19.04 ? 20  THR A CG2 1 
ATOM   144  N N   . ILE A 1 20  ? -0.888  -12.190 -12.359 1.00 20.15 ? 21  ILE A N   1 
ATOM   145  C CA  . ILE A 1 20  ? -1.257  -12.211 -10.946 1.00 20.18 ? 21  ILE A CA  1 
ATOM   146  C C   . ILE A 1 20  ? -2.707  -11.758 -10.859 1.00 20.21 ? 21  ILE A C   1 
ATOM   147  O O   . ILE A 1 20  ? -3.043  -10.645 -11.271 1.00 21.07 ? 21  ILE A O   1 
ATOM   148  C CB  . ILE A 1 20  ? -0.378  -11.250 -10.116 1.00 18.96 ? 21  ILE A CB  1 
ATOM   149  C CG1 . ILE A 1 20  ? 1.086   -11.666 -10.215 1.00 18.62 ? 21  ILE A CG1 1 
ATOM   150  C CG2 . ILE A 1 20  ? -0.839  -11.254 -8.659  1.00 18.73 ? 21  ILE A CG2 1 
ATOM   151  C CD1 . ILE A 1 20  ? 2.066   -10.668 -9.637  1.00 17.35 ? 21  ILE A CD1 1 
ATOM   152  N N   . SER A 1 21  ? -3.569  -12.629 -10.348 1.00 20.89 ? 22  SER A N   1 
ATOM   153  C CA  . SER A 1 21  ? -4.985  -12.325 -10.225 1.00 20.49 ? 22  SER A CA  1 
ATOM   154  C C   . SER A 1 21  ? -5.333  -11.698 -8.879  1.00 20.96 ? 22  SER A C   1 
ATOM   155  O O   . SER A 1 21  ? -4.589  -11.817 -7.914  1.00 21.02 ? 22  SER A O   1 
ATOM   156  C CB  . SER A 1 21  ? -5.811  -13.595 -10.456 1.00 22.32 ? 22  SER A CB  1 
ATOM   157  O OG  . SER A 1 21  ? -5.320  -14.676 -9.675  1.00 24.70 ? 22  SER A OG  1 
ATOM   158  N N   . CYS A 1 22  ? -6.461  -11.005 -8.846  1.00 20.23 ? 23  CYS A N   1 
ATOM   159  C CA  . CYS A 1 22  ? -6.948  -10.326 -7.650  1.00 20.75 ? 23  CYS A CA  1 
ATOM   160  C C   . CYS A 1 22  ? -8.458  -10.459 -7.651  1.00 21.21 ? 23  CYS A C   1 
ATOM   161  O O   . CYS A 1 22  ? -9.177  -9.589  -8.154  1.00 19.79 ? 23  CYS A O   1 
ATOM   162  C CB  . CYS A 1 22  ? -6.564  -8.842  -7.678  1.00 19.06 ? 23  CYS A CB  1 
ATOM   163  S SG  . CYS A 1 22  ? -7.276  -7.828  -6.337  1.00 18.62 ? 23  CYS A SG  1 
ATOM   164  N N   . THR A 1 23  ? -8.955  -11.557 -7.100  1.00 21.61 ? 24  THR A N   1 
ATOM   165  C CA  . THR A 1 23  ? -10.392 -11.751 -7.087  1.00 23.27 ? 24  THR A CA  1 
ATOM   166  C C   . THR A 1 23  ? -11.077 -11.219 -5.847  1.00 23.48 ? 24  THR A C   1 
ATOM   167  O O   . THR A 1 23  ? -10.656 -11.472 -4.721  1.00 23.75 ? 24  THR A O   1 
ATOM   168  C CB  . THR A 1 23  ? -10.766 -13.223 -7.254  1.00 23.04 ? 24  THR A CB  1 
ATOM   169  O OG1 . THR A 1 23  ? -10.348 -13.664 -8.550  1.00 24.60 ? 24  THR A OG1 1 
ATOM   170  C CG2 . THR A 1 23  ? -12.276 -13.412 -7.098  1.00 23.38 ? 24  THR A CG2 1 
ATOM   171  N N   . ARG A 1 24  ? -12.151 -10.481 -6.085  1.00 23.95 ? 25  ARG A N   1 
ATOM   172  C CA  . ARG A 1 24  ? -12.943 -9.877  -5.040  1.00 25.14 ? 25  ARG A CA  1 
ATOM   173  C C   . ARG A 1 24  ? -14.111 -10.770 -4.614  1.00 26.30 ? 25  ARG A C   1 
ATOM   174  O O   . ARG A 1 24  ? -14.942 -11.162 -5.432  1.00 25.97 ? 25  ARG A O   1 
ATOM   175  C CB  . ARG A 1 24  ? -13.444 -8.518  -5.529  1.00 24.31 ? 25  ARG A CB  1 
ATOM   176  C CG  . ARG A 1 24  ? -14.503 -7.886  -4.676  1.00 23.19 ? 25  ARG A CG  1 
ATOM   177  C CD  . ARG A 1 24  ? -14.681 -6.433  -5.061  1.00 23.06 ? 25  ARG A CD  1 
ATOM   178  N NE  . ARG A 1 24  ? -15.763 -5.803  -4.321  1.00 23.77 ? 25  ARG A NE  1 
ATOM   179  C CZ  . ARG A 1 24  ? -15.884 -4.490  -4.164  1.00 24.25 ? 25  ARG A CZ  1 
ATOM   180  N NH1 . ARG A 1 24  ? -14.985 -3.671  -4.694  1.00 24.12 ? 25  ARG A NH1 1 
ATOM   181  N NH2 . ARG A 1 24  ? -16.897 -3.993  -3.476  1.00 23.70 ? 25  ARG A NH2 1 
ATOM   182  N N   . SER A 1 25  ? -14.158 -11.083 -3.322  1.00 27.32 ? 26  SER A N   1 
ATOM   183  C CA  . SER A 1 25  ? -15.197 -11.937 -2.758  1.00 29.01 ? 26  SER A CA  1 
ATOM   184  C C   . SER A 1 25  ? -16.613 -11.490 -3.091  1.00 29.67 ? 26  SER A C   1 
ATOM   185  O O   . SER A 1 25  ? -17.351 -12.216 -3.755  1.00 31.31 ? 26  SER A O   1 
ATOM   186  C CB  . SER A 1 25  ? -15.063 -11.999 -1.240  1.00 27.81 ? 26  SER A CB  1 
ATOM   187  O OG  . SER A 1 25  ? -15.361 -10.736 -0.677  1.00 28.68 ? 26  SER A OG  1 
ATOM   188  N N   . SER A 1 26  ? -16.999 -10.312 -2.605  1.00 30.82 ? 27  SER A N   1 
ATOM   189  C CA  . SER A 1 26  ? -18.343 -9.778  -2.838  1.00 30.93 ? 27  SER A CA  1 
ATOM   190  C C   . SER A 1 26  ? -18.279 -8.345  -3.338  1.00 30.69 ? 27  SER A C   1 
ATOM   191  O O   . SER A 1 26  ? -17.234 -7.700  -3.258  1.00 31.18 ? 27  SER A O   1 
ATOM   192  C CB  . SER A 1 26  ? -19.170 -9.800  -1.546  1.00 32.04 ? 27  SER A CB  1 
ATOM   193  O OG  . SER A 1 26  ? -18.726 -8.804  -0.629  1.00 33.92 ? 27  SER A OG  1 
ATOM   194  N N   . GLY A 1 27  A -19.412 -7.845  -3.830  1.00 29.75 ? 27  GLY A N   1 
ATOM   195  C CA  . GLY A 1 27  A -19.469 -6.491  -4.352  1.00 28.72 ? 27  GLY A CA  1 
ATOM   196  C C   . GLY A 1 27  A -18.859 -6.417  -5.743  1.00 27.90 ? 27  GLY A C   1 
ATOM   197  O O   . GLY A 1 27  A -17.922 -7.153  -6.045  1.00 28.22 ? 27  GLY A O   1 
ATOM   198  N N   . SER A 1 28  B -19.385 -5.536  -6.592  1.00 27.85 ? 27  SER A N   1 
ATOM   199  C CA  . SER A 1 28  B -18.877 -5.387  -7.957  1.00 27.44 ? 27  SER A CA  1 
ATOM   200  C C   . SER A 1 28  B -17.472 -4.806  -7.997  1.00 27.09 ? 27  SER A C   1 
ATOM   201  O O   . SER A 1 28  B -17.238 -3.717  -7.486  1.00 27.02 ? 27  SER A O   1 
ATOM   202  C CB  . SER A 1 28  B -19.794 -4.487  -8.779  1.00 27.01 ? 27  SER A CB  1 
ATOM   203  O OG  . SER A 1 28  B -19.177 -4.185  -10.018 1.00 27.60 ? 27  SER A OG  1 
ATOM   204  N N   . ILE A 1 29  ? -16.544 -5.511  -8.634  1.00 26.77 ? 28  ILE A N   1 
ATOM   205  C CA  . ILE A 1 29  ? -15.169 -5.025  -8.693  1.00 27.64 ? 28  ILE A CA  1 
ATOM   206  C C   . ILE A 1 29  ? -14.997 -3.787  -9.577  1.00 28.32 ? 28  ILE A C   1 
ATOM   207  O O   . ILE A 1 29  ? -13.907 -3.225  -9.644  1.00 28.64 ? 28  ILE A O   1 
ATOM   208  C CB  . ILE A 1 29  ? -14.215 -6.125  -9.178  1.00 26.71 ? 28  ILE A CB  1 
ATOM   209  C CG1 . ILE A 1 29  ? -12.774 -5.765  -8.793  1.00 26.95 ? 28  ILE A CG1 1 
ATOM   210  C CG2 . ILE A 1 29  ? -14.338 -6.294  -10.695 1.00 27.27 ? 28  ILE A CG2 1 
ATOM   211  C CD1 . ILE A 1 29  ? -11.764 -6.860  -9.081  1.00 25.83 ? 28  ILE A CD1 1 
ATOM   212  N N   . ALA A 1 30  ? -16.073 -3.354  -10.231 1.00 29.60 ? 29  ALA A N   1 
ATOM   213  C CA  . ALA A 1 30  ? -16.032 -2.187  -11.111 1.00 30.29 ? 29  ALA A CA  1 
ATOM   214  C C   . ALA A 1 30  ? -16.434 -0.881  -10.434 1.00 31.25 ? 29  ALA A C   1 
ATOM   215  O O   . ALA A 1 30  ? -16.046 0.198   -10.891 1.00 31.44 ? 29  ALA A O   1 
ATOM   216  C CB  . ALA A 1 30  ? -16.917 -2.425  -12.327 1.00 31.58 ? 29  ALA A CB  1 
ATOM   217  N N   . ASN A 1 31  ? -17.207 -0.976  -9.353  1.00 31.35 ? 30  ASN A N   1 
ATOM   218  C CA  . ASN A 1 31  ? -17.665 0.212   -8.626  1.00 32.10 ? 30  ASN A CA  1 
ATOM   219  C C   . ASN A 1 31  ? -16.545 0.961   -7.927  1.00 30.94 ? 30  ASN A C   1 
ATOM   220  O O   . ASN A 1 31  ? -16.771 2.003   -7.312  1.00 32.06 ? 30  ASN A O   1 
ATOM   221  C CB  . ASN A 1 31  ? -18.741 -0.164  -7.603  1.00 33.32 ? 30  ASN A CB  1 
ATOM   222  C CG  . ASN A 1 31  ? -20.007 -0.675  -8.259  1.00 35.15 ? 30  ASN A CG  1 
ATOM   223  O OD1 . ASN A 1 31  ? -21.015 -0.914  -7.590  1.00 36.18 ? 30  ASN A OD1 1 
ATOM   224  N ND2 . ASN A 1 31  ? -19.962 -0.851  -9.576  1.00 36.40 ? 30  ASN A ND2 1 
ATOM   225  N N   . ASN A 1 32  ? -15.340 0.418   -8.009  1.00 29.73 ? 31  ASN A N   1 
ATOM   226  C CA  . ASN A 1 32  ? -14.177 1.048   -7.403  1.00 28.02 ? 31  ASN A CA  1 
ATOM   227  C C   . ASN A 1 32  ? -12.921 0.765   -8.196  1.00 26.56 ? 31  ASN A C   1 
ATOM   228  O O   . ASN A 1 32  ? -12.811 -0.259  -8.875  1.00 26.36 ? 31  ASN A O   1 
ATOM   229  C CB  . ASN A 1 32  ? -13.986 0.578   -5.960  1.00 28.75 ? 31  ASN A CB  1 
ATOM   230  C CG  . ASN A 1 32  ? -14.990 1.191   -5.021  1.00 29.41 ? 31  ASN A CG  1 
ATOM   231  O OD1 . ASN A 1 32  ? -15.049 2.411   -4.879  1.00 30.98 ? 31  ASN A OD1 1 
ATOM   232  N ND2 . ASN A 1 32  ? -15.793 0.352   -4.374  1.00 30.31 ? 31  ASN A ND2 1 
ATOM   233  N N   . TYR A 1 33  ? -11.983 1.698   -8.111  1.00 24.82 ? 32  TYR A N   1 
ATOM   234  C CA  . TYR A 1 33  ? -10.716 1.578   -8.802  1.00 22.86 ? 32  TYR A CA  1 
ATOM   235  C C   . TYR A 1 33  ? -9.878  0.497   -8.152  1.00 21.50 ? 32  TYR A C   1 
ATOM   236  O O   . TYR A 1 33  ? -10.019 0.206   -6.962  1.00 21.11 ? 32  TYR A O   1 
ATOM   237  C CB  . TYR A 1 33  ? -9.948  2.901   -8.738  1.00 23.74 ? 32  TYR A CB  1 
ATOM   238  C CG  . TYR A 1 33  ? -10.519 3.983   -9.623  1.00 23.84 ? 32  TYR A CG  1 
ATOM   239  C CD1 . TYR A 1 33  ? -10.690 3.766   -10.988 1.00 23.79 ? 32  TYR A CD1 1 
ATOM   240  C CD2 . TYR A 1 33  ? -10.876 5.224   -9.102  1.00 23.59 ? 32  TYR A CD2 1 
ATOM   241  C CE1 . TYR A 1 33  ? -11.206 4.755   -11.813 1.00 24.46 ? 32  TYR A CE1 1 
ATOM   242  C CE2 . TYR A 1 33  ? -11.397 6.224   -9.922  1.00 24.38 ? 32  TYR A CE2 1 
ATOM   243  C CZ  . TYR A 1 33  ? -11.557 5.982   -11.274 1.00 24.08 ? 32  TYR A CZ  1 
ATOM   244  O OH  . TYR A 1 33  ? -12.074 6.960   -12.093 1.00 26.02 ? 32  TYR A OH  1 
ATOM   245  N N   . VAL A 1 34  ? -9.022  -0.119  -8.949  1.00 19.53 ? 33  VAL A N   1 
ATOM   246  C CA  . VAL A 1 34  ? -8.119  -1.132  -8.427  1.00 16.64 ? 33  VAL A CA  1 
ATOM   247  C C   . VAL A 1 34  ? -6.750  -0.593  -8.769  1.00 14.34 ? 33  VAL A C   1 
ATOM   248  O O   . VAL A 1 34  ? -6.508  -0.202  -9.905  1.00 13.91 ? 33  VAL A O   1 
ATOM   249  C CB  . VAL A 1 34  ? -8.273  -2.505  -9.120  1.00 16.34 ? 33  VAL A CB  1 
ATOM   250  C CG1 . VAL A 1 34  ? -7.189  -3.466  -8.594  1.00 16.09 ? 33  VAL A CG1 1 
ATOM   251  C CG2 . VAL A 1 34  ? -9.659  -3.081  -8.860  1.00 15.76 ? 33  VAL A CG2 1 
ATOM   252  N N   . HIS A 1 35  ? -5.878  -0.553  -7.775  1.00 12.99 ? 34  HIS A N   1 
ATOM   253  C CA  . HIS A 1 35  ? -4.514  -0.093  -7.952  1.00 12.39 ? 34  HIS A CA  1 
ATOM   254  C C   . HIS A 1 35  ? -3.615  -1.293  -7.660  1.00 12.57 ? 34  HIS A C   1 
ATOM   255  O O   . HIS A 1 35  ? -4.029  -2.216  -6.960  1.00 10.33 ? 34  HIS A O   1 
ATOM   256  C CB  . HIS A 1 35  ? -4.194  1.014   -6.951  1.00 15.16 ? 34  HIS A CB  1 
ATOM   257  C CG  . HIS A 1 35  ? -5.060  2.228   -7.079  1.00 17.20 ? 34  HIS A CG  1 
ATOM   258  N ND1 . HIS A 1 35  ? -5.159  3.171   -6.077  1.00 19.30 ? 34  HIS A ND1 1 
ATOM   259  C CD2 . HIS A 1 35  ? -5.819  2.686   -8.101  1.00 16.76 ? 34  HIS A CD2 1 
ATOM   260  C CE1 . HIS A 1 35  ? -5.943  4.154   -6.476  1.00 18.77 ? 34  HIS A CE1 1 
ATOM   261  N NE2 . HIS A 1 35  ? -6.357  3.886   -7.701  1.00 16.96 ? 34  HIS A NE2 1 
ATOM   262  N N   . TRP A 1 36  ? -2.404  -1.279  -8.202  1.00 10.68 ? 35  TRP A N   1 
ATOM   263  C CA  . TRP A 1 36  ? -1.447  -2.359  -7.970  1.00 11.38 ? 35  TRP A CA  1 
ATOM   264  C C   . TRP A 1 36  ? -0.103  -1.776  -7.588  1.00 10.05 ? 35  TRP A C   1 
ATOM   265  O O   . TRP A 1 36  ? 0.381   -0.867  -8.247  1.00 11.09 ? 35  TRP A O   1 
ATOM   266  C CB  . TRP A 1 36  ? -1.223  -3.220  -9.229  1.00 10.23 ? 35  TRP A CB  1 
ATOM   267  C CG  . TRP A 1 36  ? -2.353  -4.072  -9.647  1.00 12.07 ? 35  TRP A CG  1 
ATOM   268  C CD1 . TRP A 1 36  ? -3.399  -3.718  -10.445 1.00 12.07 ? 35  TRP A CD1 1 
ATOM   269  C CD2 . TRP A 1 36  ? -2.570  -5.446  -9.284  1.00 13.57 ? 35  TRP A CD2 1 
ATOM   270  N NE1 . TRP A 1 36  ? -4.252  -4.787  -10.612 1.00 14.22 ? 35  TRP A NE1 1 
ATOM   271  C CE2 . TRP A 1 36  ? -3.769  -5.859  -9.908  1.00 13.49 ? 35  TRP A CE2 1 
ATOM   272  C CE3 . TRP A 1 36  ? -1.867  -6.366  -8.492  1.00 12.46 ? 35  TRP A CE3 1 
ATOM   273  C CZ2 . TRP A 1 36  ? -4.284  -7.156  -9.766  1.00 14.18 ? 35  TRP A CZ2 1 
ATOM   274  C CZ3 . TRP A 1 36  ? -2.376  -7.651  -8.356  1.00 13.40 ? 35  TRP A CZ3 1 
ATOM   275  C CH2 . TRP A 1 36  ? -3.572  -8.035  -8.989  1.00 13.11 ? 35  TRP A CH2 1 
ATOM   276  N N   . TYR A 1 37  ? 0.528   -2.277  -6.535  1.00 10.70 ? 36  TYR A N   1 
ATOM   277  C CA  . TYR A 1 37  ? 1.834   -1.737  -6.249  1.00 11.32 ? 36  TYR A CA  1 
ATOM   278  C C   . TYR A 1 37  ? 2.867   -2.836  -6.084  1.00 12.22 ? 36  TYR A C   1 
ATOM   279  O O   . TYR A 1 37  ? 2.531   -3.991  -5.785  1.00 11.46 ? 36  TYR A O   1 
ATOM   280  C CB  . TYR A 1 37  ? 1.798   -0.786  -5.046  1.00 14.70 ? 36  TYR A CB  1 
ATOM   281  C CG  . TYR A 1 37  ? 1.608   -1.410  -3.705  1.00 14.26 ? 36  TYR A CG  1 
ATOM   282  C CD1 . TYR A 1 37  ? 2.688   -1.969  -3.018  1.00 17.12 ? 36  TYR A CD1 1 
ATOM   283  C CD2 . TYR A 1 37  ? 0.357   -1.411  -3.096  1.00 17.39 ? 36  TYR A CD2 1 
ATOM   284  C CE1 . TYR A 1 37  ? 2.536   -2.511  -1.748  1.00 16.16 ? 36  TYR A CE1 1 
ATOM   285  C CE2 . TYR A 1 37  ? 0.186   -1.954  -1.822  1.00 17.97 ? 36  TYR A CE2 1 
ATOM   286  C CZ  . TYR A 1 37  ? 1.280   -2.498  -1.153  1.00 18.59 ? 36  TYR A CZ  1 
ATOM   287  O OH  . TYR A 1 37  ? 1.124   -3.016  0.108   1.00 18.31 ? 36  TYR A OH  1 
ATOM   288  N N   . GLN A 1 38  ? 4.110   -2.456  -6.342  1.00 11.80 ? 37  GLN A N   1 
ATOM   289  C CA  . GLN A 1 38  ? 5.265   -3.339  -6.278  1.00 13.32 ? 37  GLN A CA  1 
ATOM   290  C C   . GLN A 1 38  ? 6.134   -2.967  -5.088  1.00 14.22 ? 37  GLN A C   1 
ATOM   291  O O   . GLN A 1 38  ? 6.424   -1.785  -4.856  1.00 13.77 ? 37  GLN A O   1 
ATOM   292  C CB  . GLN A 1 38  ? 6.087   -3.170  -7.548  1.00 11.93 ? 37  GLN A CB  1 
ATOM   293  C CG  . GLN A 1 38  ? 7.352   -4.022  -7.649  1.00 12.83 ? 37  GLN A CG  1 
ATOM   294  C CD  . GLN A 1 38  ? 8.230   -3.549  -8.783  1.00 12.48 ? 37  GLN A CD  1 
ATOM   295  O OE1 . GLN A 1 38  ? 8.839   -2.467  -8.711  1.00 11.24 ? 37  GLN A OE1 1 
ATOM   296  N NE2 . GLN A 1 38  ? 8.281   -4.334  -9.859  1.00 10.28 ? 37  GLN A NE2 1 
ATOM   297  N N   . GLN A 1 39  ? 6.570   -3.986  -4.361  1.00 16.41 ? 38  GLN A N   1 
ATOM   298  C CA  . GLN A 1 39  ? 7.420   -3.784  -3.210  1.00 18.94 ? 38  GLN A CA  1 
ATOM   299  C C   . GLN A 1 39  ? 8.601   -4.739  -3.267  1.00 20.58 ? 38  GLN A C   1 
ATOM   300  O O   . GLN A 1 39  ? 8.443   -5.934  -3.043  1.00 20.87 ? 38  GLN A O   1 
ATOM   301  C CB  . GLN A 1 39  ? 6.610   -4.014  -1.937  1.00 19.02 ? 38  GLN A CB  1 
ATOM   302  C CG  . GLN A 1 39  ? 7.390   -3.870  -0.654  1.00 20.65 ? 38  GLN A CG  1 
ATOM   303  C CD  . GLN A 1 39  ? 6.482   -3.928  0.558   1.00 20.08 ? 38  GLN A CD  1 
ATOM   304  O OE1 . GLN A 1 39  ? 5.675   -4.846  0.705   1.00 22.28 ? 38  GLN A OE1 1 
ATOM   305  N NE2 . GLN A 1 39  ? 6.616   -2.951  1.435   1.00 21.93 ? 38  GLN A NE2 1 
ATOM   306  N N   . ARG A 1 40  ? 9.774   -4.200  -3.585  1.00 24.08 ? 39  ARG A N   1 
ATOM   307  C CA  . ARG A 1 40  ? 10.993  -5.006  -3.654  1.00 27.21 ? 39  ARG A CA  1 
ATOM   308  C C   . ARG A 1 40  ? 11.232  -5.677  -2.302  1.00 28.41 ? 39  ARG A C   1 
ATOM   309  O O   . ARG A 1 40  ? 10.582  -5.339  -1.313  1.00 27.96 ? 39  ARG A O   1 
ATOM   310  C CB  . ARG A 1 40  ? 12.189  -4.129  -4.022  1.00 28.07 ? 39  ARG A CB  1 
ATOM   311  C CG  . ARG A 1 40  ? 12.226  -3.670  -5.469  1.00 28.52 ? 39  ARG A CG  1 
ATOM   312  C CD  . ARG A 1 40  ? 12.363  -4.841  -6.438  1.00 29.50 ? 39  ARG A CD  1 
ATOM   313  N NE  . ARG A 1 40  ? 12.739  -4.418  -7.785  1.00 29.23 ? 39  ARG A NE  1 
ATOM   314  C CZ  . ARG A 1 40  ? 12.100  -3.489  -8.489  1.00 31.48 ? 39  ARG A CZ  1 
ATOM   315  N NH1 . ARG A 1 40  ? 11.046  -2.879  -7.968  1.00 32.74 ? 39  ARG A NH1 1 
ATOM   316  N NH2 . ARG A 1 40  ? 12.503  -3.172  -9.718  1.00 31.44 ? 39  ARG A NH2 1 
ATOM   317  N N   . PRO A 1 41  ? 12.194  -6.614  -2.236  1.00 30.02 ? 40  PRO A N   1 
ATOM   318  C CA  . PRO A 1 41  ? 12.519  -7.337  -1.001  1.00 30.48 ? 40  PRO A CA  1 
ATOM   319  C C   . PRO A 1 41  ? 12.525  -6.447  0.240   1.00 30.80 ? 40  PRO A C   1 
ATOM   320  O O   . PRO A 1 41  ? 11.586  -6.478  1.039   1.00 31.14 ? 40  PRO A O   1 
ATOM   321  C CB  . PRO A 1 41  ? 13.897  -7.947  -1.320  1.00 30.86 ? 40  PRO A CB  1 
ATOM   322  C CG  . PRO A 1 41  ? 14.411  -7.076  -2.504  1.00 30.54 ? 40  PRO A CG  1 
ATOM   323  C CD  . PRO A 1 41  ? 13.132  -7.008  -3.299  1.00 30.41 ? 40  PRO A CD  1 
ATOM   324  N N   . GLY A 1 42  ? 13.583  -5.662  0.402   1.00 30.62 ? 41  GLY A N   1 
ATOM   325  C CA  . GLY A 1 42  ? 13.653  -4.764  1.542   1.00 30.86 ? 41  GLY A CA  1 
ATOM   326  C C   . GLY A 1 42  ? 13.497  -3.371  0.974   1.00 30.88 ? 41  GLY A C   1 
ATOM   327  O O   . GLY A 1 42  ? 14.468  -2.613  0.879   1.00 31.32 ? 41  GLY A O   1 
ATOM   328  N N   . SER A 1 43  ? 12.272  -3.032  0.579   1.00 30.27 ? 42  SER A N   1 
ATOM   329  C CA  . SER A 1 43  ? 12.013  -1.730  -0.027  1.00 29.34 ? 42  SER A CA  1 
ATOM   330  C C   . SER A 1 43  ? 10.598  -1.217  0.217   1.00 28.12 ? 42  SER A C   1 
ATOM   331  O O   . SER A 1 43  ? 9.735   -1.944  0.702   1.00 28.02 ? 42  SER A O   1 
ATOM   332  C CB  . SER A 1 43  ? 12.293  -1.809  -1.528  1.00 29.53 ? 42  SER A CB  1 
ATOM   333  N N   . SER A 1 44  ? 10.370  0.051   -0.122  1.00 28.24 ? 43  SER A N   1 
ATOM   334  C CA  . SER A 1 44  ? 9.061   0.670   0.061   1.00 27.70 ? 43  SER A CA  1 
ATOM   335  C C   . SER A 1 44  ? 8.226   0.473   -1.197  1.00 26.84 ? 43  SER A C   1 
ATOM   336  O O   . SER A 1 44  ? 8.755   0.436   -2.312  1.00 27.81 ? 43  SER A O   1 
ATOM   337  C CB  . SER A 1 44  ? 9.203   2.165   0.351   1.00 27.87 ? 43  SER A CB  1 
ATOM   338  O OG  . SER A 1 44  ? 9.797   2.834   -0.742  1.00 27.42 ? 43  SER A OG  1 
ATOM   339  N N   . PRO A 1 45  ? 6.901   0.391   -1.037  1.00 25.69 ? 44  PRO A N   1 
ATOM   340  C CA  . PRO A 1 45  ? 5.982   0.191   -2.155  1.00 23.16 ? 44  PRO A CA  1 
ATOM   341  C C   . PRO A 1 45  ? 5.987   1.321   -3.176  1.00 22.20 ? 44  PRO A C   1 
ATOM   342  O O   . PRO A 1 45  ? 6.253   2.475   -2.848  1.00 20.82 ? 44  PRO A O   1 
ATOM   343  C CB  . PRO A 1 45  ? 4.630   0.080   -1.452  1.00 23.85 ? 44  PRO A CB  1 
ATOM   344  C CG  . PRO A 1 45  ? 5.012   -0.417  -0.050  1.00 24.26 ? 44  PRO A CG  1 
ATOM   345  C CD  . PRO A 1 45  ? 6.130   0.535   0.205   1.00 24.19 ? 44  PRO A CD  1 
ATOM   346  N N   . THR A 1 46  ? 5.698   0.961   -4.423  1.00 20.43 ? 45  THR A N   1 
ATOM   347  C CA  . THR A 1 46  ? 5.593   1.917   -5.511  1.00 18.59 ? 45  THR A CA  1 
ATOM   348  C C   . THR A 1 46  ? 4.447   1.427   -6.379  1.00 15.79 ? 45  THR A C   1 
ATOM   349  O O   . THR A 1 46  ? 4.257   0.231   -6.544  1.00 13.60 ? 45  THR A O   1 
ATOM   350  C CB  . THR A 1 46  ? 6.859   1.985   -6.372  1.00 21.07 ? 45  THR A CB  1 
ATOM   351  O OG1 . THR A 1 46  ? 6.684   3.000   -7.369  1.00 22.98 ? 45  THR A OG1 1 
ATOM   352  C CG2 . THR A 1 46  ? 7.099   0.656   -7.080  1.00 20.09 ? 45  THR A CG2 1 
ATOM   353  N N   . THR A 1 47  ? 3.674   2.352   -6.928  1.00 13.55 ? 46  THR A N   1 
ATOM   354  C CA  . THR A 1 47  ? 2.544   1.987   -7.763  1.00 13.56 ? 46  THR A CA  1 
ATOM   355  C C   . THR A 1 47  ? 2.997   1.554   -9.161  1.00 12.72 ? 46  THR A C   1 
ATOM   356  O O   . THR A 1 47  ? 3.849   2.205   -9.747  1.00 12.09 ? 46  THR A O   1 
ATOM   357  C CB  . THR A 1 47  ? 1.599   3.197   -7.958  1.00 12.77 ? 46  THR A CB  1 
ATOM   358  O OG1 . THR A 1 47  ? 1.164   3.695   -6.683  1.00 13.53 ? 46  THR A OG1 1 
ATOM   359  C CG2 . THR A 1 47  ? 0.398   2.795   -8.801  1.00 14.12 ? 46  THR A CG2 1 
ATOM   360  N N   . VAL A 1 48  ? 2.442   0.457   -9.688  1.00 12.42 ? 47  VAL A N   1 
ATOM   361  C CA  . VAL A 1 48  ? 2.766   0.049   -11.053 1.00 12.10 ? 47  VAL A CA  1 
ATOM   362  C C   . VAL A 1 48  ? 1.539   0.241   -11.940 1.00 11.67 ? 47  VAL A C   1 
ATOM   363  O O   . VAL A 1 48  ? 1.669   0.383   -13.162 1.00 12.21 ? 47  VAL A O   1 
ATOM   364  C CB  . VAL A 1 48  ? 3.281   -1.424  -11.173 1.00 12.14 ? 47  VAL A CB  1 
ATOM   365  C CG1 . VAL A 1 48  ? 4.697   -1.520  -10.647 1.00 12.33 ? 47  VAL A CG1 1 
ATOM   366  C CG2 . VAL A 1 48  ? 2.364   -2.378  -10.432 1.00 12.48 ? 47  VAL A CG2 1 
ATOM   367  N N   . ILE A 1 49  ? 0.355   0.228   -11.329 1.00 11.99 ? 48  ILE A N   1 
ATOM   368  C CA  . ILE A 1 49  ? -0.910  0.445   -12.048 1.00 12.75 ? 48  ILE A CA  1 
ATOM   369  C C   . ILE A 1 49  ? -1.861  1.257   -11.195 1.00 13.11 ? 48  ILE A C   1 
ATOM   370  O O   . ILE A 1 49  ? -2.121  0.921   -10.041 1.00 11.70 ? 48  ILE A O   1 
ATOM   371  C CB  . ILE A 1 49  ? -1.594  -0.874  -12.440 1.00 12.02 ? 48  ILE A CB  1 
ATOM   372  C CG1 . ILE A 1 49  ? -0.737  -1.575  -13.493 1.00 13.65 ? 48  ILE A CG1 1 
ATOM   373  C CG2 . ILE A 1 49  ? -2.980  -0.618  -13.028 1.00 12.80 ? 48  ILE A CG2 1 
ATOM   374  C CD1 . ILE A 1 49  ? -1.197  -2.954  -13.790 1.00 13.60 ? 48  ILE A CD1 1 
ATOM   375  N N   . PHE A 1 50  ? -2.381  2.327   -11.792 1.00 12.88 ? 49  PHE A N   1 
ATOM   376  C CA  . PHE A 1 50  ? -3.288  3.236   -11.119 1.00 14.65 ? 49  PHE A CA  1 
ATOM   377  C C   . PHE A 1 50  ? -4.639  3.213   -11.833 1.00 14.43 ? 49  PHE A C   1 
ATOM   378  O O   . PHE A 1 50  ? -4.698  3.121   -13.065 1.00 13.65 ? 49  PHE A O   1 
ATOM   379  C CB  . PHE A 1 50  ? -2.689  4.647   -11.168 1.00 17.14 ? 49  PHE A CB  1 
ATOM   380  C CG  . PHE A 1 50  ? -3.447  5.668   -10.375 1.00 19.80 ? 49  PHE A CG  1 
ATOM   381  C CD1 . PHE A 1 50  ? -3.649  5.500   -9.006  1.00 20.85 ? 49  PHE A CD1 1 
ATOM   382  C CD2 . PHE A 1 50  ? -3.955  6.809   -10.989 1.00 21.12 ? 49  PHE A CD2 1 
ATOM   383  C CE1 . PHE A 1 50  ? -4.354  6.457   -8.257  1.00 21.10 ? 49  PHE A CE1 1 
ATOM   384  C CE2 . PHE A 1 50  ? -4.659  7.766   -10.245 1.00 21.76 ? 49  PHE A CE2 1 
ATOM   385  C CZ  . PHE A 1 50  ? -4.856  7.588   -8.883  1.00 21.90 ? 49  PHE A CZ  1 
ATOM   386  N N   . GLU A 1 51  ? -5.714  3.263   -11.061 1.00 13.97 ? 50  GLU A N   1 
ATOM   387  C CA  . GLU A 1 51  ? -7.062  3.312   -11.608 1.00 15.11 ? 50  GLU A CA  1 
ATOM   388  C C   . GLU A 1 51  ? -7.362  2.257   -12.656 1.00 15.30 ? 50  GLU A C   1 
ATOM   389  O O   . GLU A 1 51  ? -7.644  2.567   -13.818 1.00 13.60 ? 50  GLU A O   1 
ATOM   390  C CB  . GLU A 1 51  ? -7.320  4.718   -12.171 1.00 17.44 ? 50  GLU A CB  1 
ATOM   391  C CG  . GLU A 1 51  ? -7.181  5.801   -11.103 1.00 21.52 ? 50  GLU A CG  1 
ATOM   392  C CD  . GLU A 1 51  ? -7.559  7.192   -11.598 1.00 23.25 ? 50  GLU A CD  1 
ATOM   393  O OE1 . GLU A 1 51  ? -6.960  7.682   -12.580 1.00 25.89 ? 50  GLU A OE1 1 
ATOM   394  O OE2 . GLU A 1 51  ? -8.457  7.797   -10.992 1.00 25.48 ? 50  GLU A OE2 1 
ATOM   395  N N   . ASP A 1 52  ? -7.297  1.008   -12.205 1.00 13.54 ? 51  ASP A N   1 
ATOM   396  C CA  . ASP A 1 52  ? -7.556  -0.190  -12.999 1.00 14.68 ? 51  ASP A CA  1 
ATOM   397  C C   . ASP A 1 52  ? -6.519  -0.583  -14.045 1.00 13.95 ? 51  ASP A C   1 
ATOM   398  O O   . ASP A 1 52  ? -6.053  -1.717  -14.049 1.00 14.14 ? 51  ASP A O   1 
ATOM   399  C CB  . ASP A 1 52  ? -8.914  -0.106  -13.712 1.00 16.08 ? 51  ASP A CB  1 
ATOM   400  C CG  . ASP A 1 52  ? -10.067 0.128   -12.764 1.00 18.43 ? 51  ASP A CG  1 
ATOM   401  O OD1 . ASP A 1 52  ? -10.132 -0.537  -11.703 1.00 19.76 ? 51  ASP A OD1 1 
ATOM   402  O OD2 . ASP A 1 52  ? -10.940 0.958   -13.101 1.00 18.90 ? 51  ASP A OD2 1 
ATOM   403  N N   . ASP A 1 53  ? -6.159  0.345   -14.927 1.00 12.64 ? 52  ASP A N   1 
ATOM   404  C CA  . ASP A 1 53  ? -5.245  0.011   -16.017 1.00 13.51 ? 52  ASP A CA  1 
ATOM   405  C C   . ASP A 1 53  ? -4.300  1.124   -16.486 1.00 13.77 ? 52  ASP A C   1 
ATOM   406  O O   . ASP A 1 53  ? -3.745  1.052   -17.584 1.00 13.08 ? 52  ASP A O   1 
ATOM   407  C CB  . ASP A 1 53  ? -6.114  -0.484  -17.173 1.00 13.25 ? 52  ASP A CB  1 
ATOM   408  C CG  . ASP A 1 53  ? -7.284  0.474   -17.458 1.00 15.72 ? 52  ASP A CG  1 
ATOM   409  O OD1 . ASP A 1 53  ? -7.077  1.706   -17.354 1.00 12.46 ? 52  ASP A OD1 1 
ATOM   410  O OD2 . ASP A 1 53  ? -8.398  0.003   -17.776 1.00 15.95 ? 52  ASP A OD2 1 
ATOM   411  N N   . HIS A 1 54  ? -4.114  2.151   -15.665 1.00 13.75 ? 53  HIS A N   1 
ATOM   412  C CA  . HIS A 1 54  ? -3.214  3.235   -16.036 1.00 15.80 ? 53  HIS A CA  1 
ATOM   413  C C   . HIS A 1 54  ? -1.827  2.938   -15.519 1.00 15.30 ? 53  HIS A C   1 
ATOM   414  O O   . HIS A 1 54  ? -1.654  2.488   -14.397 1.00 14.33 ? 53  HIS A O   1 
ATOM   415  C CB  . HIS A 1 54  ? -3.699  4.575   -15.476 1.00 17.97 ? 53  HIS A CB  1 
ATOM   416  C CG  . HIS A 1 54  ? -5.011  5.023   -16.035 1.00 21.27 ? 53  HIS A CG  1 
ATOM   417  N ND1 . HIS A 1 54  ? -6.201  4.387   -15.748 1.00 23.34 ? 53  HIS A ND1 1 
ATOM   418  C CD2 . HIS A 1 54  ? -5.317  6.025   -16.892 1.00 23.55 ? 53  HIS A CD2 1 
ATOM   419  C CE1 . HIS A 1 54  ? -7.184  4.978   -16.404 1.00 24.51 ? 53  HIS A CE1 1 
ATOM   420  N NE2 . HIS A 1 54  ? -6.674  5.975   -17.107 1.00 25.75 ? 53  HIS A NE2 1 
ATOM   421  N N   . ARG A 1 55  ? -0.830  3.182   -16.352 1.00 15.67 ? 54  ARG A N   1 
ATOM   422  C CA  . ARG A 1 55  ? 0.537   2.925   -15.952 1.00 16.28 ? 54  ARG A CA  1 
ATOM   423  C C   . ARG A 1 55  ? 1.218   4.260   -15.686 1.00 16.77 ? 54  ARG A C   1 
ATOM   424  O O   . ARG A 1 55  ? 1.407   5.085   -16.595 1.00 16.83 ? 54  ARG A O   1 
ATOM   425  C CB  . ARG A 1 55  ? 1.213   2.108   -17.058 1.00 18.30 ? 54  ARG A CB  1 
ATOM   426  C CG  . ARG A 1 55  ? 2.652   1.702   -16.844 1.00 20.73 ? 54  ARG A CG  1 
ATOM   427  C CD  . ARG A 1 55  ? 3.020   0.658   -17.911 1.00 18.74 ? 54  ARG A CD  1 
ATOM   428  N NE  . ARG A 1 55  ? 2.493   1.045   -19.218 1.00 20.84 ? 54  ARG A NE  1 
ATOM   429  C CZ  . ARG A 1 55  ? 2.973   2.030   -19.970 1.00 21.61 ? 54  ARG A CZ  1 
ATOM   430  N NH1 . ARG A 1 55  ? 4.011   2.748   -19.567 1.00 21.92 ? 54  ARG A NH1 1 
ATOM   431  N NH2 . ARG A 1 55  ? 2.395   2.316   -21.127 1.00 22.01 ? 54  ARG A NH2 1 
ATOM   432  N N   . PRO A 1 56  ? 1.556   4.522   -14.418 1.00 16.90 ? 55  PRO A N   1 
ATOM   433  C CA  . PRO A 1 56  ? 2.214   5.790   -14.100 1.00 18.69 ? 55  PRO A CA  1 
ATOM   434  C C   . PRO A 1 56  ? 3.524   5.945   -14.864 1.00 19.25 ? 55  PRO A C   1 
ATOM   435  O O   . PRO A 1 56  ? 4.222   4.957   -15.139 1.00 18.26 ? 55  PRO A O   1 
ATOM   436  C CB  . PRO A 1 56  ? 2.404   5.704   -12.581 1.00 18.50 ? 55  PRO A CB  1 
ATOM   437  C CG  . PRO A 1 56  ? 2.537   4.202   -12.352 1.00 19.64 ? 55  PRO A CG  1 
ATOM   438  C CD  . PRO A 1 56  ? 1.375   3.720   -13.194 1.00 17.45 ? 55  PRO A CD  1 
ATOM   439  N N   . SER A 1 57  ? 3.845   7.191   -15.206 1.00 20.58 ? 56  SER A N   1 
ATOM   440  C CA  . SER A 1 57  ? 5.065   7.515   -15.941 1.00 21.22 ? 56  SER A CA  1 
ATOM   441  C C   . SER A 1 57  ? 6.280   6.856   -15.295 1.00 21.45 ? 56  SER A C   1 
ATOM   442  O O   . SER A 1 57  ? 6.439   6.889   -14.080 1.00 21.67 ? 56  SER A O   1 
ATOM   443  C CB  . SER A 1 57  ? 5.258   9.035   -15.986 1.00 22.02 ? 56  SER A CB  1 
ATOM   444  O OG  . SER A 1 57  ? 6.493   9.375   -16.591 1.00 23.33 ? 56  SER A OG  1 
ATOM   445  N N   . GLY A 1 58  ? 7.133   6.256   -16.121 1.00 21.57 ? 57  GLY A N   1 
ATOM   446  C CA  . GLY A 1 58  ? 8.314   5.590   -15.607 1.00 20.67 ? 57  GLY A CA  1 
ATOM   447  C C   . GLY A 1 58  ? 8.181   4.076   -15.525 1.00 19.83 ? 57  GLY A C   1 
ATOM   448  O O   . GLY A 1 58  ? 9.176   3.358   -15.631 1.00 19.82 ? 57  GLY A O   1 
ATOM   449  N N   . VAL A 1 59  ? 6.966   3.579   -15.313 1.00 18.14 ? 58  VAL A N   1 
ATOM   450  C CA  . VAL A 1 59  ? 6.744   2.135   -15.222 1.00 17.22 ? 58  VAL A CA  1 
ATOM   451  C C   . VAL A 1 59  ? 6.719   1.535   -16.645 1.00 17.13 ? 58  VAL A C   1 
ATOM   452  O O   . VAL A 1 59  ? 5.947   1.977   -17.495 1.00 17.41 ? 58  VAL A O   1 
ATOM   453  C CB  . VAL A 1 59  ? 5.403   1.815   -14.493 1.00 16.05 ? 58  VAL A CB  1 
ATOM   454  C CG1 . VAL A 1 59  ? 5.214   0.312   -14.380 1.00 13.96 ? 58  VAL A CG1 1 
ATOM   455  C CG2 . VAL A 1 59  ? 5.393   2.454   -13.095 1.00 13.95 ? 58  VAL A CG2 1 
ATOM   456  N N   . PRO A 1 60  ? 7.573   0.536   -16.914 1.00 17.55 ? 59  PRO A N   1 
ATOM   457  C CA  . PRO A 1 60  ? 7.687   -0.146  -18.212 1.00 16.99 ? 59  PRO A CA  1 
ATOM   458  C C   . PRO A 1 60  ? 6.385   -0.735  -18.720 1.00 16.28 ? 59  PRO A C   1 
ATOM   459  O O   . PRO A 1 60  ? 5.609   -1.291  -17.935 1.00 15.50 ? 59  PRO A O   1 
ATOM   460  C CB  . PRO A 1 60  ? 8.749   -1.212  -17.936 1.00 18.10 ? 59  PRO A CB  1 
ATOM   461  C CG  . PRO A 1 60  ? 8.608   -1.439  -16.430 1.00 19.20 ? 59  PRO A CG  1 
ATOM   462  C CD  . PRO A 1 60  ? 8.552   -0.026  -15.973 1.00 17.96 ? 59  PRO A CD  1 
ATOM   463  N N   . ASP A 1 61  ? 6.134   -0.634  -20.030 1.00 15.70 ? 60  ASP A N   1 
ATOM   464  C CA  . ASP A 1 61  ? 4.870   -1.160  -20.552 1.00 14.75 ? 60  ASP A CA  1 
ATOM   465  C C   . ASP A 1 61  ? 4.699   -2.669  -20.498 1.00 14.61 ? 60  ASP A C   1 
ATOM   466  O O   . ASP A 1 61  ? 3.673   -3.172  -20.935 1.00 13.32 ? 60  ASP A O   1 
ATOM   467  C CB  . ASP A 1 61  ? 4.550   -0.667  -21.981 1.00 13.60 ? 60  ASP A CB  1 
ATOM   468  C CG  . ASP A 1 61  ? 5.583   -1.060  -23.014 1.00 13.04 ? 60  ASP A CG  1 
ATOM   469  O OD1 . ASP A 1 61  ? 6.287   -2.077  -22.853 1.00 13.91 ? 60  ASP A OD1 1 
ATOM   470  O OD2 . ASP A 1 61  ? 5.653   -0.348  -24.038 1.00 13.86 ? 60  ASP A OD2 1 
ATOM   471  N N   . ARG A 1 62  ? 5.684   -3.385  -19.956 1.00 15.28 ? 61  ARG A N   1 
ATOM   472  C CA  . ARG A 1 62  ? 5.569   -4.836  -19.822 1.00 15.07 ? 61  ARG A CA  1 
ATOM   473  C C   . ARG A 1 62  ? 4.524   -5.108  -18.720 1.00 14.14 ? 61  ARG A C   1 
ATOM   474  O O   . ARG A 1 62  ? 4.001   -6.211  -18.604 1.00 13.70 ? 61  ARG A O   1 
ATOM   475  C CB  . ARG A 1 62  ? 6.927   -5.491  -19.452 1.00 16.15 ? 61  ARG A CB  1 
ATOM   476  C CG  . ARG A 1 62  ? 7.246   -5.545  -17.950 1.00 18.91 ? 61  ARG A CG  1 
ATOM   477  C CD  . ARG A 1 62  ? 8.610   -6.189  -17.641 1.00 20.35 ? 61  ARG A CD  1 
ATOM   478  N NE  . ARG A 1 62  ? 9.673   -5.350  -18.175 1.00 21.44 ? 61  ARG A NE  1 
ATOM   479  C CZ  . ARG A 1 62  ? 10.517  -4.615  -17.457 1.00 20.04 ? 61  ARG A CZ  1 
ATOM   480  N NH1 . ARG A 1 62  ? 10.463  -4.593  -16.134 1.00 21.17 ? 61  ARG A NH1 1 
ATOM   481  N NH2 . ARG A 1 62  ? 11.388  -3.851  -18.089 1.00 19.85 ? 61  ARG A NH2 1 
ATOM   482  N N   . PHE A 1 63  ? 4.237   -4.088  -17.909 1.00 14.07 ? 62  PHE A N   1 
ATOM   483  C CA  . PHE A 1 63  ? 3.232   -4.182  -16.840 1.00 12.47 ? 62  PHE A CA  1 
ATOM   484  C C   . PHE A 1 63  ? 1.871   -3.690  -17.327 1.00 12.45 ? 62  PHE A C   1 
ATOM   485  O O   . PHE A 1 63  ? 1.778   -2.583  -17.870 1.00 13.01 ? 62  PHE A O   1 
ATOM   486  C CB  . PHE A 1 63  ? 3.595   -3.302  -15.636 1.00 12.09 ? 62  PHE A CB  1 
ATOM   487  C CG  . PHE A 1 63  ? 4.760   -3.794  -14.855 1.00 11.81 ? 62  PHE A CG  1 
ATOM   488  C CD1 . PHE A 1 63  ? 6.060   -3.532  -15.276 1.00 12.55 ? 62  PHE A CD1 1 
ATOM   489  C CD2 . PHE A 1 63  ? 4.556   -4.554  -13.710 1.00 11.82 ? 62  PHE A CD2 1 
ATOM   490  C CE1 . PHE A 1 63  ? 7.150   -4.025  -14.560 1.00 13.89 ? 62  PHE A CE1 1 
ATOM   491  C CE2 . PHE A 1 63  ? 5.634   -5.057  -12.982 1.00 12.83 ? 62  PHE A CE2 1 
ATOM   492  C CZ  . PHE A 1 63  ? 6.933   -4.794  -13.406 1.00 12.87 ? 62  PHE A CZ  1 
ATOM   493  N N   . SER A 1 64  ? 0.818   -4.479  -17.111 1.00 9.97  ? 63  SER A N   1 
ATOM   494  C CA  . SER A 1 64  ? -0.511  -4.043  -17.527 1.00 10.67 ? 63  SER A CA  1 
ATOM   495  C C   . SER A 1 64  ? -1.592  -4.492  -16.547 1.00 10.29 ? 63  SER A C   1 
ATOM   496  O O   . SER A 1 64  ? -1.504  -5.544  -15.937 1.00 9.10  ? 63  SER A O   1 
ATOM   497  C CB  . SER A 1 64  ? -0.836  -4.537  -18.947 1.00 10.69 ? 63  SER A CB  1 
ATOM   498  O OG  . SER A 1 64  ? -1.019  -5.941  -18.984 1.00 14.06 ? 63  SER A OG  1 
ATOM   499  N N   . GLY A 1 65  ? -2.603  -3.655  -16.368 1.00 10.66 ? 64  GLY A N   1 
ATOM   500  C CA  . GLY A 1 65  ? -3.668  -4.024  -15.464 1.00 11.17 ? 64  GLY A CA  1 
ATOM   501  C C   . GLY A 1 65  ? -4.956  -4.191  -16.237 1.00 11.96 ? 64  GLY A C   1 
ATOM   502  O O   . GLY A 1 65  ? -5.164  -3.527  -17.246 1.00 10.97 ? 64  GLY A O   1 
ATOM   503  N N   . SER A 1 66  ? -5.809  -5.097  -15.776 1.00 13.19 ? 65  SER A N   1 
ATOM   504  C CA  . SER A 1 66  ? -7.104  -5.327  -16.405 1.00 14.35 ? 65  SER A CA  1 
ATOM   505  C C   . SER A 1 66  ? -8.135  -5.685  -15.343 1.00 15.74 ? 65  SER A C   1 
ATOM   506  O O   . SER A 1 66  ? -7.785  -6.066  -14.220 1.00 14.85 ? 65  SER A O   1 
ATOM   507  C CB  . SER A 1 66  ? -7.028  -6.436  -17.471 1.00 14.46 ? 65  SER A CB  1 
ATOM   508  O OG  . SER A 1 66  ? -6.635  -7.685  -16.931 1.00 14.47 ? 65  SER A OG  1 
ATOM   509  N N   . VAL A 1 67  ? -9.404  -5.523  -15.714 1.00 17.19 ? 66  VAL A N   1 
ATOM   510  C CA  . VAL A 1 67  ? -10.539 -5.806  -14.849 1.00 18.63 ? 66  VAL A CA  1 
ATOM   511  C C   . VAL A 1 67  ? -11.502 -6.693  -15.625 1.00 19.28 ? 66  VAL A C   1 
ATOM   512  O O   . VAL A 1 67  ? -11.904 -6.352  -16.734 1.00 19.83 ? 66  VAL A O   1 
ATOM   513  C CB  . VAL A 1 67  ? -11.277 -4.507  -14.446 1.00 18.83 ? 66  VAL A CB  1 
ATOM   514  C CG1 . VAL A 1 67  ? -12.523 -4.839  -13.634 1.00 19.70 ? 66  VAL A CG1 1 
ATOM   515  C CG2 . VAL A 1 67  ? -10.349 -3.601  -13.635 1.00 18.15 ? 66  VAL A CG2 1 
ATOM   516  N N   . ASP A 1 68  A -11.853 -7.839  -15.062 1.00 20.15 ? 66  ASP A N   1 
ATOM   517  C CA  . ASP A 1 68  A -12.788 -8.734  -15.729 1.00 21.82 ? 66  ASP A CA  1 
ATOM   518  C C   . ASP A 1 68  A -14.118 -8.739  -14.973 1.00 21.83 ? 66  ASP A C   1 
ATOM   519  O O   . ASP A 1 68  A -14.237 -9.315  -13.894 1.00 22.27 ? 66  ASP A O   1 
ATOM   520  C CB  . ASP A 1 68  A -12.217 -10.151 -15.811 1.00 23.31 ? 66  ASP A CB  1 
ATOM   521  C CG  . ASP A 1 68  A -13.223 -11.158 -16.360 1.00 24.75 ? 66  ASP A CG  1 
ATOM   522  O OD1 . ASP A 1 68  A -14.412 -10.802 -16.512 1.00 26.11 ? 66  ASP A OD1 1 
ATOM   523  O OD2 . ASP A 1 68  A -12.827 -12.312 -16.624 1.00 26.22 ? 66  ASP A OD2 1 
ATOM   524  N N   . THR A 1 69  B -15.118 -8.089  -15.549 1.00 22.45 ? 66  THR A N   1 
ATOM   525  C CA  . THR A 1 69  B -16.429 -8.009  -14.916 1.00 22.44 ? 66  THR A CA  1 
ATOM   526  C C   . THR A 1 69  B -17.064 -9.374  -14.607 1.00 22.81 ? 66  THR A C   1 
ATOM   527  O O   . THR A 1 69  B -17.508 -9.621  -13.481 1.00 23.55 ? 66  THR A O   1 
ATOM   528  C CB  . THR A 1 69  B -17.393 -7.186  -15.798 1.00 22.21 ? 66  THR A CB  1 
ATOM   529  O OG1 . THR A 1 69  B -16.836 -5.883  -16.015 1.00 21.63 ? 66  THR A OG1 1 
ATOM   530  C CG2 . THR A 1 69  B -18.759 -7.044  -15.130 1.00 22.52 ? 66  THR A CG2 1 
ATOM   531  N N   . SER A 1 70  ? -17.106 -10.263 -15.596 1.00 22.79 ? 67  SER A N   1 
ATOM   532  C CA  . SER A 1 70  ? -17.725 -11.576 -15.404 1.00 22.05 ? 67  SER A CA  1 
ATOM   533  C C   . SER A 1 70  ? -17.148 -12.412 -14.261 1.00 22.15 ? 67  SER A C   1 
ATOM   534  O O   . SER A 1 70  ? -17.892 -13.142 -13.595 1.00 20.28 ? 67  SER A O   1 
ATOM   535  C CB  . SER A 1 70  ? -17.666 -12.393 -16.697 1.00 22.13 ? 67  SER A CB  1 
ATOM   536  O OG  . SER A 1 70  ? -16.325 -12.655 -17.058 1.00 22.76 ? 67  SER A OG  1 
ATOM   537  N N   . SER A 1 71  ? -15.838 -12.320 -14.024 1.00 22.53 ? 68  SER A N   1 
ATOM   538  C CA  . SER A 1 71  ? -15.217 -13.103 -12.944 1.00 23.11 ? 68  SER A CA  1 
ATOM   539  C C   . SER A 1 71  ? -15.045 -12.279 -11.672 1.00 23.12 ? 68  SER A C   1 
ATOM   540  O O   . SER A 1 71  ? -14.520 -12.771 -10.666 1.00 23.83 ? 68  SER A O   1 
ATOM   541  C CB  . SER A 1 71  ? -13.850 -13.641 -13.370 1.00 23.79 ? 68  SER A CB  1 
ATOM   542  O OG  . SER A 1 71  ? -12.912 -12.583 -13.520 1.00 26.16 ? 68  SER A OG  1 
ATOM   543  N N   . ASN A 1 72  ? -15.499 -11.033 -11.741 1.00 22.06 ? 69  ASN A N   1 
ATOM   544  C CA  . ASN A 1 72  ? -15.422 -10.066 -10.654 1.00 22.88 ? 69  ASN A CA  1 
ATOM   545  C C   . ASN A 1 72  ? -14.003 -9.977  -10.078 1.00 22.54 ? 69  ASN A C   1 
ATOM   546  O O   . ASN A 1 72  ? -13.809 -9.857  -8.861  1.00 23.03 ? 69  ASN A O   1 
ATOM   547  C CB  . ASN A 1 72  ? -16.439 -10.426 -9.566  1.00 22.32 ? 69  ASN A CB  1 
ATOM   548  C CG  . ASN A 1 72  ? -16.642 -9.317  -8.566  1.00 24.05 ? 69  ASN A CG  1 
ATOM   549  O OD1 . ASN A 1 72  ? -17.044 -8.207  -8.920  1.00 23.91 ? 69  ASN A OD1 1 
ATOM   550  N ND2 . ASN A 1 72  ? -16.374 -9.613  -7.295  1.00 24.84 ? 69  ASN A ND2 1 
ATOM   551  N N   . SER A 1 73  ? -13.013 -10.019 -10.964 1.00 22.11 ? 70  SER A N   1 
ATOM   552  C CA  . SER A 1 73  ? -11.611 -9.967  -10.550 1.00 21.50 ? 70  SER A CA  1 
ATOM   553  C C   . SER A 1 73  ? -10.823 -8.948  -11.364 1.00 20.97 ? 70  SER A C   1 
ATOM   554  O O   . SER A 1 73  ? -11.320 -8.424  -12.356 1.00 21.81 ? 70  SER A O   1 
ATOM   555  C CB  . SER A 1 73  ? -10.958 -11.339 -10.734 1.00 21.31 ? 70  SER A CB  1 
ATOM   556  O OG  . SER A 1 73  ? -10.867 -11.693 -12.109 1.00 21.22 ? 70  SER A OG  1 
ATOM   557  N N   . ALA A 1 74  ? -9.592  -8.682  -10.930 1.00 19.34 ? 71  ALA A N   1 
ATOM   558  C CA  . ALA A 1 74  ? -8.693  -7.763  -11.615 1.00 17.96 ? 71  ALA A CA  1 
ATOM   559  C C   . ALA A 1 74  ? -7.365  -8.496  -11.788 1.00 16.73 ? 71  ALA A C   1 
ATOM   560  O O   . ALA A 1 74  ? -7.051  -9.414  -11.022 1.00 16.89 ? 71  ALA A O   1 
ATOM   561  C CB  . ALA A 1 74  ? -8.485  -6.510  -10.789 1.00 15.08 ? 71  ALA A CB  1 
ATOM   562  N N   . SER A 1 75  ? -6.581  -8.114  -12.790 1.00 15.49 ? 72  SER A N   1 
ATOM   563  C CA  . SER A 1 75  ? -5.309  -8.785  -12.983 1.00 14.14 ? 72  SER A CA  1 
ATOM   564  C C   . SER A 1 75  ? -4.139  -7.874  -13.328 1.00 14.27 ? 72  SER A C   1 
ATOM   565  O O   . SER A 1 75  ? -4.303  -6.870  -14.023 1.00 13.85 ? 72  SER A O   1 
ATOM   566  C CB  . SER A 1 75  ? -5.424  -9.831  -14.087 1.00 15.77 ? 72  SER A CB  1 
ATOM   567  O OG  . SER A 1 75  ? -6.374  -10.811 -13.766 1.00 17.74 ? 72  SER A OG  1 
ATOM   568  N N   . LEU A 1 76  ? -2.966  -8.240  -12.821 1.00 12.99 ? 73  LEU A N   1 
ATOM   569  C CA  . LEU A 1 76  ? -1.723  -7.546  -13.118 1.00 14.60 ? 73  LEU A CA  1 
ATOM   570  C C   . LEU A 1 76  ? -0.912  -8.511  -13.993 1.00 15.41 ? 73  LEU A C   1 
ATOM   571  O O   . LEU A 1 76  ? -0.483  -9.579  -13.544 1.00 13.67 ? 73  LEU A O   1 
ATOM   572  C CB  . LEU A 1 76  ? -0.930  -7.240  -11.843 1.00 13.88 ? 73  LEU A CB  1 
ATOM   573  C CG  . LEU A 1 76  ? 0.470   -6.658  -12.056 1.00 14.43 ? 73  LEU A CG  1 
ATOM   574  C CD1 . LEU A 1 76  ? 0.404   -5.337  -12.798 1.00 11.85 ? 73  LEU A CD1 1 
ATOM   575  C CD2 . LEU A 1 76  ? 1.144   -6.464  -10.703 1.00 14.73 ? 73  LEU A CD2 1 
ATOM   576  N N   . THR A 1 77  ? -0.692  -8.142  -15.243 1.00 14.62 ? 74  THR A N   1 
ATOM   577  C CA  . THR A 1 77  ? 0.064   -9.013  -16.129 1.00 15.81 ? 74  THR A CA  1 
ATOM   578  C C   . THR A 1 77  ? 1.413   -8.398  -16.412 1.00 15.50 ? 74  THR A C   1 
ATOM   579  O O   . THR A 1 77  ? 1.536   -7.190  -16.585 1.00 15.59 ? 74  THR A O   1 
ATOM   580  C CB  . THR A 1 77  ? -0.687  -9.249  -17.457 1.00 15.26 ? 74  THR A CB  1 
ATOM   581  O OG1 . THR A 1 77  ? -1.986  -9.811  -17.183 1.00 15.71 ? 74  THR A OG1 1 
ATOM   582  C CG2 . THR A 1 77  ? 0.097   -10.208 -18.340 1.00 15.00 ? 74  THR A CG2 1 
ATOM   583  N N   . ILE A 1 78  ? 2.437   -9.237  -16.425 1.00 15.97 ? 75  ILE A N   1 
ATOM   584  C CA  . ILE A 1 78  ? 3.785   -8.796  -16.703 1.00 16.56 ? 75  ILE A CA  1 
ATOM   585  C C   . ILE A 1 78  ? 4.294   -9.629  -17.875 1.00 17.69 ? 75  ILE A C   1 
ATOM   586  O O   . ILE A 1 78  ? 4.447   -10.846 -17.767 1.00 18.83 ? 75  ILE A O   1 
ATOM   587  C CB  . ILE A 1 78  ? 4.725   -8.994  -15.480 1.00 16.30 ? 75  ILE A CB  1 
ATOM   588  C CG1 . ILE A 1 78  ? 4.209   -8.199  -14.278 1.00 16.44 ? 75  ILE A CG1 1 
ATOM   589  C CG2 . ILE A 1 78  ? 6.107   -8.530  -15.829 1.00 16.02 ? 75  ILE A CG2 1 
ATOM   590  C CD1 . ILE A 1 78  ? 5.118   -8.248  -13.071 1.00 14.57 ? 75  ILE A CD1 1 
ATOM   591  N N   . SER A 1 79  ? 4.541   -8.957  -18.991 1.00 19.00 ? 76  SER A N   1 
ATOM   592  C CA  . SER A 1 79  ? 5.013   -9.600  -20.209 1.00 21.37 ? 76  SER A CA  1 
ATOM   593  C C   . SER A 1 79  ? 6.520   -9.459  -20.329 1.00 21.85 ? 76  SER A C   1 
ATOM   594  O O   . SER A 1 79  ? 7.061   -8.362  -20.167 1.00 24.85 ? 76  SER A O   1 
ATOM   595  C CB  . SER A 1 79  ? 4.339   -8.944  -21.418 1.00 21.87 ? 76  SER A CB  1 
ATOM   596  O OG  . SER A 1 79  ? 2.929   -8.947  -21.253 1.00 24.66 ? 76  SER A OG  1 
ATOM   597  N N   . GLY A 1 80  ? 7.202   -10.564 -20.604 1.00 21.52 ? 77  GLY A N   1 
ATOM   598  C CA  . GLY A 1 80  ? 8.647   -10.507 -20.747 1.00 21.41 ? 77  GLY A CA  1 
ATOM   599  C C   . GLY A 1 80  ? 9.384   -10.153 -19.468 1.00 20.89 ? 77  GLY A C   1 
ATOM   600  O O   . GLY A 1 80  ? 10.167  -9.197  -19.432 1.00 22.29 ? 77  GLY A O   1 
ATOM   601  N N   . LEU A 1 81  ? 9.137   -10.928 -18.418 1.00 20.60 ? 78  LEU A N   1 
ATOM   602  C CA  . LEU A 1 81  ? 9.788   -10.705 -17.127 1.00 20.70 ? 78  LEU A CA  1 
ATOM   603  C C   . LEU A 1 81  ? 11.286  -10.409 -17.218 1.00 20.86 ? 78  LEU A C   1 
ATOM   604  O O   . LEU A 1 81  ? 11.996  -10.930 -18.084 1.00 20.20 ? 78  LEU A O   1 
ATOM   605  C CB  . LEU A 1 81  ? 9.623   -11.929 -16.224 1.00 20.49 ? 78  LEU A CB  1 
ATOM   606  C CG  . LEU A 1 81  ? 8.302   -12.324 -15.574 1.00 21.24 ? 78  LEU A CG  1 
ATOM   607  C CD1 . LEU A 1 81  ? 8.486   -13.659 -14.860 1.00 22.65 ? 78  LEU A CD1 1 
ATOM   608  C CD2 . LEU A 1 81  ? 7.871   -11.249 -14.574 1.00 21.44 ? 78  LEU A CD2 1 
ATOM   609  N N   . LYS A 1 82  ? 11.754  -9.573  -16.298 1.00 21.10 ? 79  LYS A N   1 
ATOM   610  C CA  . LYS A 1 82  ? 13.162  -9.223  -16.181 1.00 20.98 ? 79  LYS A CA  1 
ATOM   611  C C   . LYS A 1 82  ? 13.474  -9.502  -14.716 1.00 22.25 ? 79  LYS A C   1 
ATOM   612  O O   . LYS A 1 82  ? 12.569  -9.508  -13.880 1.00 22.97 ? 79  LYS A O   1 
ATOM   613  C CB  . LYS A 1 82  ? 13.397  -7.753  -16.527 1.00 21.92 ? 79  LYS A CB  1 
ATOM   614  C CG  . LYS A 1 82  ? 13.239  -7.423  -18.016 1.00 21.22 ? 79  LYS A CG  1 
ATOM   615  C CD  . LYS A 1 82  ? 13.605  -5.957  -18.288 1.00 21.92 ? 79  LYS A CD  1 
ATOM   616  C CE  . LYS A 1 82  ? 13.402  -5.554  -19.757 1.00 20.72 ? 79  LYS A CE  1 
ATOM   617  N NZ  . LYS A 1 82  ? 14.252  -6.303  -20.730 1.00 22.76 ? 79  LYS A NZ  1 
ATOM   618  N N   . THR A 1 83  ? 14.736  -9.765  -14.389 1.00 22.75 ? 80  THR A N   1 
ATOM   619  C CA  . THR A 1 83  ? 15.069  -10.065 -13.000 1.00 23.31 ? 80  THR A CA  1 
ATOM   620  C C   . THR A 1 83  ? 14.676  -8.932  -12.053 1.00 23.12 ? 80  THR A C   1 
ATOM   621  O O   . THR A 1 83  ? 14.259  -9.182  -10.927 1.00 22.34 ? 80  THR A O   1 
ATOM   622  C CB  . THR A 1 83  ? 16.569  -10.405 -12.852 1.00 23.81 ? 80  THR A CB  1 
ATOM   623  O OG1 . THR A 1 83  ? 17.364  -9.405  -13.504 1.00 24.11 ? 80  THR A OG1 1 
ATOM   624  C CG2 . THR A 1 83  ? 16.853  -11.756 -13.483 1.00 23.92 ? 80  THR A CG2 1 
ATOM   625  N N   . GLU A 1 84  ? 14.796  -7.696  -12.532 1.00 23.48 ? 81  GLU A N   1 
ATOM   626  C CA  . GLU A 1 84  ? 14.448  -6.502  -11.760 1.00 23.36 ? 81  GLU A CA  1 
ATOM   627  C C   . GLU A 1 84  ? 12.992  -6.523  -11.269 1.00 23.15 ? 81  GLU A C   1 
ATOM   628  O O   . GLU A 1 84  ? 12.646  -5.801  -10.332 1.00 24.01 ? 81  GLU A O   1 
ATOM   629  C CB  . GLU A 1 84  ? 14.664  -5.254  -12.625 1.00 24.21 ? 81  GLU A CB  1 
ATOM   630  C CG  . GLU A 1 84  ? 13.675  -5.136  -13.776 1.00 26.85 ? 81  GLU A CG  1 
ATOM   631  C CD  . GLU A 1 84  ? 14.154  -4.230  -14.894 1.00 28.92 ? 81  GLU A CD  1 
ATOM   632  O OE1 . GLU A 1 84  ? 15.245  -4.508  -15.440 1.00 28.55 ? 81  GLU A OE1 1 
ATOM   633  O OE2 . GLU A 1 84  ? 13.442  -3.252  -15.242 1.00 30.29 ? 81  GLU A OE2 1 
ATOM   634  N N   . ASP A 1 85  ? 12.151  -7.346  -11.894 1.00 21.25 ? 82  ASP A N   1 
ATOM   635  C CA  . ASP A 1 85  ? 10.735  -7.427  -11.528 1.00 19.82 ? 82  ASP A CA  1 
ATOM   636  C C   . ASP A 1 85  ? 10.433  -8.331  -10.332 1.00 19.42 ? 82  ASP A C   1 
ATOM   637  O O   . ASP A 1 85  ? 9.277   -8.463  -9.925  1.00 18.64 ? 82  ASP A O   1 
ATOM   638  C CB  . ASP A 1 85  ? 9.880   -7.883  -12.724 1.00 18.67 ? 82  ASP A CB  1 
ATOM   639  C CG  . ASP A 1 85  ? 10.129  -7.069  -13.961 1.00 18.41 ? 82  ASP A CG  1 
ATOM   640  O OD1 . ASP A 1 85  ? 10.502  -5.882  -13.815 1.00 17.71 ? 82  ASP A OD1 1 
ATOM   641  O OD2 . ASP A 1 85  ? 9.928   -7.604  -15.084 1.00 16.30 ? 82  ASP A OD2 1 
ATOM   642  N N   . GLU A 1 86  ? 11.463  -8.960  -9.775  1.00 19.07 ? 83  GLU A N   1 
ATOM   643  C CA  . GLU A 1 86  ? 11.264  -9.829  -8.626  1.00 19.13 ? 83  GLU A CA  1 
ATOM   644  C C   . GLU A 1 86  ? 10.771  -8.965  -7.457  1.00 18.78 ? 83  GLU A C   1 
ATOM   645  O O   . GLU A 1 86  ? 11.431  -8.001  -7.083  1.00 18.56 ? 83  GLU A O   1 
ATOM   646  C CB  . GLU A 1 86  ? 12.583  -10.512 -8.260  1.00 19.48 ? 83  GLU A CB  1 
ATOM   647  C CG  . GLU A 1 86  ? 12.480  -11.531 -7.142  1.00 19.53 ? 83  GLU A CG  1 
ATOM   648  C CD  . GLU A 1 86  ? 13.732  -12.393 -7.060  1.00 19.77 ? 83  GLU A CD  1 
ATOM   649  O OE1 . GLU A 1 86  ? 14.041  -13.068 -8.067  1.00 18.74 ? 83  GLU A OE1 1 
ATOM   650  O OE2 . GLU A 1 86  ? 14.399  -12.393 -6.007  1.00 20.07 ? 83  GLU A OE2 1 
ATOM   651  N N   . ALA A 1 87  ? 9.622   -9.307  -6.891  1.00 19.05 ? 84  ALA A N   1 
ATOM   652  C CA  . ALA A 1 87  ? 9.073   -8.515  -5.785  1.00 19.23 ? 84  ALA A CA  1 
ATOM   653  C C   . ALA A 1 87  ? 7.739   -9.048  -5.287  1.00 18.54 ? 84  ALA A C   1 
ATOM   654  O O   . ALA A 1 87  ? 7.236   -10.048 -5.790  1.00 19.09 ? 84  ALA A O   1 
ATOM   655  C CB  . ALA A 1 87  ? 8.896   -7.062  -6.238  1.00 18.85 ? 84  ALA A CB  1 
ATOM   656  N N   . ASP A 1 88  ? 7.174   -8.365  -4.288  1.00 18.07 ? 85  ASP A N   1 
ATOM   657  C CA  . ASP A 1 88  ? 5.854   -8.694  -3.753  1.00 17.56 ? 85  ASP A CA  1 
ATOM   658  C C   . ASP A 1 88  ? 4.913   -7.728  -4.467  1.00 16.86 ? 85  ASP A C   1 
ATOM   659  O O   . ASP A 1 88  ? 5.264   -6.563  -4.659  1.00 16.39 ? 85  ASP A O   1 
ATOM   660  C CB  . ASP A 1 88  ? 5.746   -8.417  -2.245  1.00 19.01 ? 85  ASP A CB  1 
ATOM   661  C CG  . ASP A 1 88  ? 6.479   -9.435  -1.401  1.00 19.89 ? 85  ASP A CG  1 
ATOM   662  O OD1 . ASP A 1 88  ? 6.161   -10.633 -1.524  1.00 20.09 ? 85  ASP A OD1 1 
ATOM   663  O OD2 . ASP A 1 88  ? 7.355   -9.024  -0.607  1.00 21.01 ? 85  ASP A OD2 1 
ATOM   664  N N   . TYR A 1 89  ? 3.749   -8.216  -4.881  1.00 16.32 ? 86  TYR A N   1 
ATOM   665  C CA  . TYR A 1 89  ? 2.763   -7.381  -5.576  1.00 16.03 ? 86  TYR A CA  1 
ATOM   666  C C   . TYR A 1 89  ? 1.438   -7.428  -4.842  1.00 15.15 ? 86  TYR A C   1 
ATOM   667  O O   . TYR A 1 89  ? 0.959   -8.511  -4.484  1.00 15.64 ? 86  TYR A O   1 
ATOM   668  C CB  . TYR A 1 89  ? 2.533   -7.854  -7.027  1.00 15.51 ? 86  TYR A CB  1 
ATOM   669  C CG  . TYR A 1 89  ? 3.717   -7.658  -7.924  1.00 15.61 ? 86  TYR A CG  1 
ATOM   670  C CD1 . TYR A 1 89  ? 4.775   -8.566  -7.930  1.00 14.00 ? 86  TYR A CD1 1 
ATOM   671  C CD2 . TYR A 1 89  ? 3.833   -6.512  -8.709  1.00 15.13 ? 86  TYR A CD2 1 
ATOM   672  C CE1 . TYR A 1 89  ? 5.918   -8.331  -8.690  1.00 14.84 ? 86  TYR A CE1 1 
ATOM   673  C CE2 . TYR A 1 89  ? 4.973   -6.270  -9.467  1.00 15.65 ? 86  TYR A CE2 1 
ATOM   674  C CZ  . TYR A 1 89  ? 6.011   -7.185  -9.450  1.00 15.35 ? 86  TYR A CZ  1 
ATOM   675  O OH  . TYR A 1 89  ? 7.150   -6.930  -10.173 1.00 15.31 ? 86  TYR A OH  1 
ATOM   676  N N   . TYR A 1 90  ? 0.831   -6.259  -4.640  1.00 14.88 ? 87  TYR A N   1 
ATOM   677  C CA  . TYR A 1 90  ? -0.452  -6.167  -3.944  1.00 14.26 ? 87  TYR A CA  1 
ATOM   678  C C   . TYR A 1 90  ? -1.495  -5.382  -4.731  1.00 15.17 ? 87  TYR A C   1 
ATOM   679  O O   . TYR A 1 90  ? -1.188  -4.313  -5.255  1.00 14.09 ? 87  TYR A O   1 
ATOM   680  C CB  . TYR A 1 90  ? -0.304  -5.457  -2.591  1.00 14.50 ? 87  TYR A CB  1 
ATOM   681  C CG  . TYR A 1 90  ? 0.698   -6.064  -1.647  1.00 13.74 ? 87  TYR A CG  1 
ATOM   682  C CD1 . TYR A 1 90  ? 2.050   -5.747  -1.739  1.00 15.57 ? 87  TYR A CD1 1 
ATOM   683  C CD2 . TYR A 1 90  ? 0.290   -6.945  -0.644  1.00 14.20 ? 87  TYR A CD2 1 
ATOM   684  C CE1 . TYR A 1 90  ? 2.970   -6.283  -0.855  1.00 13.86 ? 87  TYR A CE1 1 
ATOM   685  C CE2 . TYR A 1 90  ? 1.207   -7.495  0.247   1.00 14.09 ? 87  TYR A CE2 1 
ATOM   686  C CZ  . TYR A 1 90  ? 2.545   -7.154  0.133   1.00 14.47 ? 87  TYR A CZ  1 
ATOM   687  O OH  . TYR A 1 90  ? 3.467   -7.678  1.003   1.00 14.47 ? 87  TYR A OH  1 
ATOM   688  N N   . CYS A 1 91  ? -2.710  -5.915  -4.834  1.00 14.15 ? 88  CYS A N   1 
ATOM   689  C CA  . CYS A 1 91  ? -3.770  -5.167  -5.496  1.00 15.95 ? 88  CYS A CA  1 
ATOM   690  C C   . CYS A 1 91  ? -4.473  -4.421  -4.367  1.00 16.74 ? 88  CYS A C   1 
ATOM   691  O O   . CYS A 1 91  ? -4.382  -4.816  -3.201  1.00 17.72 ? 88  CYS A O   1 
ATOM   692  C CB  . CYS A 1 91  ? -4.762  -6.083  -6.226  1.00 16.02 ? 88  CYS A CB  1 
ATOM   693  S SG  . CYS A 1 91  ? -5.683  -7.254  -5.183  1.00 17.87 ? 88  CYS A SG  1 
ATOM   694  N N   . GLN A 1 92  ? -5.143  -3.327  -4.697  1.00 17.27 ? 89  GLN A N   1 
ATOM   695  C CA  . GLN A 1 92  ? -5.847  -2.534  -3.695  1.00 18.69 ? 89  GLN A CA  1 
ATOM   696  C C   . GLN A 1 92  ? -7.153  -2.077  -4.305  1.00 20.12 ? 89  GLN A C   1 
ATOM   697  O O   . GLN A 1 92  ? -7.205  -1.763  -5.487  1.00 19.05 ? 89  GLN A O   1 
ATOM   698  C CB  . GLN A 1 92  ? -5.076  -1.262  -3.348  1.00 18.93 ? 89  GLN A CB  1 
ATOM   699  C CG  . GLN A 1 92  ? -3.623  -1.399  -2.974  1.00 19.55 ? 89  GLN A CG  1 
ATOM   700  C CD  . GLN A 1 92  ? -2.975  -0.027  -2.847  1.00 20.42 ? 89  GLN A CD  1 
ATOM   701  O OE1 . GLN A 1 92  ? -3.362  0.771   -1.988  1.00 22.42 ? 89  GLN A OE1 1 
ATOM   702  N NE2 . GLN A 1 92  ? -2.013  0.272   -3.727  1.00 20.21 ? 89  GLN A NE2 1 
ATOM   703  N N   . SER A 1 93  ? -8.213  -2.045  -3.515  1.00 21.90 ? 90  SER A N   1 
ATOM   704  C CA  . SER A 1 93  ? -9.463  -1.545  -4.035  1.00 24.62 ? 90  SER A CA  1 
ATOM   705  C C   . SER A 1 93  ? -10.178 -0.836  -2.902  1.00 27.05 ? 90  SER A C   1 
ATOM   706  O O   . SER A 1 93  ? -9.629  -0.698  -1.803  1.00 26.87 ? 90  SER A O   1 
ATOM   707  C CB  . SER A 1 93  ? -10.317 -2.662  -4.622  1.00 24.07 ? 90  SER A CB  1 
ATOM   708  O OG  . SER A 1 93  ? -11.375 -2.095  -5.364  1.00 26.07 ? 90  SER A OG  1 
ATOM   709  N N   . TYR A 1 94  ? -11.407 -0.400  -3.139  1.00 30.14 ? 91  TYR A N   1 
ATOM   710  C CA  . TYR A 1 94  ? -12.091 0.353   -2.106  1.00 32.34 ? 91  TYR A CA  1 
ATOM   711  C C   . TYR A 1 94  ? -13.540 0.011   -1.866  1.00 34.12 ? 91  TYR A C   1 
ATOM   712  O O   . TYR A 1 94  ? -14.156 -0.768  -2.598  1.00 34.87 ? 91  TYR A O   1 
ATOM   713  C CB  . TYR A 1 94  ? -11.935 1.835   -2.440  1.00 33.47 ? 91  TYR A CB  1 
ATOM   714  C CG  . TYR A 1 94  ? -10.479 2.204   -2.571  1.00 34.04 ? 91  TYR A CG  1 
ATOM   715  C CD1 . TYR A 1 94  ? -9.688  2.393   -1.441  1.00 35.09 ? 91  TYR A CD1 1 
ATOM   716  C CD2 . TYR A 1 94  ? -9.859  2.254   -3.820  1.00 34.90 ? 91  TYR A CD2 1 
ATOM   717  C CE1 . TYR A 1 94  ? -8.316  2.617   -1.546  1.00 34.99 ? 91  TYR A CE1 1 
ATOM   718  C CE2 . TYR A 1 94  ? -8.481  2.477   -3.935  1.00 35.15 ? 91  TYR A CE2 1 
ATOM   719  C CZ  . TYR A 1 94  ? -7.718  2.655   -2.789  1.00 35.05 ? 91  TYR A CZ  1 
ATOM   720  O OH  . TYR A 1 94  ? -6.359  2.850   -2.869  1.00 35.45 ? 91  TYR A OH  1 
ATOM   721  N N   . ASP A 1 95  ? -14.066 0.608   -0.809  1.00 35.89 ? 92  ASP A N   1 
ATOM   722  C CA  . ASP A 1 95  ? -15.443 0.423   -0.391  1.00 37.31 ? 92  ASP A CA  1 
ATOM   723  C C   . ASP A 1 95  ? -15.850 1.752   0.241   1.00 37.35 ? 92  ASP A C   1 
ATOM   724  O O   . ASP A 1 95  ? -15.006 2.630   0.438   1.00 37.38 ? 92  ASP A O   1 
ATOM   725  C CB  . ASP A 1 95  ? -15.512 -0.720  0.629   1.00 39.05 ? 92  ASP A CB  1 
ATOM   726  C CG  . ASP A 1 95  ? -16.920 -1.012  1.082   1.00 40.62 ? 92  ASP A CG  1 
ATOM   727  O OD1 . ASP A 1 95  ? -17.775 -1.277  0.208   1.00 41.77 ? 92  ASP A OD1 1 
ATOM   728  O OD2 . ASP A 1 95  ? -17.169 -0.982  2.312   1.00 42.03 ? 92  ASP A OD2 1 
ATOM   729  N N   . HIS A 1 96  ? -17.132 1.907   0.552   1.00 37.22 ? 93  HIS A N   1 
ATOM   730  C CA  . HIS A 1 96  ? -17.627 3.142   1.148   1.00 37.78 ? 93  HIS A CA  1 
ATOM   731  C C   . HIS A 1 96  ? -16.592 3.826   2.040   1.00 37.83 ? 93  HIS A C   1 
ATOM   732  O O   . HIS A 1 96  ? -16.044 4.869   1.680   1.00 38.68 ? 93  HIS A O   1 
ATOM   733  C CB  . HIS A 1 96  ? -18.893 2.865   1.947   1.00 36.87 ? 93  HIS A CB  1 
ATOM   734  N N   . ASN A 1 97  ? -16.317 3.226   3.194   1.00 37.58 ? 94  ASN A N   1 
ATOM   735  C CA  . ASN A 1 97  ? -15.368 3.800   4.135   1.00 37.49 ? 94  ASN A CA  1 
ATOM   736  C C   . ASN A 1 97  ? -14.100 3.011   4.445   1.00 36.71 ? 94  ASN A C   1 
ATOM   737  O O   . ASN A 1 97  ? -13.712 2.893   5.611   1.00 37.38 ? 94  ASN A O   1 
ATOM   738  C CB  . ASN A 1 97  ? -16.088 4.136   5.445   1.00 38.76 ? 94  ASN A CB  1 
ATOM   739  C CG  . ASN A 1 97  ? -16.758 5.497   5.406   1.00 39.52 ? 94  ASN A CG  1 
ATOM   740  O OD1 . ASN A 1 97  ? -17.587 5.821   6.258   1.00 40.45 ? 94  ASN A OD1 1 
ATOM   741  N ND2 . ASN A 1 97  ? -16.378 6.313   4.428   1.00 40.31 ? 94  ASN A ND2 1 
ATOM   742  N N   . ASN A 1 98  ? -13.455 2.465   3.417   1.00 35.19 ? 95  ASN A N   1 
ATOM   743  C CA  . ASN A 1 98  ? -12.202 1.754   3.649   1.00 32.78 ? 95  ASN A CA  1 
ATOM   744  C C   . ASN A 1 98  ? -11.464 1.233   2.426   1.00 31.54 ? 95  ASN A C   1 
ATOM   745  O O   . ASN A 1 98  ? -12.050 0.959   1.373   1.00 31.45 ? 95  ASN A O   1 
ATOM   746  C CB  . ASN A 1 98  ? -12.400 0.607   4.634   1.00 32.85 ? 95  ASN A CB  1 
ATOM   747  C CG  . ASN A 1 98  ? -11.085 0.050   5.120   1.00 32.32 ? 95  ASN A CG  1 
ATOM   748  O OD1 . ASN A 1 98  ? -10.185 0.809   5.486   1.00 32.38 ? 95  ASN A OD1 1 
ATOM   749  N ND2 . ASN A 1 98  ? -10.965 -1.271  5.147   1.00 32.44 ? 95  ASN A ND2 1 
ATOM   750  N N   . GLN A 1 99  ? -10.153 1.100   2.601   1.00 29.42 ? 96  GLN A N   1 
ATOM   751  C CA  . GLN A 1 99  ? -9.252  0.615   1.573   1.00 27.30 ? 96  GLN A CA  1 
ATOM   752  C C   . GLN A 1 99  ? -8.949  -0.845  1.876   1.00 25.62 ? 96  GLN A C   1 
ATOM   753  O O   . GLN A 1 99  ? -8.604  -1.204  2.998   1.00 25.05 ? 96  GLN A O   1 
ATOM   754  C CB  . GLN A 1 99  ? -7.975  1.442   1.601   1.00 27.07 ? 96  GLN A CB  1 
ATOM   755  C CG  . GLN A 1 99  ? -6.841  0.895   0.768   1.00 26.16 ? 96  GLN A CG  1 
ATOM   756  C CD  . GLN A 1 99  ? -5.633  1.809   0.818   1.00 26.20 ? 96  GLN A CD  1 
ATOM   757  O OE1 . GLN A 1 99  ? -5.147  2.163   1.898   1.00 25.21 ? 96  GLN A OE1 1 
ATOM   758  N NE2 . GLN A 1 99  ? -5.136  2.191   -0.348  1.00 23.61 ? 96  GLN A NE2 1 
ATOM   759  N N   . VAL A 1 100 ? -9.086  -1.688  0.867   1.00 23.72 ? 97  VAL A N   1 
ATOM   760  C CA  . VAL A 1 100 ? -8.841  -3.109  1.037   1.00 21.52 ? 97  VAL A CA  1 
ATOM   761  C C   . VAL A 1 100 ? -7.653  -3.544  0.203   1.00 20.68 ? 97  VAL A C   1 
ATOM   762  O O   . VAL A 1 100 ? -7.547  -3.180  -0.971  1.00 19.95 ? 97  VAL A O   1 
ATOM   763  C CB  . VAL A 1 100 ? -10.069 -3.926  0.593   1.00 21.96 ? 97  VAL A CB  1 
ATOM   764  C CG1 . VAL A 1 100 ? -9.814  -5.399  0.812   1.00 21.49 ? 97  VAL A CG1 1 
ATOM   765  C CG2 . VAL A 1 100 ? -11.305 -3.448  1.339   1.00 21.89 ? 97  VAL A CG2 1 
ATOM   766  N N   . PHE A 1 101 ? -6.755  -4.313  0.808   1.00 18.94 ? 98  PHE A N   1 
ATOM   767  C CA  . PHE A 1 101 ? -5.585  -4.816  0.099   1.00 19.02 ? 98  PHE A CA  1 
ATOM   768  C C   . PHE A 1 101 ? -5.685  -6.313  -0.154  1.00 20.15 ? 98  PHE A C   1 
ATOM   769  O O   . PHE A 1 101 ? -6.288  -7.053  0.635   1.00 21.00 ? 98  PHE A O   1 
ATOM   770  C CB  . PHE A 1 101 ? -4.286  -4.597  0.894   1.00 17.91 ? 98  PHE A CB  1 
ATOM   771  C CG  . PHE A 1 101 ? -3.884  -3.163  1.054   1.00 17.27 ? 98  PHE A CG  1 
ATOM   772  C CD1 . PHE A 1 101 ? -4.611  -2.307  1.872   1.00 17.25 ? 98  PHE A CD1 1 
ATOM   773  C CD2 . PHE A 1 101 ? -2.757  -2.674  0.395   1.00 16.98 ? 98  PHE A CD2 1 
ATOM   774  C CE1 . PHE A 1 101 ? -4.226  -0.980  2.038   1.00 17.70 ? 98  PHE A CE1 1 
ATOM   775  C CE2 . PHE A 1 101 ? -2.357  -1.351  0.548   1.00 16.36 ? 98  PHE A CE2 1 
ATOM   776  C CZ  . PHE A 1 101 ? -3.095  -0.496  1.377   1.00 17.09 ? 98  PHE A CZ  1 
ATOM   777  N N   . GLY A 1 102 ? -5.071  -6.755  -1.245  1.00 20.10 ? 99  GLY A N   1 
ATOM   778  C CA  . GLY A 1 102 ? -5.032  -8.174  -1.544  1.00 21.56 ? 99  GLY A CA  1 
ATOM   779  C C   . GLY A 1 102 ? -3.954  -8.745  -0.634  1.00 21.80 ? 99  GLY A C   1 
ATOM   780  O O   . GLY A 1 102 ? -3.174  -7.993  -0.041  1.00 20.99 ? 99  GLY A O   1 
ATOM   781  N N   . GLY A 1 103 ? -3.891  -10.067 -0.530  1.00 22.43 ? 100 GLY A N   1 
ATOM   782  C CA  . GLY A 1 103 ? -2.905  -10.695 0.335   1.00 22.69 ? 100 GLY A CA  1 
ATOM   783  C C   . GLY A 1 103 ? -1.456  -10.564 -0.078  1.00 23.02 ? 100 GLY A C   1 
ATOM   784  O O   . GLY A 1 103 ? -0.561  -10.718 0.751   1.00 24.16 ? 100 GLY A O   1 
ATOM   785  N N   . GLY A 1 104 ? -1.219  -10.291 -1.355  1.00 22.04 ? 101 GLY A N   1 
ATOM   786  C CA  . GLY A 1 104 ? 0.137   -10.143 -1.843  1.00 22.14 ? 101 GLY A CA  1 
ATOM   787  C C   . GLY A 1 104 ? 0.616   -11.367 -2.596  1.00 21.67 ? 101 GLY A C   1 
ATOM   788  O O   . GLY A 1 104 ? 0.230   -12.488 -2.274  1.00 22.51 ? 101 GLY A O   1 
ATOM   789  N N   . THR A 1 105 ? 1.448   -11.154 -3.610  1.00 20.94 ? 102 THR A N   1 
ATOM   790  C CA  . THR A 1 105 ? 1.989   -12.256 -4.401  1.00 20.21 ? 102 THR A CA  1 
ATOM   791  C C   . THR A 1 105 ? 3.498   -12.094 -4.510  1.00 20.62 ? 102 THR A C   1 
ATOM   792  O O   . THR A 1 105 ? 3.984   -11.065 -4.989  1.00 20.49 ? 102 THR A O   1 
ATOM   793  C CB  . THR A 1 105 ? 1.370   -12.289 -5.838  1.00 19.20 ? 102 THR A CB  1 
ATOM   794  O OG1 . THR A 1 105 ? -0.035  -12.564 -5.759  1.00 16.50 ? 102 THR A OG1 1 
ATOM   795  C CG2 . THR A 1 105 ? 2.058   -13.362 -6.702  1.00 18.80 ? 102 THR A CG2 1 
ATOM   796  N N   . LYS A 1 106 ? 4.244   -13.089 -4.028  1.00 19.82 ? 103 LYS A N   1 
ATOM   797  C CA  . LYS A 1 106 ? 5.696   -13.047 -4.117  1.00 21.07 ? 103 LYS A CA  1 
ATOM   798  C C   . LYS A 1 106 ? 6.099   -13.626 -5.462  1.00 20.91 ? 103 LYS A C   1 
ATOM   799  O O   . LYS A 1 106 ? 5.902   -14.812 -5.729  1.00 22.35 ? 103 LYS A O   1 
ATOM   800  C CB  . LYS A 1 106 ? 6.347   -13.870 -3.005  1.00 20.81 ? 103 LYS A CB  1 
ATOM   801  C CG  . LYS A 1 106 ? 7.864   -13.864 -3.064  1.00 22.74 ? 103 LYS A CG  1 
ATOM   802  C CD  . LYS A 1 106 ? 8.483   -14.641 -1.909  1.00 25.33 ? 103 LYS A CD  1 
ATOM   803  C CE  . LYS A 1 106 ? 9.997   -14.475 -1.885  1.00 25.65 ? 103 LYS A CE  1 
ATOM   804  N NZ  . LYS A 1 106 ? 10.641  -15.192 -0.735  1.00 26.67 ? 103 LYS A NZ  1 
ATOM   805  N N   . LEU A 1 107 ? 6.660   -12.782 -6.308  1.00 21.59 ? 104 LEU A N   1 
ATOM   806  C CA  . LEU A 1 107 ? 7.096   -13.210 -7.620  1.00 20.91 ? 104 LEU A CA  1 
ATOM   807  C C   . LEU A 1 107 ? 8.602   -13.343 -7.613  1.00 20.53 ? 104 LEU A C   1 
ATOM   808  O O   . LEU A 1 107 ? 9.306   -12.384 -7.324  1.00 19.13 ? 104 LEU A O   1 
ATOM   809  C CB  . LEU A 1 107 ? 6.666   -12.186 -8.676  1.00 21.52 ? 104 LEU A CB  1 
ATOM   810  C CG  . LEU A 1 107 ? 7.239   -12.318 -10.091 1.00 21.16 ? 104 LEU A CG  1 
ATOM   811  C CD1 . LEU A 1 107 ? 6.913   -13.688 -10.673 1.00 21.83 ? 104 LEU A CD1 1 
ATOM   812  C CD2 . LEU A 1 107 ? 6.660   -11.219 -10.967 1.00 21.99 ? 104 LEU A CD2 1 
ATOM   813  N N   . THR A 1 108 ? 9.102   -14.541 -7.914  1.00 21.28 ? 105 THR A N   1 
ATOM   814  C CA  . THR A 1 108 ? 10.547  -14.748 -7.970  1.00 20.98 ? 105 THR A CA  1 
ATOM   815  C C   . THR A 1 108 ? 10.969  -14.935 -9.419  1.00 20.60 ? 105 THR A C   1 
ATOM   816  O O   . THR A 1 108 ? 10.325  -15.669 -10.160 1.00 19.95 ? 105 THR A O   1 
ATOM   817  C CB  . THR A 1 108 ? 10.997  -15.996 -7.181  1.00 21.92 ? 105 THR A CB  1 
ATOM   818  O OG1 . THR A 1 108 ? 10.788  -15.790 -5.774  1.00 21.98 ? 105 THR A OG1 1 
ATOM   819  C CG2 . THR A 1 108 ? 12.477  -16.272 -7.446  1.00 22.30 ? 105 THR A CG2 1 
ATOM   820  N N   . VAL A 1 109 ? 12.046  -14.261 -9.812  1.00 21.38 ? 106 VAL A N   1 
ATOM   821  C CA  . VAL A 1 109 ? 12.572  -14.356 -11.173 1.00 22.50 ? 106 VAL A CA  1 
ATOM   822  C C   . VAL A 1 109 ? 13.784  -15.297 -11.189 1.00 23.34 ? 106 VAL A C   1 
ATOM   823  O O   . VAL A 1 109 ? 14.781  -15.063 -10.493 1.00 23.71 ? 106 VAL A O   1 
ATOM   824  C CB  . VAL A 1 109 ? 13.005  -12.968 -11.710 1.00 22.44 ? 106 VAL A CB  1 
ATOM   825  C CG1 . VAL A 1 109 ? 13.516  -13.097 -13.147 1.00 22.00 ? 106 VAL A CG1 1 
ATOM   826  C CG2 . VAL A 1 109 ? 11.832  -12.003 -11.648 1.00 21.47 ? 106 VAL A CG2 1 
ATOM   827  N N   . LEU A 1 110 ? 13.686  -16.351 -11.997 1.00 23.95 ? 107 LEU A N   1 
ATOM   828  C CA  . LEU A 1 110 ? 14.722  -17.373 -12.120 1.00 25.14 ? 107 LEU A CA  1 
ATOM   829  C C   . LEU A 1 110 ? 15.720  -17.073 -13.235 1.00 26.75 ? 107 LEU A C   1 
ATOM   830  O O   . LEU A 1 110 ? 15.798  -17.820 -14.211 1.00 26.98 ? 107 LEU A O   1 
ATOM   831  C CB  . LEU A 1 110 ? 14.057  -18.716 -12.406 1.00 24.51 ? 107 LEU A CB  1 
ATOM   832  C CG  . LEU A 1 110 ? 12.926  -19.098 -11.452 1.00 23.81 ? 107 LEU A CG  1 
ATOM   833  C CD1 . LEU A 1 110 ? 12.144  -20.258 -12.036 1.00 23.68 ? 107 LEU A CD1 1 
ATOM   834  C CD2 . LEU A 1 110 ? 13.486  -19.413 -10.068 1.00 23.69 ? 107 LEU A CD2 1 
ATOM   835  N N   . GLY A 1 111 ? 16.469  -15.979 -13.115 1.00 28.24 ? 108 GLY A N   1 
ATOM   836  C CA  . GLY A 1 111 ? 17.439  -15.669 -14.154 1.00 30.36 ? 108 GLY A CA  1 
ATOM   837  C C   . GLY A 1 111 ? 18.847  -15.427 -13.636 1.00 32.01 ? 108 GLY A C   1 
ATOM   838  O O   . GLY A 1 111 ? 18.999  -14.973 -12.475 1.00 33.27 ? 108 GLY A O   1 
ATOM   839  O OXT . GLY A 1 111 ? 19.810  -15.670 -14.401 1.00 33.07 ? 108 GLY A OXT 1 
ATOM   840  N N   . ASN B 1 1   ? 7.157   15.165  -9.682  1.00 42.00 ? 1   ASN B N   1 
ATOM   841  C CA  . ASN B 1 1   ? 6.323   14.392  -8.720  1.00 41.71 ? 1   ASN B CA  1 
ATOM   842  C C   . ASN B 1 1   ? 6.749   14.795  -7.303  1.00 41.42 ? 1   ASN B C   1 
ATOM   843  O O   . ASN B 1 1   ? 7.400   15.827  -7.115  1.00 41.82 ? 1   ASN B O   1 
ATOM   844  C CB  . ASN B 1 1   ? 6.541   12.892  -8.955  1.00 42.36 ? 1   ASN B CB  1 
ATOM   845  C CG  . ASN B 1 1   ? 5.444   12.034  -8.354  1.00 43.33 ? 1   ASN B CG  1 
ATOM   846  O OD1 . ASN B 1 1   ? 5.459   10.810  -8.489  1.00 43.67 ? 1   ASN B OD1 1 
ATOM   847  N ND2 . ASN B 1 1   ? 4.483   12.671  -7.691  1.00 44.07 ? 1   ASN B ND2 1 
ATOM   848  N N   . PHE B 1 2   ? 6.384   13.995  -6.307  1.00 40.57 ? 2   PHE B N   1 
ATOM   849  C CA  . PHE B 1 2   ? 6.751   14.307  -4.933  1.00 38.96 ? 2   PHE B CA  1 
ATOM   850  C C   . PHE B 1 2   ? 7.160   13.066  -4.150  1.00 37.80 ? 2   PHE B C   1 
ATOM   851  O O   . PHE B 1 2   ? 6.869   11.936  -4.551  1.00 36.94 ? 2   PHE B O   1 
ATOM   852  C CB  . PHE B 1 2   ? 5.594   15.037  -4.223  1.00 39.66 ? 2   PHE B CB  1 
ATOM   853  C CG  . PHE B 1 2   ? 4.345   14.209  -4.048  1.00 40.64 ? 2   PHE B CG  1 
ATOM   854  C CD1 . PHE B 1 2   ? 4.259   13.250  -3.047  1.00 41.29 ? 2   PHE B CD1 1 
ATOM   855  C CD2 . PHE B 1 2   ? 3.247   14.403  -4.879  1.00 40.84 ? 2   PHE B CD2 1 
ATOM   856  C CE1 . PHE B 1 2   ? 3.091   12.497  -2.873  1.00 42.18 ? 2   PHE B CE1 1 
ATOM   857  C CE2 . PHE B 1 2   ? 2.081   13.660  -4.718  1.00 41.33 ? 2   PHE B CE2 1 
ATOM   858  C CZ  . PHE B 1 2   ? 2.000   12.704  -3.713  1.00 42.10 ? 2   PHE B CZ  1 
ATOM   859  N N   . LEU B 1 3   ? 7.841   13.290  -3.034  1.00 36.80 ? 3   LEU B N   1 
ATOM   860  C CA  . LEU B 1 3   ? 8.301   12.209  -2.179  1.00 35.40 ? 3   LEU B CA  1 
ATOM   861  C C   . LEU B 1 3   ? 7.805   12.428  -0.764  1.00 34.93 ? 3   LEU B C   1 
ATOM   862  O O   . LEU B 1 3   ? 7.621   13.564  -0.329  1.00 34.71 ? 3   LEU B O   1 
ATOM   863  C CB  . LEU B 1 3   ? 9.825   12.144  -2.190  1.00 35.71 ? 3   LEU B CB  1 
ATOM   864  N N   . LEU B 1 4   ? 7.583   11.327  -0.054  1.00 33.26 ? 4   LEU B N   1 
ATOM   865  C CA  . LEU B 1 4   ? 7.128   11.362  1.329   1.00 31.65 ? 4   LEU B CA  1 
ATOM   866  C C   . LEU B 1 4   ? 8.226   10.703  2.152   1.00 30.90 ? 4   LEU B C   1 
ATOM   867  O O   . LEU B 1 4   ? 8.553   9.536   1.926   1.00 30.96 ? 4   LEU B O   1 
ATOM   868  C CB  . LEU B 1 4   ? 5.826   10.580  1.473   1.00 30.92 ? 4   LEU B CB  1 
ATOM   869  C CG  . LEU B 1 4   ? 4.652   11.095  0.639   1.00 30.56 ? 4   LEU B CG  1 
ATOM   870  C CD1 . LEU B 1 4   ? 3.506   10.110  0.685   1.00 30.14 ? 4   LEU B CD1 1 
ATOM   871  C CD2 . LEU B 1 4   ? 4.228   12.459  1.157   1.00 31.64 ? 4   LEU B CD2 1 
ATOM   872  N N   . THR B 1 5   ? 8.802   11.445  3.092   1.00 29.85 ? 5   THR B N   1 
ATOM   873  C CA  . THR B 1 5   ? 9.880   10.905  3.918   1.00 29.65 ? 5   THR B CA  1 
ATOM   874  C C   . THR B 1 5   ? 9.469   10.596  5.348   1.00 28.88 ? 5   THR B C   1 
ATOM   875  O O   . THR B 1 5   ? 8.947   11.458  6.045   1.00 29.12 ? 5   THR B O   1 
ATOM   876  C CB  . THR B 1 5   ? 11.075  11.867  3.979   1.00 29.42 ? 5   THR B CB  1 
ATOM   877  O OG1 . THR B 1 5   ? 11.605  12.063  2.664   1.00 29.53 ? 5   THR B OG1 1 
ATOM   878  C CG2 . THR B 1 5   ? 12.155  11.299  4.864   1.00 30.79 ? 5   THR B CG2 1 
ATOM   879  N N   . GLN B 1 6   ? 9.718   9.361   5.778   1.00 27.37 ? 6   GLN B N   1 
ATOM   880  C CA  . GLN B 1 6   ? 9.385   8.934   7.133   1.00 26.55 ? 6   GLN B CA  1 
ATOM   881  C C   . GLN B 1 6   ? 10.668  8.445   7.788   1.00 25.28 ? 6   GLN B C   1 
ATOM   882  O O   . GLN B 1 6   ? 11.626  8.091   7.101   1.00 25.12 ? 6   GLN B O   1 
ATOM   883  C CB  . GLN B 1 6   ? 8.396   7.758   7.123   1.00 25.97 ? 6   GLN B CB  1 
ATOM   884  C CG  . GLN B 1 6   ? 7.333   7.798   6.055   1.00 26.75 ? 6   GLN B CG  1 
ATOM   885  C CD  . GLN B 1 6   ? 6.407   6.601   6.119   1.00 25.85 ? 6   GLN B CD  1 
ATOM   886  O OE1 . GLN B 1 6   ? 5.711   6.294   5.154   1.00 25.39 ? 6   GLN B OE1 1 
ATOM   887  N NE2 . GLN B 1 6   ? 6.375   5.930   7.272   1.00 25.36 ? 6   GLN B NE2 1 
ATOM   888  N N   . PRO B 1 7   ? 10.707  8.424   9.132   1.00 25.24 ? 7   PRO B N   1 
ATOM   889  C CA  . PRO B 1 7   ? 11.895  7.959   9.849   1.00 24.94 ? 7   PRO B CA  1 
ATOM   890  C C   . PRO B 1 7   ? 11.971  6.451   9.612   1.00 24.75 ? 7   PRO B C   1 
ATOM   891  O O   . PRO B 1 7   ? 10.943  5.797   9.443   1.00 26.10 ? 7   PRO B O   1 
ATOM   892  C CB  . PRO B 1 7   ? 11.557  8.287   11.310  1.00 24.48 ? 7   PRO B CB  1 
ATOM   893  C CG  . PRO B 1 7   ? 10.547  9.404   11.179  1.00 24.94 ? 7   PRO B CG  1 
ATOM   894  C CD  . PRO B 1 7   ? 9.682   8.837   10.099  1.00 24.08 ? 7   PRO B CD  1 
ATOM   895  N N   . HIS B 1 8   ? 13.170  5.892   9.595   1.00 24.70 ? 8   HIS B N   1 
ATOM   896  C CA  . HIS B 1 8   ? 13.292  4.458   9.375   1.00 24.61 ? 8   HIS B CA  1 
ATOM   897  C C   . HIS B 1 8   ? 12.645  3.635   10.469  1.00 24.39 ? 8   HIS B C   1 
ATOM   898  O O   . HIS B 1 8   ? 12.168  2.532   10.211  1.00 24.24 ? 8   HIS B O   1 
ATOM   899  C CB  . HIS B 1 8   ? 14.759  4.044   9.261   1.00 25.93 ? 8   HIS B CB  1 
ATOM   900  C CG  . HIS B 1 8   ? 15.447  4.596   8.056   1.00 27.34 ? 8   HIS B CG  1 
ATOM   901  N ND1 . HIS B 1 8   ? 14.995  4.366   6.775   1.00 27.82 ? 8   HIS B ND1 1 
ATOM   902  C CD2 . HIS B 1 8   ? 16.554  5.364   7.936   1.00 27.30 ? 8   HIS B CD2 1 
ATOM   903  C CE1 . HIS B 1 8   ? 15.797  4.970   5.916   1.00 28.92 ? 8   HIS B CE1 1 
ATOM   904  N NE2 . HIS B 1 8   ? 16.750  5.582   6.595   1.00 28.06 ? 8   HIS B NE2 1 
ATOM   905  N N   . SER B 1 9   ? 12.601  4.170   11.687  1.00 24.40 ? 9   SER B N   1 
ATOM   906  C CA  . SER B 1 9   ? 12.047  3.407   12.798  1.00 23.36 ? 9   SER B CA  1 
ATOM   907  C C   . SER B 1 9   ? 11.658  4.220   14.018  1.00 22.12 ? 9   SER B C   1 
ATOM   908  O O   . SER B 1 9   ? 12.137  5.327   14.222  1.00 21.40 ? 9   SER B O   1 
ATOM   909  C CB  . SER B 1 9   ? 13.061  2.356   13.231  1.00 23.94 ? 9   SER B CB  1 
ATOM   910  O OG  . SER B 1 9   ? 14.262  2.989   13.635  1.00 26.88 ? 9   SER B OG  1 
ATOM   911  N N   . VAL B 1 10  ? 10.794  3.628   14.836  1.00 20.50 ? 11  VAL B N   1 
ATOM   912  C CA  . VAL B 1 10  ? 10.316  4.234   16.068  1.00 19.80 ? 11  VAL B CA  1 
ATOM   913  C C   . VAL B 1 10  ? 10.172  3.078   17.067  1.00 19.56 ? 11  VAL B C   1 
ATOM   914  O O   . VAL B 1 10  ? 10.033  1.926   16.662  1.00 18.74 ? 11  VAL B O   1 
ATOM   915  C CB  . VAL B 1 10  ? 8.940   4.929   15.841  1.00 19.52 ? 11  VAL B CB  1 
ATOM   916  C CG1 . VAL B 1 10  ? 7.909   3.920   15.376  1.00 19.55 ? 11  VAL B CG1 1 
ATOM   917  C CG2 . VAL B 1 10  ? 8.482   5.623   17.115  1.00 20.32 ? 11  VAL B CG2 1 
ATOM   918  N N   . SER B 1 11  ? 10.256  3.364   18.363  1.00 18.21 ? 12  SER B N   1 
ATOM   919  C CA  . SER B 1 11  ? 10.088  2.308   19.354  1.00 16.96 ? 12  SER B CA  1 
ATOM   920  C C   . SER B 1 11  ? 9.532   2.921   20.614  1.00 17.83 ? 12  SER B C   1 
ATOM   921  O O   . SER B 1 11  ? 9.723   4.110   20.883  1.00 17.32 ? 12  SER B O   1 
ATOM   922  C CB  . SER B 1 11  ? 11.408  1.587   19.673  1.00 18.26 ? 12  SER B CB  1 
ATOM   923  O OG  . SER B 1 11  ? 12.335  2.431   20.329  1.00 17.11 ? 12  SER B OG  1 
ATOM   924  N N   . GLU B 1 12  ? 8.832   2.112   21.387  1.00 17.71 ? 13  GLU B N   1 
ATOM   925  C CA  . GLU B 1 12  ? 8.262   2.610   22.613  1.00 19.13 ? 13  GLU B CA  1 
ATOM   926  C C   . GLU B 1 12  ? 7.806   1.415   23.434  1.00 19.42 ? 13  GLU B C   1 
ATOM   927  O O   . GLU B 1 12  ? 7.755   0.302   22.923  1.00 18.64 ? 13  GLU B O   1 
ATOM   928  C CB  . GLU B 1 12  ? 7.099   3.539   22.276  1.00 19.43 ? 13  GLU B CB  1 
ATOM   929  C CG  . GLU B 1 12  ? 6.591   4.271   23.449  1.00 23.04 ? 13  GLU B CG  1 
ATOM   930  C CD  . GLU B 1 12  ? 7.697   4.972   24.180  1.00 23.83 ? 13  GLU B CD  1 
ATOM   931  O OE1 . GLU B 1 12  ? 8.135   6.034   23.702  1.00 27.37 ? 13  GLU B OE1 1 
ATOM   932  O OE2 . GLU B 1 12  ? 8.148   4.445   25.218  1.00 23.86 ? 13  GLU B OE2 1 
ATOM   933  N N   . SER B 1 13  ? 7.504   1.653   24.704  1.00 20.22 ? 14  SER B N   1 
ATOM   934  C CA  . SER B 1 13  ? 7.054   0.608   25.629  1.00 21.07 ? 14  SER B CA  1 
ATOM   935  C C   . SER B 1 13  ? 5.542   0.400   25.552  1.00 20.66 ? 14  SER B C   1 
ATOM   936  O O   . SER B 1 13  ? 4.814   1.255   25.064  1.00 20.29 ? 14  SER B O   1 
ATOM   937  C CB  . SER B 1 13  ? 7.389   1.004   27.072  1.00 19.78 ? 14  SER B CB  1 
ATOM   938  O OG  . SER B 1 13  ? 8.759   1.312   27.236  1.00 22.60 ? 14  SER B OG  1 
ATOM   939  N N   . PRO B 1 14  ? 5.050   -0.745  26.046  1.00 20.76 ? 15  PRO B N   1 
ATOM   940  C CA  . PRO B 1 14  ? 3.602   -0.943  25.986  1.00 20.57 ? 15  PRO B CA  1 
ATOM   941  C C   . PRO B 1 14  ? 2.891   0.157   26.776  1.00 20.42 ? 15  PRO B C   1 
ATOM   942  O O   . PRO B 1 14  ? 3.433   0.667   27.755  1.00 21.99 ? 15  PRO B O   1 
ATOM   943  C CB  . PRO B 1 14  ? 3.428   -2.320  26.615  1.00 20.16 ? 15  PRO B CB  1 
ATOM   944  C CG  . PRO B 1 14  ? 4.749   -3.014  26.249  1.00 21.54 ? 15  PRO B CG  1 
ATOM   945  C CD  . PRO B 1 14  ? 5.698   -1.914  26.664  1.00 20.90 ? 15  PRO B CD  1 
ATOM   946  N N   . GLY B 1 15  ? 1.696   0.536   26.337  1.00 20.33 ? 16  GLY B N   1 
ATOM   947  C CA  . GLY B 1 15  ? 0.947   1.571   27.032  1.00 19.58 ? 16  GLY B CA  1 
ATOM   948  C C   . GLY B 1 15  ? 1.364   2.986   26.670  1.00 18.87 ? 16  GLY B C   1 
ATOM   949  O O   . GLY B 1 15  ? 0.610   3.927   26.897  1.00 20.39 ? 16  GLY B O   1 
ATOM   950  N N   . LYS B 1 16  ? 2.557   3.133   26.104  1.00 17.96 ? 17  LYS B N   1 
ATOM   951  C CA  . LYS B 1 16  ? 3.089   4.436   25.710  1.00 17.86 ? 17  LYS B CA  1 
ATOM   952  C C   . LYS B 1 16  ? 2.517   4.885   24.367  1.00 17.73 ? 17  LYS B C   1 
ATOM   953  O O   . LYS B 1 16  ? 1.674   4.201   23.791  1.00 17.36 ? 17  LYS B O   1 
ATOM   954  C CB  . LYS B 1 16  ? 4.617   4.375   25.622  1.00 18.87 ? 17  LYS B CB  1 
ATOM   955  C CG  . LYS B 1 16  ? 5.366   4.090   26.924  1.00 21.04 ? 17  LYS B CG  1 
ATOM   956  C CD  . LYS B 1 16  ? 5.102   5.167   27.955  1.00 21.89 ? 17  LYS B CD  1 
ATOM   957  C CE  . LYS B 1 16  ? 6.059   5.083   29.140  1.00 22.34 ? 17  LYS B CE  1 
ATOM   958  N NZ  . LYS B 1 16  ? 7.476   5.415   28.755  1.00 23.60 ? 17  LYS B NZ  1 
ATOM   959  N N   . THR B 1 17  ? 2.981   6.032   23.876  1.00 17.91 ? 18  THR B N   1 
ATOM   960  C CA  . THR B 1 17  ? 2.505   6.577   22.614  1.00 18.64 ? 18  THR B CA  1 
ATOM   961  C C   . THR B 1 17  ? 3.636   6.938   21.658  1.00 18.72 ? 18  THR B C   1 
ATOM   962  O O   . THR B 1 17  ? 4.710   7.387   22.072  1.00 19.88 ? 18  THR B O   1 
ATOM   963  C CB  . THR B 1 17  ? 1.614   7.808   22.874  1.00 18.67 ? 18  THR B CB  1 
ATOM   964  O OG1 . THR B 1 17  ? 0.443   7.380   23.581  1.00 19.02 ? 18  THR B OG1 1 
ATOM   965  C CG2 . THR B 1 17  ? 1.205   8.486   21.564  1.00 17.35 ? 18  THR B CG2 1 
ATOM   966  N N   . VAL B 1 18  ? 3.398   6.732   20.370  1.00 19.00 ? 19  VAL B N   1 
ATOM   967  C CA  . VAL B 1 18  ? 4.409   7.028   19.371  1.00 19.13 ? 19  VAL B CA  1 
ATOM   968  C C   . VAL B 1 18  ? 3.810   7.877   18.260  1.00 19.33 ? 19  VAL B C   1 
ATOM   969  O O   . VAL B 1 18  ? 2.609   7.834   18.009  1.00 18.47 ? 19  VAL B O   1 
ATOM   970  C CB  . VAL B 1 18  ? 4.968   5.725   18.788  1.00 20.73 ? 19  VAL B CB  1 
ATOM   971  N N   . THR B 1 19  ? 4.660   8.652   17.598  1.00 20.04 ? 20  THR B N   1 
ATOM   972  C CA  . THR B 1 19  ? 4.219   9.500   16.508  1.00 20.72 ? 20  THR B CA  1 
ATOM   973  C C   . THR B 1 19  ? 5.154   9.391   15.320  1.00 21.17 ? 20  THR B C   1 
ATOM   974  O O   . THR B 1 19  ? 6.328   9.719   15.411  1.00 21.40 ? 20  THR B O   1 
ATOM   975  C CB  . THR B 1 19  ? 4.117   10.962  16.963  1.00 21.55 ? 20  THR B CB  1 
ATOM   976  O OG1 . THR B 1 19  ? 3.002   11.089  17.853  1.00 22.13 ? 20  THR B OG1 1 
ATOM   977  C CG2 . THR B 1 19  ? 3.931   11.889  15.770  1.00 21.89 ? 20  THR B CG2 1 
ATOM   978  N N   . ILE B 1 20  ? 4.607   8.917   14.208  1.00 22.54 ? 21  ILE B N   1 
ATOM   979  C CA  . ILE B 1 20  ? 5.344   8.728   12.963  1.00 23.55 ? 21  ILE B CA  1 
ATOM   980  C C   . ILE B 1 20  ? 5.047   9.858   11.973  1.00 24.51 ? 21  ILE B C   1 
ATOM   981  O O   . ILE B 1 20  ? 3.898   10.069  11.579  1.00 23.88 ? 21  ILE B O   1 
ATOM   982  C CB  . ILE B 1 20  ? 4.963   7.368   12.328  1.00 23.04 ? 21  ILE B CB  1 
ATOM   983  C CG1 . ILE B 1 20  ? 5.362   6.233   13.273  1.00 24.06 ? 21  ILE B CG1 1 
ATOM   984  C CG2 . ILE B 1 20  ? 5.632   7.199   10.967  1.00 23.12 ? 21  ILE B CG2 1 
ATOM   985  N N   . SER B 1 21  ? 6.093   10.573  11.570  1.00 26.05 ? 22  SER B N   1 
ATOM   986  C CA  . SER B 1 21  ? 5.952   11.679  10.633  1.00 27.40 ? 22  SER B CA  1 
ATOM   987  C C   . SER B 1 21  ? 6.092   11.256  9.173   1.00 29.31 ? 22  SER B C   1 
ATOM   988  O O   . SER B 1 21  ? 6.794   10.302  8.849   1.00 29.52 ? 22  SER B O   1 
ATOM   989  C CB  . SER B 1 21  ? 6.987   12.758  10.947  1.00 27.19 ? 22  SER B CB  1 
ATOM   990  O OG  . SER B 1 21  ? 8.301   12.220  10.925  1.00 26.60 ? 22  SER B OG  1 
ATOM   991  N N   . CYS B 1 22  ? 5.421   11.998  8.298   1.00 31.03 ? 23  CYS B N   1 
ATOM   992  C CA  . CYS B 1 22  ? 5.428   11.746  6.862   1.00 32.20 ? 23  CYS B CA  1 
ATOM   993  C C   . CYS B 1 22  ? 5.533   13.097  6.147   1.00 33.54 ? 23  CYS B C   1 
ATOM   994  O O   . CYS B 1 22  ? 4.526   13.747  5.902   1.00 34.13 ? 23  CYS B O   1 
ATOM   995  C CB  . CYS B 1 22  ? 4.136   11.021  6.480   1.00 31.25 ? 23  CYS B CB  1 
ATOM   996  S SG  . CYS B 1 22  ? 3.874   10.776  4.696   1.00 31.99 ? 23  CYS B SG  1 
ATOM   997  N N   . THR B 1 23  ? 6.760   13.504  5.825   1.00 35.99 ? 24  THR B N   1 
ATOM   998  C CA  . THR B 1 23  ? 7.045   14.785  5.169   1.00 37.91 ? 24  THR B CA  1 
ATOM   999  C C   . THR B 1 23  ? 6.866   14.752  3.646   1.00 39.45 ? 24  THR B C   1 
ATOM   1000 O O   . THR B 1 23  ? 6.973   13.696  3.017   1.00 39.10 ? 24  THR B O   1 
ATOM   1001 C CB  . THR B 1 23  ? 8.498   15.241  5.474   1.00 38.34 ? 24  THR B CB  1 
ATOM   1002 O OG1 . THR B 1 23  ? 8.678   15.365  6.890   1.00 39.51 ? 24  THR B OG1 1 
ATOM   1003 C CG2 . THR B 1 23  ? 8.800   16.579  4.812   1.00 38.46 ? 24  THR B CG2 1 
ATOM   1004 N N   . ARG B 1 24  ? 6.599   15.920  3.059   1.00 40.33 ? 25  ARG B N   1 
ATOM   1005 C CA  . ARG B 1 24  ? 6.412   16.037  1.614   1.00 41.00 ? 25  ARG B CA  1 
ATOM   1006 C C   . ARG B 1 24  ? 7.533   16.868  1.002   1.00 41.83 ? 25  ARG B C   1 
ATOM   1007 O O   . ARG B 1 24  ? 7.873   17.943  1.498   1.00 41.39 ? 25  ARG B O   1 
ATOM   1008 C CB  . ARG B 1 24  ? 5.067   16.671  1.308   1.00 40.84 ? 25  ARG B CB  1 
ATOM   1009 N N   . SER B 1 25  ? 8.103   16.359  -0.083  1.00 42.75 ? 26  SER B N   1 
ATOM   1010 C CA  . SER B 1 25  ? 9.200   17.026  -0.779  1.00 43.91 ? 26  SER B CA  1 
ATOM   1011 C C   . SER B 1 25  ? 8.828   18.410  -1.300  1.00 44.49 ? 26  SER B C   1 
ATOM   1012 O O   . SER B 1 25  ? 9.498   19.400  -0.990  1.00 44.92 ? 26  SER B O   1 
ATOM   1013 C CB  . SER B 1 25  ? 9.671   16.149  -1.935  1.00 43.48 ? 26  SER B CB  1 
ATOM   1014 O OG  . SER B 1 25  ? 8.586   15.832  -2.785  1.00 43.34 ? 26  SER B OG  1 
ATOM   1015 N N   . SER B 1 26  ? 7.763   18.472  -2.095  1.00 45.14 ? 27  SER B N   1 
ATOM   1016 C CA  . SER B 1 26  ? 7.295   19.729  -2.669  1.00 45.51 ? 27  SER B CA  1 
ATOM   1017 C C   . SER B 1 26  ? 5.775   19.766  -2.647  1.00 45.93 ? 27  SER B C   1 
ATOM   1018 O O   . SER B 1 26  ? 5.122   18.722  -2.630  1.00 45.81 ? 27  SER B O   1 
ATOM   1019 C CB  . SER B 1 26  ? 7.797   19.871  -4.099  1.00 45.48 ? 27  SER B CB  1 
ATOM   1020 N N   . GLY B 1 27  A 5.218   20.973  -2.654  1.00 46.85 ? 27  GLY B N   1 
ATOM   1021 C CA  . GLY B 1 27  A 3.773   21.120  -2.629  1.00 47.85 ? 27  GLY B CA  1 
ATOM   1022 C C   . GLY B 1 27  A 3.237   21.058  -1.213  1.00 48.40 ? 27  GLY B C   1 
ATOM   1023 O O   . GLY B 1 27  A 3.870   20.461  -0.342  1.00 48.76 ? 27  GLY B O   1 
ATOM   1024 N N   . SER B 1 28  B 2.078   21.670  -0.979  1.00 48.60 ? 27  SER B N   1 
ATOM   1025 C CA  . SER B 1 28  B 1.467   21.680  0.348   1.00 48.71 ? 27  SER B CA  1 
ATOM   1026 C C   . SER B 1 28  B 0.786   20.345  0.634   1.00 48.57 ? 27  SER B C   1 
ATOM   1027 O O   . SER B 1 28  B -0.139  19.948  -0.075  1.00 48.38 ? 27  SER B O   1 
ATOM   1028 C CB  . SER B 1 28  B 0.455   22.823  0.451   1.00 49.20 ? 27  SER B CB  1 
ATOM   1029 N N   . ILE B 1 29  ? 1.251   19.664  1.681   1.00 48.21 ? 28  ILE B N   1 
ATOM   1030 C CA  . ILE B 1 29  ? 0.719   18.361  2.078   1.00 47.71 ? 28  ILE B CA  1 
ATOM   1031 C C   . ILE B 1 29  ? -0.806  18.298  2.047   1.00 47.39 ? 28  ILE B C   1 
ATOM   1032 O O   . ILE B 1 29  ? -1.389  17.220  1.924   1.00 46.87 ? 28  ILE B O   1 
ATOM   1033 C CB  . ILE B 1 29  ? 1.229   17.997  3.472   1.00 47.93 ? 28  ILE B CB  1 
ATOM   1034 N N   . ALA B 1 30  ? -1.448  19.457  2.155   1.00 47.27 ? 29  ALA B N   1 
ATOM   1035 C CA  . ALA B 1 30  ? -2.906  19.526  2.150   1.00 47.00 ? 29  ALA B CA  1 
ATOM   1036 C C   . ALA B 1 30  ? -3.474  19.360  0.745   1.00 46.70 ? 29  ALA B C   1 
ATOM   1037 O O   . ALA B 1 30  ? -4.601  18.888  0.574   1.00 46.93 ? 29  ALA B O   1 
ATOM   1038 C CB  . ALA B 1 30  ? -3.365  20.851  2.749   1.00 47.40 ? 29  ALA B CB  1 
ATOM   1039 N N   . ASN B 1 31  ? -2.686  19.748  -0.254  1.00 45.81 ? 30  ASN B N   1 
ATOM   1040 C CA  . ASN B 1 31  ? -3.106  19.647  -1.648  1.00 45.05 ? 30  ASN B CA  1 
ATOM   1041 C C   . ASN B 1 31  ? -3.877  18.358  -1.889  1.00 44.24 ? 30  ASN B C   1 
ATOM   1042 O O   . ASN B 1 31  ? -4.967  18.378  -2.456  1.00 44.00 ? 30  ASN B O   1 
ATOM   1043 C CB  . ASN B 1 31  ? -1.890  19.709  -2.567  1.00 44.93 ? 30  ASN B CB  1 
ATOM   1044 N N   . ASN B 1 32  ? -3.309  17.242  -1.439  1.00 43.56 ? 31  ASN B N   1 
ATOM   1045 C CA  . ASN B 1 32  ? -3.938  15.934  -1.604  1.00 42.18 ? 31  ASN B CA  1 
ATOM   1046 C C   . ASN B 1 32  ? -3.985  15.163  -0.285  1.00 40.89 ? 31  ASN B C   1 
ATOM   1047 O O   . ASN B 1 32  ? -3.222  15.449  0.643   1.00 40.18 ? 31  ASN B O   1 
ATOM   1048 C CB  . ASN B 1 32  ? -3.188  15.125  -2.664  1.00 43.03 ? 31  ASN B CB  1 
ATOM   1049 N N   . TYR B 1 33  ? -4.888  14.188  -0.220  1.00 39.20 ? 32  TYR B N   1 
ATOM   1050 C CA  . TYR B 1 33  ? -5.080  13.357  0.962   1.00 37.87 ? 32  TYR B CA  1 
ATOM   1051 C C   . TYR B 1 33  ? -3.882  12.466  1.290   1.00 37.42 ? 32  TYR B C   1 
ATOM   1052 O O   . TYR B 1 33  ? -2.966  12.295  0.478   1.00 37.17 ? 32  TYR B O   1 
ATOM   1053 C CB  . TYR B 1 33  ? -6.321  12.493  0.785   1.00 38.00 ? 32  TYR B CB  1 
ATOM   1054 N N   . VAL B 1 34  ? -3.916  11.892  2.492   1.00 36.37 ? 33  VAL B N   1 
ATOM   1055 C CA  . VAL B 1 34  ? -2.860  11.009  2.983   1.00 34.86 ? 33  VAL B CA  1 
ATOM   1056 C C   . VAL B 1 34  ? -3.461  9.815   3.718   1.00 33.86 ? 33  VAL B C   1 
ATOM   1057 O O   . VAL B 1 34  ? -4.267  9.981   4.637   1.00 33.69 ? 33  VAL B O   1 
ATOM   1058 C CB  . VAL B 1 34  ? -1.915  11.758  3.949   1.00 34.03 ? 33  VAL B CB  1 
ATOM   1059 C CG1 . VAL B 1 34  ? -0.888  10.805  4.521   1.00 33.63 ? 33  VAL B CG1 1 
ATOM   1060 C CG2 . VAL B 1 34  ? -1.221  12.889  3.220   1.00 33.92 ? 33  VAL B CG2 1 
ATOM   1061 N N   . HIS B 1 35  ? -3.079  8.607   3.311   1.00 32.26 ? 34  HIS B N   1 
ATOM   1062 C CA  . HIS B 1 35  ? -3.587  7.404   3.957   1.00 30.75 ? 34  HIS B CA  1 
ATOM   1063 C C   . HIS B 1 35  ? -2.463  6.778   4.777   1.00 28.83 ? 34  HIS B C   1 
ATOM   1064 O O   . HIS B 1 35  ? -1.306  7.180   4.653   1.00 28.70 ? 34  HIS B O   1 
ATOM   1065 C CB  . HIS B 1 35  ? -4.061  6.370   2.929   1.00 31.67 ? 34  HIS B CB  1 
ATOM   1066 C CG  . HIS B 1 35  ? -5.036  6.900   1.923   1.00 33.16 ? 34  HIS B CG  1 
ATOM   1067 N ND1 . HIS B 1 35  ? -5.800  6.072   1.127   1.00 33.67 ? 34  HIS B ND1 1 
ATOM   1068 C CD2 . HIS B 1 35  ? -5.335  8.165   1.543   1.00 34.15 ? 34  HIS B CD2 1 
ATOM   1069 C CE1 . HIS B 1 35  ? -6.529  6.803   0.305   1.00 33.92 ? 34  HIS B CE1 1 
ATOM   1070 N NE2 . HIS B 1 35  ? -6.265  8.077   0.535   1.00 34.04 ? 34  HIS B NE2 1 
ATOM   1071 N N   . TRP B 1 36  ? -2.811  5.803   5.614   1.00 26.58 ? 35  TRP B N   1 
ATOM   1072 C CA  . TRP B 1 36  ? -1.825  5.085   6.426   1.00 24.47 ? 35  TRP B CA  1 
ATOM   1073 C C   . TRP B 1 36  ? -2.190  3.615   6.527   1.00 23.41 ? 35  TRP B C   1 
ATOM   1074 O O   . TRP B 1 36  ? -3.331  3.269   6.831   1.00 23.18 ? 35  TRP B O   1 
ATOM   1075 C CB  . TRP B 1 36  ? -1.730  5.625   7.861   1.00 23.63 ? 35  TRP B CB  1 
ATOM   1076 C CG  . TRP B 1 36  ? -1.206  7.019   8.019   1.00 22.28 ? 35  TRP B CG  1 
ATOM   1077 C CD1 . TRP B 1 36  ? -1.917  8.185   7.925   1.00 21.49 ? 35  TRP B CD1 1 
ATOM   1078 C CD2 . TRP B 1 36  ? 0.145   7.391   8.281   1.00 21.27 ? 35  TRP B CD2 1 
ATOM   1079 N NE1 . TRP B 1 36  ? -1.083  9.260   8.108   1.00 21.93 ? 35  TRP B NE1 1 
ATOM   1080 C CE2 . TRP B 1 36  ? 0.190   8.799   8.329   1.00 21.42 ? 35  TRP B CE2 1 
ATOM   1081 C CE3 . TRP B 1 36  ? 1.330   6.669   8.477   1.00 20.99 ? 35  TRP B CE3 1 
ATOM   1082 C CZ2 . TRP B 1 36  ? 1.370   9.499   8.565   1.00 21.75 ? 35  TRP B CZ2 1 
ATOM   1083 C CZ3 . TRP B 1 36  ? 2.504   7.364   8.708   1.00 21.24 ? 35  TRP B CZ3 1 
ATOM   1084 C CH2 . TRP B 1 36  ? 2.516   8.767   8.752   1.00 21.86 ? 35  TRP B CH2 1 
ATOM   1085 N N   . TYR B 1 37  ? -1.237  2.731   6.255   1.00 22.92 ? 36  TYR B N   1 
ATOM   1086 C CA  . TYR B 1 37  ? -1.553  1.329   6.419   1.00 21.27 ? 36  TYR B CA  1 
ATOM   1087 C C   . TYR B 1 37  ? -0.498  0.615   7.245   1.00 19.49 ? 36  TYR B C   1 
ATOM   1088 O O   . TYR B 1 37  ? 0.661   1.030   7.315   1.00 19.35 ? 36  TYR B O   1 
ATOM   1089 C CB  . TYR B 1 37  ? -1.770  0.605   5.087   1.00 22.99 ? 36  TYR B CB  1 
ATOM   1090 C CG  . TYR B 1 37  ? -0.568  0.435   4.207   1.00 22.83 ? 36  TYR B CG  1 
ATOM   1091 C CD1 . TYR B 1 37  ? -0.195  1.419   3.295   1.00 25.07 ? 36  TYR B CD1 1 
ATOM   1092 C CD2 . TYR B 1 37  ? 0.156   -0.759  4.229   1.00 24.54 ? 36  TYR B CD2 1 
ATOM   1093 C CE1 . TYR B 1 37  ? 0.869   1.210   2.405   1.00 24.62 ? 36  TYR B CE1 1 
ATOM   1094 C CE2 . TYR B 1 37  ? 1.215   -0.978  3.351   1.00 25.40 ? 36  TYR B CE2 1 
ATOM   1095 C CZ  . TYR B 1 37  ? 1.564   0.004   2.442   1.00 25.33 ? 36  TYR B CZ  1 
ATOM   1096 O OH  . TYR B 1 37  ? 2.588   -0.242  1.558   1.00 26.50 ? 36  TYR B OH  1 
ATOM   1097 N N   . GLN B 1 38  ? -0.952  -0.450  7.885   1.00 19.07 ? 37  GLN B N   1 
ATOM   1098 C CA  . GLN B 1 38  ? -0.152  -1.281  8.763   1.00 19.27 ? 37  GLN B CA  1 
ATOM   1099 C C   . GLN B 1 38  ? 0.140   -2.607  8.086   1.00 19.91 ? 37  GLN B C   1 
ATOM   1100 O O   . GLN B 1 38  ? -0.757  -3.253  7.553   1.00 18.51 ? 37  GLN B O   1 
ATOM   1101 C CB  . GLN B 1 38  ? -0.948  -1.534  10.037  1.00 18.48 ? 37  GLN B CB  1 
ATOM   1102 C CG  . GLN B 1 38  ? -0.262  -2.317  11.117  1.00 17.78 ? 37  GLN B CG  1 
ATOM   1103 C CD  . GLN B 1 38  ? -1.242  -2.712  12.192  1.00 18.78 ? 37  GLN B CD  1 
ATOM   1104 O OE1 . GLN B 1 38  ? -2.149  -3.502  11.943  1.00 18.05 ? 37  GLN B OE1 1 
ATOM   1105 N NE2 . GLN B 1 38  ? -1.082  -2.150  13.391  1.00 18.29 ? 37  GLN B NE2 1 
ATOM   1106 N N   . GLN B 1 39  ? 1.399   -3.022  8.144   1.00 19.97 ? 38  GLN B N   1 
ATOM   1107 C CA  . GLN B 1 39  ? 1.807   -4.273  7.542   1.00 21.21 ? 38  GLN B CA  1 
ATOM   1108 C C   . GLN B 1 39  ? 2.661   -5.025  8.541   1.00 21.29 ? 38  GLN B C   1 
ATOM   1109 O O   . GLN B 1 39  ? 3.829   -4.706  8.718   1.00 22.32 ? 38  GLN B O   1 
ATOM   1110 C CB  . GLN B 1 39  ? 2.602   -3.994  6.258   1.00 20.19 ? 38  GLN B CB  1 
ATOM   1111 C CG  . GLN B 1 39  ? 3.137   -5.226  5.566   1.00 23.05 ? 38  GLN B CG  1 
ATOM   1112 C CD  . GLN B 1 39  ? 3.755   -4.909  4.217   1.00 21.56 ? 38  GLN B CD  1 
ATOM   1113 O OE1 . GLN B 1 39  ? 4.590   -4.000  4.083   1.00 24.19 ? 38  GLN B OE1 1 
ATOM   1114 N NE2 . GLN B 1 39  ? 3.364   -5.665  3.212   1.00 24.14 ? 38  GLN B NE2 1 
ATOM   1115 N N   . ARG B 1 40  ? 2.071   -6.003  9.219   1.00 23.05 ? 39  ARG B N   1 
ATOM   1116 C CA  . ARG B 1 40  ? 2.840   -6.779  10.173  1.00 24.68 ? 39  ARG B CA  1 
ATOM   1117 C C   . ARG B 1 40  ? 3.856   -7.569  9.366   1.00 26.62 ? 39  ARG B C   1 
ATOM   1118 O O   . ARG B 1 40  ? 3.612   -7.887  8.198   1.00 27.28 ? 39  ARG B O   1 
ATOM   1119 C CB  . ARG B 1 40  ? 1.941   -7.713  10.990  1.00 24.61 ? 39  ARG B CB  1 
ATOM   1120 C CG  . ARG B 1 40  ? 0.959   -6.973  11.878  1.00 24.23 ? 39  ARG B CG  1 
ATOM   1121 C CD  . ARG B 1 40  ? 0.438   -7.842  13.017  1.00 24.30 ? 39  ARG B CD  1 
ATOM   1122 N NE  . ARG B 1 40  ? -0.403  -7.060  13.916  1.00 24.62 ? 39  ARG B NE  1 
ATOM   1123 C CZ  . ARG B 1 40  ? -1.684  -6.768  13.700  1.00 25.23 ? 39  ARG B CZ  1 
ATOM   1124 N NH1 . ARG B 1 40  ? -2.307  -7.198  12.605  1.00 22.56 ? 39  ARG B NH1 1 
ATOM   1125 N NH2 . ARG B 1 40  ? -2.340  -6.014  14.576  1.00 26.00 ? 39  ARG B NH2 1 
ATOM   1126 N N   . PRO B 1 41  ? 5.002   -7.902  9.974   1.00 28.18 ? 40  PRO B N   1 
ATOM   1127 C CA  . PRO B 1 41  ? 6.044   -8.655  9.274   1.00 29.40 ? 40  PRO B CA  1 
ATOM   1128 C C   . PRO B 1 41  ? 5.479   -9.805  8.460   1.00 30.53 ? 40  PRO B C   1 
ATOM   1129 O O   . PRO B 1 41  ? 4.510   -10.444 8.862   1.00 31.21 ? 40  PRO B O   1 
ATOM   1130 C CB  . PRO B 1 41  ? 6.947   -9.100  10.415  1.00 29.24 ? 40  PRO B CB  1 
ATOM   1131 C CG  . PRO B 1 41  ? 6.907   -7.865  11.305  1.00 29.05 ? 40  PRO B CG  1 
ATOM   1132 C CD  . PRO B 1 41  ? 5.400   -7.683  11.377  1.00 28.73 ? 40  PRO B CD  1 
ATOM   1133 N N   . GLY B 1 42  ? 6.076   -10.042 7.293   1.00 32.04 ? 41  GLY B N   1 
ATOM   1134 C CA  . GLY B 1 42  ? 5.618   -11.107 6.420   1.00 32.78 ? 41  GLY B CA  1 
ATOM   1135 C C   . GLY B 1 42  ? 4.110   -11.161 6.244   1.00 33.31 ? 41  GLY B C   1 
ATOM   1136 O O   . GLY B 1 42  ? 3.505   -12.229 6.368   1.00 33.21 ? 41  GLY B O   1 
ATOM   1137 N N   . SER B 1 43  ? 3.491   -10.021 5.944   1.00 33.46 ? 42  SER B N   1 
ATOM   1138 C CA  . SER B 1 43  ? 2.039   -9.994  5.767   1.00 33.98 ? 42  SER B CA  1 
ATOM   1139 C C   . SER B 1 43  ? 1.490   -8.909  4.849   1.00 33.80 ? 42  SER B C   1 
ATOM   1140 O O   . SER B 1 43  ? 2.216   -8.027  4.378   1.00 32.76 ? 42  SER B O   1 
ATOM   1141 C CB  . SER B 1 43  ? 1.339   -9.889  7.124   1.00 34.70 ? 42  SER B CB  1 
ATOM   1142 O OG  . SER B 1 43  ? -0.072  -9.900  6.961   1.00 36.05 ? 42  SER B OG  1 
ATOM   1143 N N   . SER B 1 44  ? 0.182   -9.000  4.612   1.00 33.91 ? 43  SER B N   1 
ATOM   1144 C CA  . SER B 1 44  ? -0.548  -8.076  3.752   1.00 34.03 ? 43  SER B CA  1 
ATOM   1145 C C   . SER B 1 44  ? -1.064  -6.842  4.495   1.00 33.46 ? 43  SER B C   1 
ATOM   1146 O O   . SER B 1 44  ? -1.622  -6.943  5.590   1.00 34.09 ? 43  SER B O   1 
ATOM   1147 C CB  . SER B 1 44  ? -1.718  -8.813  3.097   1.00 33.89 ? 43  SER B CB  1 
ATOM   1148 O OG  . SER B 1 44  ? -2.492  -9.492  4.072   1.00 34.00 ? 43  SER B OG  1 
ATOM   1149 N N   . PRO B 1 45  ? -0.901  -5.659  3.886   1.00 32.70 ? 44  PRO B N   1 
ATOM   1150 C CA  . PRO B 1 45  ? -1.324  -4.370  4.438   1.00 32.03 ? 44  PRO B CA  1 
ATOM   1151 C C   . PRO B 1 45  ? -2.785  -4.297  4.871   1.00 31.45 ? 44  PRO B C   1 
ATOM   1152 O O   . PRO B 1 45  ? -3.612  -5.122  4.475   1.00 31.15 ? 44  PRO B O   1 
ATOM   1153 C CB  . PRO B 1 45  ? -1.018  -3.411  3.296   1.00 32.13 ? 44  PRO B CB  1 
ATOM   1154 C CG  . PRO B 1 45  ? 0.201   -4.050  2.672   1.00 32.91 ? 44  PRO B CG  1 
ATOM   1155 C CD  . PRO B 1 45  ? -0.316  -5.455  2.552   1.00 32.18 ? 44  PRO B CD  1 
ATOM   1156 N N   . THR B 1 46  ? -3.079  -3.304  5.707   1.00 30.37 ? 45  THR B N   1 
ATOM   1157 C CA  . THR B 1 46  ? -4.431  -3.045  6.196   1.00 28.59 ? 45  THR B CA  1 
ATOM   1158 C C   . THR B 1 46  ? -4.443  -1.574  6.547   1.00 27.85 ? 45  THR B C   1 
ATOM   1159 O O   . THR B 1 46  ? -3.545  -1.082  7.226   1.00 27.24 ? 45  THR B O   1 
ATOM   1160 C CB  . THR B 1 46  ? -4.767  -3.812  7.473   1.00 29.18 ? 45  THR B CB  1 
ATOM   1161 O OG1 . THR B 1 46  ? -3.963  -3.309  8.544   1.00 29.62 ? 45  THR B OG1 1 
ATOM   1162 C CG2 . THR B 1 46  ? -4.520  -5.297  7.295   1.00 29.70 ? 45  THR B CG2 1 
ATOM   1163 N N   . THR B 1 47  ? -5.457  -0.861  6.078   1.00 26.22 ? 46  THR B N   1 
ATOM   1164 C CA  . THR B 1 47  ? -5.554  0.552   6.358   1.00 25.24 ? 46  THR B CA  1 
ATOM   1165 C C   . THR B 1 47  ? -5.867  0.791   7.831   1.00 24.97 ? 46  THR B C   1 
ATOM   1166 O O   . THR B 1 47  ? -6.671  0.078   8.436   1.00 24.79 ? 46  THR B O   1 
ATOM   1167 C CB  . THR B 1 47  ? -6.655  1.190   5.505   1.00 24.74 ? 46  THR B CB  1 
ATOM   1168 O OG1 . THR B 1 47  ? -6.433  0.852   4.132   1.00 23.49 ? 46  THR B OG1 1 
ATOM   1169 C CG2 . THR B 1 47  ? -6.648  2.694   5.665   1.00 24.07 ? 46  THR B CG2 1 
ATOM   1170 N N   . VAL B 1 48  ? -5.208  1.787   8.407   1.00 26.07 ? 47  VAL B N   1 
ATOM   1171 C CA  . VAL B 1 48  ? -5.446  2.146   9.794   1.00 26.69 ? 47  VAL B CA  1 
ATOM   1172 C C   . VAL B 1 48  ? -6.002  3.565   9.853   1.00 27.85 ? 47  VAL B C   1 
ATOM   1173 O O   . VAL B 1 48  ? -6.797  3.886   10.734  1.00 27.55 ? 47  VAL B O   1 
ATOM   1174 C CB  . VAL B 1 48  ? -4.160  2.039   10.651  1.00 25.90 ? 47  VAL B CB  1 
ATOM   1175 C CG1 . VAL B 1 48  ? -3.830  0.594   10.888  1.00 25.39 ? 47  VAL B CG1 1 
ATOM   1176 C CG2 . VAL B 1 48  ? -2.997  2.733   9.952   1.00 24.74 ? 47  VAL B CG2 1 
ATOM   1177 N N   . ILE B 1 49  ? -5.602  4.398   8.893   1.00 28.93 ? 48  ILE B N   1 
ATOM   1178 C CA  . ILE B 1 49  ? -6.053  5.787   8.822   1.00 30.90 ? 48  ILE B CA  1 
ATOM   1179 C C   . ILE B 1 49  ? -6.311  6.216   7.372   1.00 32.52 ? 48  ILE B C   1 
ATOM   1180 O O   . ILE B 1 49  ? -5.535  5.886   6.466   1.00 32.59 ? 48  ILE B O   1 
ATOM   1181 C CB  . ILE B 1 49  ? -5.007  6.709   9.465   1.00 30.64 ? 48  ILE B CB  1 
ATOM   1182 N N   . PHE B 1 50  ? -7.398  6.957   7.158   1.00 33.78 ? 49  PHE B N   1 
ATOM   1183 C CA  . PHE B 1 50  ? -7.758  7.432   5.821   1.00 34.88 ? 49  PHE B CA  1 
ATOM   1184 C C   . PHE B 1 50  ? -8.111  8.926   5.799   1.00 35.90 ? 49  PHE B C   1 
ATOM   1185 O O   . PHE B 1 50  ? -8.116  9.590   6.835   1.00 36.11 ? 49  PHE B O   1 
ATOM   1186 C CB  . PHE B 1 50  ? -8.923  6.617   5.280   1.00 34.50 ? 49  PHE B CB  1 
ATOM   1187 N N   . GLU B 1 51  ? -8.402  9.446   4.612   1.00 37.13 ? 50  GLU B N   1 
ATOM   1188 C CA  . GLU B 1 51  ? -8.756  10.853  4.447   1.00 38.00 ? 50  GLU B CA  1 
ATOM   1189 C C   . GLU B 1 51  ? -7.870  11.758  5.300   1.00 38.86 ? 50  GLU B C   1 
ATOM   1190 O O   . GLU B 1 51  ? -8.309  12.810  5.764   1.00 38.23 ? 50  GLU B O   1 
ATOM   1191 C CB  . GLU B 1 51  ? -10.219 11.066  4.807   1.00 38.23 ? 50  GLU B CB  1 
ATOM   1192 N N   . ASP B 1 52  ? -6.626  11.335  5.507   1.00 39.12 ? 51  ASP B N   1 
ATOM   1193 C CA  . ASP B 1 52  ? -5.660  12.094  6.296   1.00 39.86 ? 51  ASP B CA  1 
ATOM   1194 C C   . ASP B 1 52  ? -5.873  11.984  7.808   1.00 39.78 ? 51  ASP B C   1 
ATOM   1195 O O   . ASP B 1 52  ? -4.937  12.207  8.584   1.00 39.57 ? 51  ASP B O   1 
ATOM   1196 C CB  . ASP B 1 52  ? -5.675  13.573  5.872   1.00 40.00 ? 51  ASP B CB  1 
ATOM   1197 N N   . ASP B 1 53  ? -7.084  11.635  8.233   1.00 39.67 ? 52  ASP B N   1 
ATOM   1198 C CA  . ASP B 1 53  ? -7.350  11.528  9.663   1.00 40.00 ? 52  ASP B CA  1 
ATOM   1199 C C   . ASP B 1 53  ? -8.642  10.818  10.047  1.00 39.55 ? 52  ASP B C   1 
ATOM   1200 O O   . ASP B 1 53  ? -9.306  11.227  10.995  1.00 39.42 ? 52  ASP B O   1 
ATOM   1201 C CB  . ASP B 1 53  ? -7.330  12.919  10.293  1.00 40.41 ? 52  ASP B CB  1 
ATOM   1202 N N   . HIS B 1 54  ? -8.989  9.755   9.326   1.00 39.62 ? 53  HIS B N   1 
ATOM   1203 C CA  . HIS B 1 54  ? -10.197 8.979   9.612   1.00 39.56 ? 53  HIS B CA  1 
ATOM   1204 C C   . HIS B 1 54  ? -9.829  7.534   9.964   1.00 39.87 ? 53  HIS B C   1 
ATOM   1205 O O   . HIS B 1 54  ? -8.781  7.040   9.546   1.00 39.71 ? 53  HIS B O   1 
ATOM   1206 C CB  . HIS B 1 54  ? -11.122 9.005   8.410   1.00 39.99 ? 53  HIS B CB  1 
ATOM   1207 N N   . ARG B 1 55  ? -10.688 6.858   10.725  1.00 39.79 ? 54  ARG B N   1 
ATOM   1208 C CA  . ARG B 1 55  ? -10.429 5.475   11.134  1.00 40.42 ? 54  ARG B CA  1 
ATOM   1209 C C   . ARG B 1 55  ? -11.472 4.464   10.645  1.00 41.05 ? 54  ARG B C   1 
ATOM   1210 O O   . ARG B 1 55  ? -12.607 4.442   11.123  1.00 41.14 ? 54  ARG B O   1 
ATOM   1211 C CB  . ARG B 1 55  ? -10.314 5.398   12.652  1.00 40.54 ? 54  ARG B CB  1 
ATOM   1212 N N   . PRO B 1 56  ? -11.085 3.592   9.700   1.00 41.15 ? 55  PRO B N   1 
ATOM   1213 C CA  . PRO B 1 56  ? -11.954 2.564   9.119   1.00 40.94 ? 55  PRO B CA  1 
ATOM   1214 C C   . PRO B 1 56  ? -12.566 1.585   10.113  1.00 41.10 ? 55  PRO B C   1 
ATOM   1215 O O   . PRO B 1 56  ? -12.037 1.358   11.205  1.00 41.48 ? 55  PRO B O   1 
ATOM   1216 C CB  . PRO B 1 56  ? -11.025 1.868   8.126   1.00 40.91 ? 55  PRO B CB  1 
ATOM   1217 C CG  . PRO B 1 56  ? -9.677  2.018   8.791   1.00 40.88 ? 55  PRO B CG  1 
ATOM   1218 C CD  . PRO B 1 56  ? -9.748  3.499   9.092   1.00 41.24 ? 55  PRO B CD  1 
ATOM   1219 N N   . SER B 1 57  ? -13.690 1.004   9.708   1.00 40.95 ? 56  SER B N   1 
ATOM   1220 C CA  . SER B 1 57  ? -14.418 0.034   10.515  1.00 40.38 ? 56  SER B CA  1 
ATOM   1221 C C   . SER B 1 57  ? -13.495 -0.946  11.217  1.00 39.73 ? 56  SER B C   1 
ATOM   1222 O O   . SER B 1 57  ? -12.781 -1.709  10.568  1.00 40.03 ? 56  SER B O   1 
ATOM   1223 C CB  . SER B 1 57  ? -15.394 -0.742  9.628   1.00 40.55 ? 56  SER B CB  1 
ATOM   1224 O OG  . SER B 1 57  ? -16.040 -1.774  10.356  1.00 41.49 ? 56  SER B OG  1 
ATOM   1225 N N   . GLY B 1 58  ? -13.503 -0.921  12.546  1.00 38.69 ? 57  GLY B N   1 
ATOM   1226 C CA  . GLY B 1 58  ? -12.666 -1.842  13.293  1.00 37.19 ? 57  GLY B CA  1 
ATOM   1227 C C   . GLY B 1 58  ? -11.406 -1.303  13.946  1.00 35.89 ? 57  GLY B C   1 
ATOM   1228 O O   . GLY B 1 58  ? -11.053 -1.738  15.037  1.00 36.66 ? 57  GLY B O   1 
ATOM   1229 N N   . VAL B 1 59  ? -10.719 -0.365  13.299  1.00 34.95 ? 58  VAL B N   1 
ATOM   1230 C CA  . VAL B 1 59  ? -9.490  0.189   13.865  1.00 33.51 ? 58  VAL B CA  1 
ATOM   1231 C C   . VAL B 1 59  ? -9.767  0.949   15.164  1.00 32.65 ? 58  VAL B C   1 
ATOM   1232 O O   . VAL B 1 59  ? -10.597 1.852   15.201  1.00 32.74 ? 58  VAL B O   1 
ATOM   1233 C CB  . VAL B 1 59  ? -8.787  1.120   12.856  1.00 33.18 ? 58  VAL B CB  1 
ATOM   1234 C CG1 . VAL B 1 59  ? -7.535  1.727   13.480  1.00 32.30 ? 58  VAL B CG1 1 
ATOM   1235 C CG2 . VAL B 1 59  ? -8.425  0.339   11.607  1.00 32.62 ? 58  VAL B CG2 1 
ATOM   1236 N N   . PRO B 1 60  ? -9.056  0.593   16.245  1.00 31.89 ? 59  PRO B N   1 
ATOM   1237 C CA  . PRO B 1 60  ? -9.184  1.192   17.575  1.00 30.79 ? 59  PRO B CA  1 
ATOM   1238 C C   . PRO B 1 60  ? -8.943  2.698   17.667  1.00 30.29 ? 59  PRO B C   1 
ATOM   1239 O O   . PRO B 1 60  ? -8.282  3.296   16.816  1.00 29.40 ? 59  PRO B O   1 
ATOM   1240 C CB  . PRO B 1 60  ? -8.163  0.401   18.397  1.00 31.34 ? 59  PRO B CB  1 
ATOM   1241 C CG  . PRO B 1 60  ? -8.150  -0.935  17.707  1.00 31.79 ? 59  PRO B CG  1 
ATOM   1242 C CD  . PRO B 1 60  ? -8.020  -0.452  16.280  1.00 31.40 ? 59  PRO B CD  1 
ATOM   1243 N N   . ASP B 1 61  ? -9.493  3.291   18.726  1.00 29.53 ? 60  ASP B N   1 
ATOM   1244 C CA  . ASP B 1 61  ? -9.361  4.711   19.012  1.00 29.09 ? 60  ASP B CA  1 
ATOM   1245 C C   . ASP B 1 61  ? -7.884  5.032   19.199  1.00 27.44 ? 60  ASP B C   1 
ATOM   1246 O O   . ASP B 1 61  ? -7.480  6.192   19.144  1.00 28.07 ? 60  ASP B O   1 
ATOM   1247 C CB  . ASP B 1 61  ? -10.096 5.052   20.315  1.00 30.57 ? 60  ASP B CB  1 
ATOM   1248 C CG  . ASP B 1 61  ? -11.556 4.630   20.297  1.00 32.83 ? 60  ASP B CG  1 
ATOM   1249 O OD1 . ASP B 1 61  ? -12.361 5.260   19.577  1.00 35.05 ? 60  ASP B OD1 1 
ATOM   1250 O OD2 . ASP B 1 61  ? -11.899 3.656   21.000  1.00 33.07 ? 60  ASP B OD2 1 
ATOM   1251 N N   . ARG B 1 62  ? -7.085  3.997   19.443  1.00 26.59 ? 61  ARG B N   1 
ATOM   1252 C CA  . ARG B 1 62  ? -5.650  4.172   19.659  1.00 24.92 ? 61  ARG B CA  1 
ATOM   1253 C C   . ARG B 1 62  ? -4.904  4.795   18.483  1.00 24.09 ? 61  ARG B C   1 
ATOM   1254 O O   . ARG B 1 62  ? -3.861  5.413   18.676  1.00 23.38 ? 61  ARG B O   1 
ATOM   1255 C CB  . ARG B 1 62  ? -4.995  2.837   20.051  1.00 23.28 ? 61  ARG B CB  1 
ATOM   1256 C CG  . ARG B 1 62  ? -5.496  2.327   21.376  1.00 22.17 ? 61  ARG B CG  1 
ATOM   1257 C CD  . ARG B 1 62  ? -4.699  1.168   21.938  1.00 20.71 ? 61  ARG B CD  1 
ATOM   1258 N NE  . ARG B 1 62  ? -4.678  0.026   21.040  1.00 19.56 ? 61  ARG B NE  1 
ATOM   1259 C CZ  . ARG B 1 62  ? -3.661  -0.280  20.249  1.00 19.65 ? 61  ARG B CZ  1 
ATOM   1260 N NH1 . ARG B 1 62  ? -2.570  0.475   20.246  1.00 18.88 ? 61  ARG B NH1 1 
ATOM   1261 N NH2 . ARG B 1 62  ? -3.739  -1.343  19.460  1.00 19.70 ? 61  ARG B NH2 1 
ATOM   1262 N N   . PHE B 1 63  ? -5.429  4.632   17.270  1.00 24.07 ? 62  PHE B N   1 
ATOM   1263 C CA  . PHE B 1 63  ? -4.785  5.214   16.094  1.00 23.96 ? 62  PHE B CA  1 
ATOM   1264 C C   . PHE B 1 63  ? -5.457  6.525   15.706  1.00 24.01 ? 62  PHE B C   1 
ATOM   1265 O O   . PHE B 1 63  ? -6.667  6.650   15.808  1.00 25.24 ? 62  PHE B O   1 
ATOM   1266 C CB  . PHE B 1 63  ? -4.853  4.269   14.885  1.00 23.59 ? 62  PHE B CB  1 
ATOM   1267 C CG  . PHE B 1 63  ? -4.228  2.917   15.114  1.00 23.74 ? 62  PHE B CG  1 
ATOM   1268 C CD1 . PHE B 1 63  ? -4.886  1.945   15.857  1.00 23.33 ? 62  PHE B CD1 1 
ATOM   1269 C CD2 . PHE B 1 63  ? -2.972  2.620   14.586  1.00 22.62 ? 62  PHE B CD2 1 
ATOM   1270 C CE1 . PHE B 1 63  ? -4.309  0.696   16.075  1.00 23.15 ? 62  PHE B CE1 1 
ATOM   1271 C CE2 . PHE B 1 63  ? -2.388  1.380   14.797  1.00 23.23 ? 62  PHE B CE2 1 
ATOM   1272 C CZ  . PHE B 1 63  ? -3.059  0.414   15.545  1.00 23.00 ? 62  PHE B CZ  1 
ATOM   1273 N N   . SER B 1 64  ? -4.667  7.489   15.251  1.00 24.51 ? 63  SER B N   1 
ATOM   1274 C CA  . SER B 1 64  ? -5.189  8.786   14.822  1.00 25.75 ? 63  SER B CA  1 
ATOM   1275 C C   . SER B 1 64  ? -4.181  9.465   13.893  1.00 26.80 ? 63  SER B C   1 
ATOM   1276 O O   . SER B 1 64  ? -2.981  9.259   14.030  1.00 26.14 ? 63  SER B O   1 
ATOM   1277 C CB  . SER B 1 64  ? -5.457  9.690   16.036  1.00 24.76 ? 63  SER B CB  1 
ATOM   1278 O OG  . SER B 1 64  ? -4.267  9.947   16.770  1.00 23.58 ? 63  SER B OG  1 
ATOM   1279 N N   . GLY B 1 65  ? -4.674  10.274  12.955  1.00 28.02 ? 64  GLY B N   1 
ATOM   1280 C CA  . GLY B 1 65  ? -3.784  10.969  12.040  1.00 30.34 ? 64  GLY B CA  1 
ATOM   1281 C C   . GLY B 1 65  ? -3.992  12.472  11.981  1.00 31.94 ? 64  GLY B C   1 
ATOM   1282 O O   . GLY B 1 65  ? -5.084  12.957  12.257  1.00 32.12 ? 64  GLY B O   1 
ATOM   1283 N N   . SER B 1 66  ? -2.948  13.213  11.617  1.00 33.68 ? 65  SER B N   1 
ATOM   1284 C CA  . SER B 1 66  ? -3.041  14.664  11.526  1.00 35.89 ? 65  SER B CA  1 
ATOM   1285 C C   . SER B 1 66  ? -2.224  15.227  10.360  1.00 36.94 ? 65  SER B C   1 
ATOM   1286 O O   . SER B 1 66  ? -1.585  14.474  9.622   1.00 36.99 ? 65  SER B O   1 
ATOM   1287 C CB  . SER B 1 66  ? -2.594  15.300  12.844  1.00 35.77 ? 65  SER B CB  1 
ATOM   1288 O OG  . SER B 1 66  ? -1.259  14.948  13.155  1.00 35.24 ? 65  SER B OG  1 
ATOM   1289 N N   . VAL B 1 67  ? -2.256  16.550  10.199  1.00 38.28 ? 66  VAL B N   1 
ATOM   1290 C CA  . VAL B 1 67  ? -1.541  17.220  9.113   1.00 39.92 ? 66  VAL B CA  1 
ATOM   1291 C C   . VAL B 1 67  ? -1.005  18.591  9.538   1.00 40.84 ? 66  VAL B C   1 
ATOM   1292 O O   . VAL B 1 67  ? -1.777  19.485  9.882   1.00 41.02 ? 66  VAL B O   1 
ATOM   1293 C CB  . VAL B 1 67  ? -2.468  17.410  7.893   1.00 39.96 ? 66  VAL B CB  1 
ATOM   1294 C CG1 . VAL B 1 67  ? -1.683  17.991  6.722   1.00 40.16 ? 66  VAL B CG1 1 
ATOM   1295 C CG2 . VAL B 1 67  ? -3.103  16.081  7.515   1.00 39.21 ? 66  VAL B CG2 1 
ATOM   1296 N N   . ASP B 1 68  A 0.318   18.753  9.504   1.00 41.81 ? 66  ASP B N   1 
ATOM   1297 C CA  . ASP B 1 68  A 0.957   20.013  9.889   1.00 42.85 ? 66  ASP B CA  1 
ATOM   1298 C C   . ASP B 1 68  A 1.373   20.849  8.673   1.00 43.74 ? 66  ASP B C   1 
ATOM   1299 O O   . ASP B 1 68  A 2.430   20.619  8.073   1.00 43.92 ? 66  ASP B O   1 
ATOM   1300 C CB  . ASP B 1 68  A 2.179   19.733  10.769  1.00 42.37 ? 66  ASP B CB  1 
ATOM   1301 N N   . THR B 1 69  B 0.540   21.830  8.328   1.00 44.19 ? 66  THR B N   1 
ATOM   1302 C CA  . THR B 1 69  B 0.803   22.702  7.191   1.00 44.58 ? 66  THR B CA  1 
ATOM   1303 C C   . THR B 1 69  B 2.142   23.437  7.302   1.00 44.77 ? 66  THR B C   1 
ATOM   1304 O O   . THR B 1 69  B 2.896   23.518  6.330   1.00 45.35 ? 66  THR B O   1 
ATOM   1305 C CB  . THR B 1 69  B -0.337  23.705  7.039   1.00 44.54 ? 66  THR B CB  1 
ATOM   1306 N N   . SER B 1 70  ? 2.441   23.966  8.484   1.00 44.96 ? 67  SER B N   1 
ATOM   1307 C CA  . SER B 1 70  ? 3.689   24.701  8.693   1.00 45.00 ? 67  SER B CA  1 
ATOM   1308 C C   . SER B 1 70  ? 4.931   23.860  8.383   1.00 44.78 ? 67  SER B C   1 
ATOM   1309 O O   . SER B 1 70  ? 5.901   24.357  7.805   1.00 44.80 ? 67  SER B O   1 
ATOM   1310 C CB  . SER B 1 70  ? 3.753   25.225  10.128  1.00 45.33 ? 67  SER B CB  1 
ATOM   1311 N N   . SER B 1 71  ? 4.894   22.588  8.771   1.00 44.16 ? 68  SER B N   1 
ATOM   1312 C CA  . SER B 1 71  ? 6.012   21.677  8.539   1.00 43.30 ? 68  SER B CA  1 
ATOM   1313 C C   . SER B 1 71  ? 5.835   20.897  7.237   1.00 42.32 ? 68  SER B C   1 
ATOM   1314 O O   . SER B 1 71  ? 6.792   20.331  6.711   1.00 42.09 ? 68  SER B O   1 
ATOM   1315 C CB  . SER B 1 71  ? 6.146   20.702  9.717   1.00 43.28 ? 68  SER B CB  1 
ATOM   1316 N N   . ASN B 1 72  ? 4.605   20.876  6.727   1.00 40.98 ? 69  ASN B N   1 
ATOM   1317 C CA  . ASN B 1 72  ? 4.289   20.160  5.496   1.00 39.91 ? 69  ASN B CA  1 
ATOM   1318 C C   . ASN B 1 72  ? 4.457   18.660  5.729   1.00 39.02 ? 69  ASN B C   1 
ATOM   1319 O O   . ASN B 1 72  ? 5.030   17.953  4.896   1.00 39.05 ? 69  ASN B O   1 
ATOM   1320 C CB  . ASN B 1 72  ? 5.209   20.629  4.357   1.00 39.55 ? 69  ASN B CB  1 
ATOM   1321 N N   . SER B 1 73  ? 3.954   18.175  6.863   1.00 37.67 ? 70  SER B N   1 
ATOM   1322 C CA  . SER B 1 73  ? 4.088   16.758  7.194   1.00 35.99 ? 70  SER B CA  1 
ATOM   1323 C C   . SER B 1 73  ? 2.916   16.160  7.967   1.00 34.91 ? 70  SER B C   1 
ATOM   1324 O O   . SER B 1 73  ? 2.494   16.692  8.999   1.00 34.15 ? 70  SER B O   1 
ATOM   1325 C CB  . SER B 1 73  ? 5.380   16.538  7.977   1.00 36.12 ? 70  SER B CB  1 
ATOM   1326 N N   . ALA B 1 74  ? 2.402   15.043  7.458   1.00 32.70 ? 71  ALA B N   1 
ATOM   1327 C CA  . ALA B 1 74  ? 1.296   14.342  8.096   1.00 30.66 ? 71  ALA B CA  1 
ATOM   1328 C C   . ALA B 1 74  ? 1.911   13.416  9.135   1.00 29.19 ? 71  ALA B C   1 
ATOM   1329 O O   . ALA B 1 74  ? 3.101   13.092  9.064   1.00 28.14 ? 71  ALA B O   1 
ATOM   1330 C CB  . ALA B 1 74  ? 0.506   13.535  7.067   1.00 29.95 ? 71  ALA B CB  1 
ATOM   1331 N N   . SER B 1 75  ? 1.110   12.994  10.104  1.00 27.78 ? 72  SER B N   1 
ATOM   1332 C CA  . SER B 1 75  ? 1.624   12.120  11.143  1.00 26.72 ? 72  SER B CA  1 
ATOM   1333 C C   . SER B 1 75  ? 0.622   11.130  11.700  1.00 25.12 ? 72  SER B C   1 
ATOM   1334 O O   . SER B 1 75  ? -0.539  11.447  11.925  1.00 24.14 ? 72  SER B O   1 
ATOM   1335 C CB  . SER B 1 75  ? 2.203   12.946  12.294  1.00 27.84 ? 72  SER B CB  1 
ATOM   1336 O OG  . SER B 1 75  ? 3.370   13.627  11.885  1.00 30.15 ? 72  SER B OG  1 
ATOM   1337 N N   . LEU B 1 76  ? 1.100   9.913   11.910  1.00 22.95 ? 73  LEU B N   1 
ATOM   1338 C CA  . LEU B 1 76  ? 0.288   8.859   12.477  1.00 21.64 ? 73  LEU B CA  1 
ATOM   1339 C C   . LEU B 1 76  ? 0.673   8.719   13.948  1.00 21.18 ? 73  LEU B C   1 
ATOM   1340 O O   . LEU B 1 76  ? 1.863   8.641   14.285  1.00 20.04 ? 73  LEU B O   1 
ATOM   1341 C CB  . LEU B 1 76  ? 0.565   7.531   11.777  1.00 21.59 ? 73  LEU B CB  1 
ATOM   1342 C CG  . LEU B 1 76  ? -0.120  6.301   12.372  1.00 21.00 ? 73  LEU B CG  1 
ATOM   1343 C CD1 . LEU B 1 76  ? -1.631  6.425   12.245  1.00 19.81 ? 73  LEU B CD1 1 
ATOM   1344 C CD2 . LEU B 1 76  ? 0.387   5.048   11.661  1.00 21.72 ? 73  LEU B CD2 1 
ATOM   1345 N N   . THR B 1 77  ? -0.328  8.694   14.820  1.00 20.15 ? 74  THR B N   1 
ATOM   1346 C CA  . THR B 1 77  ? -0.075  8.523   16.242  1.00 18.95 ? 74  THR B CA  1 
ATOM   1347 C C   . THR B 1 77  ? -0.740  7.255   16.753  1.00 19.01 ? 74  THR B C   1 
ATOM   1348 O O   . THR B 1 77  ? -1.899  6.971   16.444  1.00 20.22 ? 74  THR B O   1 
ATOM   1349 C CB  . THR B 1 77  ? -0.590  9.730   17.087  1.00 19.68 ? 74  THR B CB  1 
ATOM   1350 O OG1 . THR B 1 77  ? 0.183   10.899  16.779  1.00 20.19 ? 74  THR B OG1 1 
ATOM   1351 C CG2 . THR B 1 77  ? -0.467  9.420   18.583  1.00 18.29 ? 74  THR B CG2 1 
ATOM   1352 N N   . ILE B 1 78  ? 0.014   6.478   17.522  1.00 17.84 ? 75  ILE B N   1 
ATOM   1353 C CA  . ILE B 1 78  ? -0.507  5.258   18.105  1.00 15.94 ? 75  ILE B CA  1 
ATOM   1354 C C   . ILE B 1 78  ? -0.300  5.369   19.607  1.00 15.81 ? 75  ILE B C   1 
ATOM   1355 O O   . ILE B 1 78  ? 0.834   5.418   20.083  1.00 14.13 ? 75  ILE B O   1 
ATOM   1356 C CB  . ILE B 1 78  ? 0.224   3.995   17.580  1.00 15.85 ? 75  ILE B CB  1 
ATOM   1357 C CG1 . ILE B 1 78  ? 0.009   3.850   16.068  1.00 16.13 ? 75  ILE B CG1 1 
ATOM   1358 C CG2 . ILE B 1 78  ? -0.305  2.768   18.297  1.00 16.47 ? 75  ILE B CG2 1 
ATOM   1359 C CD1 . ILE B 1 78  ? 0.825   2.730   15.404  1.00 15.72 ? 75  ILE B CD1 1 
ATOM   1360 N N   . SER B 1 79  ? -1.401  5.458   20.346  1.00 15.88 ? 76  SER B N   1 
ATOM   1361 C CA  . SER B 1 79  ? -1.327  5.547   21.800  1.00 17.14 ? 76  SER B CA  1 
ATOM   1362 C C   . SER B 1 79  ? -1.697  4.194   22.409  1.00 16.38 ? 76  SER B C   1 
ATOM   1363 O O   . SER B 1 79  ? -2.185  3.310   21.705  1.00 17.32 ? 76  SER B O   1 
ATOM   1364 C CB  . SER B 1 79  ? -2.273  6.641   22.315  1.00 16.70 ? 76  SER B CB  1 
ATOM   1365 O OG  . SER B 1 79  ? -3.609  6.360   21.945  1.00 18.01 ? 76  SER B OG  1 
ATOM   1366 N N   . GLY B 1 80  ? -1.453  4.038   23.708  1.00 15.93 ? 77  GLY B N   1 
ATOM   1367 C CA  . GLY B 1 80  ? -1.762  2.791   24.394  1.00 16.08 ? 77  GLY B CA  1 
ATOM   1368 C C   . GLY B 1 80  ? -1.148  1.593   23.686  1.00 16.35 ? 77  GLY B C   1 
ATOM   1369 O O   . GLY B 1 80  ? -1.819  0.578   23.501  1.00 15.86 ? 77  GLY B O   1 
ATOM   1370 N N   . LEU B 1 81  ? 0.128   1.703   23.320  1.00 16.03 ? 78  LEU B N   1 
ATOM   1371 C CA  . LEU B 1 81  ? 0.816   0.641   22.581  1.00 16.05 ? 78  LEU B CA  1 
ATOM   1372 C C   . LEU B 1 81  ? 0.647   -0.779  23.091  1.00 15.99 ? 78  LEU B C   1 
ATOM   1373 O O   . LEU B 1 81  ? 0.793   -1.067  24.281  1.00 15.38 ? 78  LEU B O   1 
ATOM   1374 C CB  . LEU B 1 81  ? 2.310   0.966   22.440  1.00 16.63 ? 78  LEU B CB  1 
ATOM   1375 C CG  . LEU B 1 81  ? 2.634   2.086   21.436  1.00 17.43 ? 78  LEU B CG  1 
ATOM   1376 C CD1 . LEU B 1 81  ? 4.071   2.566   21.601  1.00 18.73 ? 78  LEU B CD1 1 
ATOM   1377 C CD2 . LEU B 1 81  ? 2.373   1.595   20.011  1.00 16.60 ? 78  LEU B CD2 1 
ATOM   1378 N N   . LYS B 1 82  ? 0.333   -1.658  22.146  1.00 16.79 ? 79  LYS B N   1 
ATOM   1379 C CA  . LYS B 1 82  ? 0.143   -3.080  22.394  1.00 16.64 ? 79  LYS B CA  1 
ATOM   1380 C C   . LYS B 1 82  ? 1.154   -3.830  21.533  1.00 17.24 ? 79  LYS B C   1 
ATOM   1381 O O   . LYS B 1 82  ? 1.583   -3.332  20.489  1.00 15.63 ? 79  LYS B O   1 
ATOM   1382 C CB  . LYS B 1 82  ? -1.274  -3.514  21.997  1.00 17.67 ? 79  LYS B CB  1 
ATOM   1383 C CG  . LYS B 1 82  ? -2.369  -3.205  23.009  1.00 20.72 ? 79  LYS B CG  1 
ATOM   1384 C CD  . LYS B 1 82  ? -3.676  -3.824  22.539  1.00 21.61 ? 79  LYS B CD  1 
ATOM   1385 C CE  . LYS B 1 82  ? -4.687  -3.984  23.667  1.00 23.39 ? 79  LYS B CE  1 
ATOM   1386 N NZ  . LYS B 1 82  ? -5.098  -2.701  24.314  1.00 23.38 ? 79  LYS B NZ  1 
ATOM   1387 N N   . THR B 1 83  ? 1.514   -5.029  21.967  1.00 18.19 ? 80  THR B N   1 
ATOM   1388 C CA  . THR B 1 83  ? 2.469   -5.848  21.231  1.00 19.53 ? 80  THR B CA  1 
ATOM   1389 C C   . THR B 1 83  ? 2.076   -6.021  19.765  1.00 19.29 ? 80  THR B C   1 
ATOM   1390 O O   . THR B 1 83  ? 2.934   -6.033  18.886  1.00 19.48 ? 80  THR B O   1 
ATOM   1391 C CB  . THR B 1 83  ? 2.590   -7.239  21.870  1.00 19.68 ? 80  THR B CB  1 
ATOM   1392 O OG1 . THR B 1 83  ? 2.965   -7.091  23.246  1.00 20.71 ? 80  THR B OG1 1 
ATOM   1393 C CG2 . THR B 1 83  ? 3.640   -8.066  21.149  1.00 20.96 ? 80  THR B CG2 1 
ATOM   1394 N N   . GLU B 1 84  ? 0.777   -6.135  19.505  1.00 19.86 ? 81  GLU B N   1 
ATOM   1395 C CA  . GLU B 1 84  ? 0.274   -6.342  18.150  1.00 20.70 ? 81  GLU B CA  1 
ATOM   1396 C C   . GLU B 1 84  ? 0.511   -5.173  17.205  1.00 19.78 ? 81  GLU B C   1 
ATOM   1397 O O   . GLU B 1 84  ? 0.395   -5.321  15.993  1.00 19.31 ? 81  GLU B O   1 
ATOM   1398 C CB  . GLU B 1 84  ? -1.217  -6.670  18.200  1.00 22.12 ? 81  GLU B CB  1 
ATOM   1399 C CG  . GLU B 1 84  ? -2.074  -5.546  18.721  1.00 24.75 ? 81  GLU B CG  1 
ATOM   1400 C CD  . GLU B 1 84  ? -3.478  -5.995  19.035  1.00 27.29 ? 81  GLU B CD  1 
ATOM   1401 O OE1 . GLU B 1 84  ? -3.657  -6.767  20.007  1.00 27.68 ? 81  GLU B OE1 1 
ATOM   1402 O OE2 . GLU B 1 84  ? -4.400  -5.590  18.297  1.00 27.26 ? 81  GLU B OE2 1 
ATOM   1403 N N   . ASP B 1 85  ? 0.850   -4.014  17.767  1.00 18.95 ? 82  ASP B N   1 
ATOM   1404 C CA  . ASP B 1 85  ? 1.109   -2.831  16.969  1.00 17.87 ? 82  ASP B CA  1 
ATOM   1405 C C   . ASP B 1 85  ? 2.472   -2.892  16.280  1.00 16.69 ? 82  ASP B C   1 
ATOM   1406 O O   . ASP B 1 85  ? 2.766   -2.066  15.417  1.00 16.36 ? 82  ASP B O   1 
ATOM   1407 C CB  . ASP B 1 85  ? 1.036   -1.567  17.835  1.00 18.52 ? 82  ASP B CB  1 
ATOM   1408 C CG  . ASP B 1 85  ? -0.326  -1.362  18.460  1.00 19.34 ? 82  ASP B CG  1 
ATOM   1409 O OD1 . ASP B 1 85  ? -1.339  -1.622  17.772  1.00 19.75 ? 82  ASP B OD1 1 
ATOM   1410 O OD2 . ASP B 1 85  ? -0.386  -0.908  19.629  1.00 19.86 ? 82  ASP B OD2 1 
ATOM   1411 N N   . GLU B 1 86  ? 3.311   -3.854  16.663  1.00 16.14 ? 83  GLU B N   1 
ATOM   1412 C CA  . GLU B 1 86  ? 4.622   -3.975  16.022  1.00 14.90 ? 83  GLU B CA  1 
ATOM   1413 C C   . GLU B 1 86  ? 4.369   -4.293  14.547  1.00 15.38 ? 83  GLU B C   1 
ATOM   1414 O O   . GLU B 1 86  ? 3.718   -5.299  14.199  1.00 14.40 ? 83  GLU B O   1 
ATOM   1415 C CB  . GLU B 1 86  ? 5.465   -5.066  16.694  1.00 16.37 ? 83  GLU B CB  1 
ATOM   1416 C CG  . GLU B 1 86  ? 6.878   -5.188  16.122  1.00 18.61 ? 83  GLU B CG  1 
ATOM   1417 C CD  . GLU B 1 86  ? 7.862   -5.834  17.092  1.00 21.00 ? 83  GLU B CD  1 
ATOM   1418 O OE1 . GLU B 1 86  ? 8.031   -5.301  18.223  1.00 20.70 ? 83  GLU B OE1 1 
ATOM   1419 O OE2 . GLU B 1 86  ? 8.473   -6.864  16.721  1.00 21.21 ? 83  GLU B OE2 1 
ATOM   1420 N N   . ALA B 1 87  ? 4.861   -3.408  13.691  1.00 14.34 ? 84  ALA B N   1 
ATOM   1421 C CA  . ALA B 1 87  ? 4.667   -3.536  12.258  1.00 15.73 ? 84  ALA B CA  1 
ATOM   1422 C C   . ALA B 1 87  ? 5.364   -2.409  11.526  1.00 15.57 ? 84  ALA B C   1 
ATOM   1423 O O   . ALA B 1 87  ? 5.970   -1.520  12.140  1.00 16.17 ? 84  ALA B O   1 
ATOM   1424 C CB  . ALA B 1 87  ? 3.162   -3.492  11.939  1.00 15.07 ? 84  ALA B CB  1 
ATOM   1425 N N   . ASP B 1 88  ? 5.296   -2.459  10.200  1.00 16.45 ? 85  ASP B N   1 
ATOM   1426 C CA  . ASP B 1 88  ? 5.848   -1.401  9.367   1.00 16.83 ? 85  ASP B CA  1 
ATOM   1427 C C   . ASP B 1 88  ? 4.648   -0.518  9.031   1.00 16.92 ? 85  ASP B C   1 
ATOM   1428 O O   . ASP B 1 88  ? 3.568   -1.033  8.756   1.00 18.42 ? 85  ASP B O   1 
ATOM   1429 C CB  . ASP B 1 88  ? 6.420   -1.952  8.055   1.00 17.97 ? 85  ASP B CB  1 
ATOM   1430 C CG  . ASP B 1 88  ? 7.760   -2.633  8.233   1.00 19.77 ? 85  ASP B CG  1 
ATOM   1431 O OD1 . ASP B 1 88  ? 8.748   -1.936  8.590   1.00 19.18 ? 85  ASP B OD1 1 
ATOM   1432 O OD2 . ASP B 1 88  ? 7.820   -3.861  8.007   1.00 19.69 ? 85  ASP B OD2 1 
ATOM   1433 N N   . TYR B 1 89  ? 4.825   0.795   9.075   1.00 17.76 ? 86  TYR B N   1 
ATOM   1434 C CA  . TYR B 1 89  ? 3.738   1.708   8.741   1.00 17.68 ? 86  TYR B CA  1 
ATOM   1435 C C   . TYR B 1 89  ? 4.096   2.588   7.566   1.00 17.20 ? 86  TYR B C   1 
ATOM   1436 O O   . TYR B 1 89  ? 5.170   3.192   7.533   1.00 17.42 ? 86  TYR B O   1 
ATOM   1437 C CB  . TYR B 1 89  ? 3.366   2.592   9.933   1.00 16.81 ? 86  TYR B CB  1 
ATOM   1438 C CG  . TYR B 1 89  ? 2.752   1.826   11.069  1.00 15.85 ? 86  TYR B CG  1 
ATOM   1439 C CD1 . TYR B 1 89  ? 3.545   1.145   11.986  1.00 16.83 ? 86  TYR B CD1 1 
ATOM   1440 C CD2 . TYR B 1 89  ? 1.372   1.719   11.183  1.00 15.02 ? 86  TYR B CD2 1 
ATOM   1441 C CE1 . TYR B 1 89  ? 2.981   0.367   12.986  1.00 14.37 ? 86  TYR B CE1 1 
ATOM   1442 C CE2 . TYR B 1 89  ? 0.796   0.939   12.180  1.00 15.41 ? 86  TYR B CE2 1 
ATOM   1443 C CZ  . TYR B 1 89  ? 1.612   0.266   13.074  1.00 14.85 ? 86  TYR B CZ  1 
ATOM   1444 O OH  . TYR B 1 89  ? 1.058   -0.521  14.037  1.00 13.66 ? 86  TYR B OH  1 
ATOM   1445 N N   . TYR B 1 90  ? 3.185   2.674   6.602   1.00 18.66 ? 87  TYR B N   1 
ATOM   1446 C CA  . TYR B 1 90  ? 3.436   3.486   5.422   1.00 19.82 ? 87  TYR B CA  1 
ATOM   1447 C C   . TYR B 1 90  ? 2.374   4.539   5.211   1.00 20.70 ? 87  TYR B C   1 
ATOM   1448 O O   . TYR B 1 90  ? 1.187   4.263   5.364   1.00 20.75 ? 87  TYR B O   1 
ATOM   1449 C CB  . TYR B 1 90  ? 3.470   2.629   4.145   1.00 19.42 ? 87  TYR B CB  1 
ATOM   1450 C CG  . TYR B 1 90  ? 4.470   1.493   4.165   1.00 17.58 ? 87  TYR B CG  1 
ATOM   1451 C CD1 . TYR B 1 90  ? 4.137   0.251   4.703   1.00 18.59 ? 87  TYR B CD1 1 
ATOM   1452 C CD2 . TYR B 1 90  ? 5.747   1.670   3.658   1.00 17.72 ? 87  TYR B CD2 1 
ATOM   1453 C CE1 . TYR B 1 90  ? 5.064   -0.792  4.726   1.00 16.89 ? 87  TYR B CE1 1 
ATOM   1454 C CE2 . TYR B 1 90  ? 6.681   0.636   3.679   1.00 18.42 ? 87  TYR B CE2 1 
ATOM   1455 C CZ  . TYR B 1 90  ? 6.328   -0.587  4.212   1.00 16.06 ? 87  TYR B CZ  1 
ATOM   1456 O OH  . TYR B 1 90  ? 7.251   -1.610  4.210   1.00 16.09 ? 87  TYR B OH  1 
ATOM   1457 N N   . CYS B 1 91  ? 2.804   5.743   4.864   1.00 21.93 ? 88  CYS B N   1 
ATOM   1458 C CA  . CYS B 1 91  ? 1.845   6.785   4.558   1.00 24.48 ? 88  CYS B CA  1 
ATOM   1459 C C   . CYS B 1 91  ? 1.654   6.715   3.047   1.00 24.44 ? 88  CYS B C   1 
ATOM   1460 O O   . CYS B 1 91  ? 2.590   6.383   2.321   1.00 23.72 ? 88  CYS B O   1 
ATOM   1461 C CB  . CYS B 1 91  ? 2.339   8.177   4.984   1.00 25.39 ? 88  CYS B CB  1 
ATOM   1462 S SG  . CYS B 1 91  ? 3.943   8.766   4.369   1.00 29.91 ? 88  CYS B SG  1 
ATOM   1463 N N   . GLN B 1 92  ? 0.434   6.991   2.591   1.00 25.64 ? 89  GLN B N   1 
ATOM   1464 C CA  . GLN B 1 92  ? 0.102   6.961   1.166   1.00 26.64 ? 89  GLN B CA  1 
ATOM   1465 C C   . GLN B 1 92  ? -0.404  8.358   0.793   1.00 28.10 ? 89  GLN B C   1 
ATOM   1466 O O   . GLN B 1 92  ? -1.069  9.011   1.595   1.00 27.46 ? 89  GLN B O   1 
ATOM   1467 C CB  . GLN B 1 92  ? -1.019  5.944   0.893   1.00 25.75 ? 89  GLN B CB  1 
ATOM   1468 C CG  . GLN B 1 92  ? -0.811  4.525   1.460   1.00 25.91 ? 89  GLN B CG  1 
ATOM   1469 C CD  . GLN B 1 92  ? -2.058  3.653   1.312   1.00 23.88 ? 89  GLN B CD  1 
ATOM   1470 O OE1 . GLN B 1 92  ? -2.490  3.362   0.206   1.00 26.36 ? 89  GLN B OE1 1 
ATOM   1471 N NE2 . GLN B 1 92  ? -2.645  3.250   2.433   1.00 25.53 ? 89  GLN B NE2 1 
ATOM   1472 N N   . SER B 1 93  ? -0.090  8.811   -0.416  1.00 29.80 ? 90  SER B N   1 
ATOM   1473 C CA  . SER B 1 93  ? -0.540  10.118  -0.879  1.00 31.71 ? 90  SER B CA  1 
ATOM   1474 C C   . SER B 1 93  ? -0.801  10.053  -2.386  1.00 32.88 ? 90  SER B C   1 
ATOM   1475 O O   . SER B 1 93  ? -0.158  9.282   -3.099  1.00 32.57 ? 90  SER B O   1 
ATOM   1476 C CB  . SER B 1 93  ? 0.513   11.177  -0.558  1.00 31.42 ? 90  SER B CB  1 
ATOM   1477 O OG  . SER B 1 93  ? 0.027   12.475  -0.843  1.00 33.00 ? 90  SER B OG  1 
ATOM   1478 N N   . TYR B 1 94  ? -1.743  10.857  -2.874  1.00 34.12 ? 91  TYR B N   1 
ATOM   1479 C CA  . TYR B 1 94  ? -2.070  10.836  -4.296  1.00 36.39 ? 91  TYR B CA  1 
ATOM   1480 C C   . TYR B 1 94  ? -1.593  12.036  -5.099  1.00 37.90 ? 91  TYR B C   1 
ATOM   1481 O O   . TYR B 1 94  ? -1.447  13.147  -4.582  1.00 37.35 ? 91  TYR B O   1 
ATOM   1482 C CB  . TYR B 1 94  ? -3.580  10.669  -4.494  1.00 36.64 ? 91  TYR B CB  1 
ATOM   1483 C CG  . TYR B 1 94  ? -4.130  9.387   -3.933  1.00 37.93 ? 91  TYR B CG  1 
ATOM   1484 C CD1 . TYR B 1 94  ? -4.124  9.152   -2.561  1.00 38.29 ? 91  TYR B CD1 1 
ATOM   1485 C CD2 . TYR B 1 94  ? -4.658  8.411   -4.776  1.00 38.29 ? 91  TYR B CD2 1 
ATOM   1486 C CE1 . TYR B 1 94  ? -4.633  7.964   -2.037  1.00 38.58 ? 91  TYR B CE1 1 
ATOM   1487 C CE2 . TYR B 1 94  ? -5.169  7.221   -4.264  1.00 38.93 ? 91  TYR B CE2 1 
ATOM   1488 C CZ  . TYR B 1 94  ? -5.157  6.996   -2.891  1.00 39.20 ? 91  TYR B CZ  1 
ATOM   1489 N N   . ASP B 1 95  ? -1.358  11.782  -6.381  1.00 39.35 ? 92  ASP B N   1 
ATOM   1490 C CA  . ASP B 1 95  ? -0.899  12.788  -7.331  1.00 41.60 ? 92  ASP B CA  1 
ATOM   1491 C C   . ASP B 1 95  ? -1.616  12.443  -8.634  1.00 42.16 ? 92  ASP B C   1 
ATOM   1492 O O   . ASP B 1 95  ? -1.789  11.263  -8.939  1.00 42.67 ? 92  ASP B O   1 
ATOM   1493 C CB  . ASP B 1 95  ? 0.611   12.665  -7.532  1.00 41.65 ? 92  ASP B CB  1 
ATOM   1494 C CG  . ASP B 1 95  ? 1.188   13.828  -8.299  1.00 42.12 ? 92  ASP B CG  1 
ATOM   1495 O OD1 . ASP B 1 95  ? 0.472   14.832  -8.478  1.00 42.77 ? 92  ASP B OD1 1 
ATOM   1496 O OD2 . ASP B 1 95  ? 2.363   13.748  -8.709  1.00 42.30 ? 92  ASP B OD2 1 
ATOM   1497 N N   . HIS B 1 96  ? -2.029  13.447  -9.402  1.00 43.10 ? 93  HIS B N   1 
ATOM   1498 C CA  . HIS B 1 96  ? -2.731  13.171  -10.656 1.00 43.75 ? 93  HIS B CA  1 
ATOM   1499 C C   . HIS B 1 96  ? -2.097  11.999  -11.415 1.00 42.89 ? 93  HIS B C   1 
ATOM   1500 O O   . HIS B 1 96  ? -0.927  12.047  -11.811 1.00 43.27 ? 93  HIS B O   1 
ATOM   1501 C CB  . HIS B 1 96  ? -2.782  14.429  -11.546 1.00 45.31 ? 93  HIS B CB  1 
ATOM   1502 C CG  . HIS B 1 96  ? -1.439  15.000  -11.882 1.00 46.87 ? 93  HIS B CG  1 
ATOM   1503 N ND1 . HIS B 1 96  ? -0.575  15.484  -10.923 1.00 47.44 ? 93  HIS B ND1 1 
ATOM   1504 C CD2 . HIS B 1 96  ? -0.815  15.169  -13.071 1.00 47.37 ? 93  HIS B CD2 1 
ATOM   1505 C CE1 . HIS B 1 96  ? 0.524   15.928  -11.507 1.00 48.08 ? 93  HIS B CE1 1 
ATOM   1506 N NE2 . HIS B 1 96  ? 0.404   15.749  -12.810 1.00 48.40 ? 93  HIS B NE2 1 
ATOM   1507 N N   . ASN B 1 97  ? -2.882  10.939  -11.586 1.00 41.83 ? 94  ASN B N   1 
ATOM   1508 C CA  . ASN B 1 97  ? -2.438  9.736   -12.281 1.00 40.11 ? 94  ASN B CA  1 
ATOM   1509 C C   . ASN B 1 97  ? -1.334  8.968   -11.554 1.00 38.40 ? 94  ASN B C   1 
ATOM   1510 O O   . ASN B 1 97  ? -0.499  8.328   -12.196 1.00 38.59 ? 94  ASN B O   1 
ATOM   1511 C CB  . ASN B 1 97  ? -1.973  10.093  -13.696 1.00 41.53 ? 94  ASN B CB  1 
ATOM   1512 C CG  . ASN B 1 97  ? -3.095  10.643  -14.553 1.00 42.64 ? 94  ASN B CG  1 
ATOM   1513 O OD1 . ASN B 1 97  ? -3.785  11.584  -14.156 1.00 43.87 ? 94  ASN B OD1 1 
ATOM   1514 N ND2 . ASN B 1 97  ? -3.280  10.065  -15.735 1.00 43.21 ? 94  ASN B ND2 1 
ATOM   1515 N N   . ASN B 1 98  ? -1.322  9.025   -10.222 1.00 36.16 ? 95  ASN B N   1 
ATOM   1516 C CA  . ASN B 1 98  ? -0.307  8.305   -9.465  1.00 33.45 ? 95  ASN B CA  1 
ATOM   1517 C C   . ASN B 1 98  ? -0.450  8.307   -7.943  1.00 31.95 ? 95  ASN B C   1 
ATOM   1518 O O   . ASN B 1 98  ? -0.803  9.312   -7.328  1.00 30.80 ? 95  ASN B O   1 
ATOM   1519 C CB  . ASN B 1 98  ? 1.089   8.807   -9.838  1.00 33.73 ? 95  ASN B CB  1 
ATOM   1520 C CG  . ASN B 1 98  ? 2.189   8.018   -9.156  1.00 34.00 ? 95  ASN B CG  1 
ATOM   1521 O OD1 . ASN B 1 98  ? 2.181   6.785   -9.175  1.00 33.57 ? 95  ASN B OD1 1 
ATOM   1522 N ND2 . ASN B 1 98  ? 3.149   8.724   -8.560  1.00 34.15 ? 95  ASN B ND2 1 
ATOM   1523 N N   . GLN B 1 99  ? -0.140  7.152   -7.361  1.00 29.31 ? 96  GLN B N   1 
ATOM   1524 C CA  . GLN B 1 99  ? -0.195  6.913   -5.928  1.00 27.48 ? 96  GLN B CA  1 
ATOM   1525 C C   . GLN B 1 99  ? 1.238   6.826   -5.394  1.00 26.59 ? 96  GLN B C   1 
ATOM   1526 O O   . GLN B 1 99  ? 2.025   5.987   -5.842  1.00 26.24 ? 96  GLN B O   1 
ATOM   1527 C CB  . GLN B 1 99  ? -0.931  5.598   -5.684  1.00 25.98 ? 96  GLN B CB  1 
ATOM   1528 C CG  . GLN B 1 99  ? -0.924  5.107   -4.263  1.00 25.30 ? 96  GLN B CG  1 
ATOM   1529 C CD  . GLN B 1 99  ? -1.581  3.740   -4.139  1.00 24.03 ? 96  GLN B CD  1 
ATOM   1530 O OE1 . GLN B 1 99  ? -1.182  2.777   -4.809  1.00 23.87 ? 96  GLN B OE1 1 
ATOM   1531 N NE2 . GLN B 1 99  ? -2.582  3.645   -3.285  1.00 22.54 ? 96  GLN B NE2 1 
ATOM   1532 N N   . VAL B 1 100 ? 1.571   7.685   -4.432  1.00 25.66 ? 97  VAL B N   1 
ATOM   1533 C CA  . VAL B 1 100 ? 2.918   7.721   -3.857  1.00 25.35 ? 97  VAL B CA  1 
ATOM   1534 C C   . VAL B 1 100 ? 2.997   7.174   -2.430  1.00 24.38 ? 97  VAL B C   1 
ATOM   1535 O O   . VAL B 1 100 ? 2.116   7.439   -1.607  1.00 24.37 ? 97  VAL B O   1 
ATOM   1536 C CB  . VAL B 1 100 ? 3.456   9.167   -3.852  1.00 25.17 ? 97  VAL B CB  1 
ATOM   1537 C CG1 . VAL B 1 100 ? 4.861   9.204   -3.278  1.00 25.48 ? 97  VAL B CG1 1 
ATOM   1538 C CG2 . VAL B 1 100 ? 3.425   9.733   -5.266  1.00 27.01 ? 97  VAL B CG2 1 
ATOM   1539 N N   . PHE B 1 101 ? 4.052   6.418   -2.133  1.00 23.32 ? 98  PHE B N   1 
ATOM   1540 C CA  . PHE B 1 101 ? 4.229   5.854   -0.794  1.00 22.30 ? 98  PHE B CA  1 
ATOM   1541 C C   . PHE B 1 101 ? 5.409   6.454   -0.037  1.00 22.16 ? 98  PHE B C   1 
ATOM   1542 O O   . PHE B 1 101 ? 6.386   6.923   -0.631  1.00 22.22 ? 98  PHE B O   1 
ATOM   1543 C CB  . PHE B 1 101 ? 4.447   4.341   -0.849  1.00 21.89 ? 98  PHE B CB  1 
ATOM   1544 C CG  . PHE B 1 101 ? 3.288   3.572   -1.388  1.00 20.88 ? 98  PHE B CG  1 
ATOM   1545 C CD1 . PHE B 1 101 ? 2.957   3.632   -2.737  1.00 20.94 ? 98  PHE B CD1 1 
ATOM   1546 C CD2 . PHE B 1 101 ? 2.534   2.767   -0.547  1.00 20.79 ? 98  PHE B CD2 1 
ATOM   1547 C CE1 . PHE B 1 101 ? 1.884   2.894   -3.243  1.00 21.57 ? 98  PHE B CE1 1 
ATOM   1548 C CE2 . PHE B 1 101 ? 1.457   2.023   -1.038  1.00 21.05 ? 98  PHE B CE2 1 
ATOM   1549 C CZ  . PHE B 1 101 ? 1.129   2.085   -2.389  1.00 20.69 ? 98  PHE B CZ  1 
ATOM   1550 N N   . GLY B 1 102 ? 5.311   6.430   1.286   1.00 21.74 ? 99  GLY B N   1 
ATOM   1551 C CA  . GLY B 1 102 ? 6.393   6.920   2.106   1.00 21.62 ? 99  GLY B CA  1 
ATOM   1552 C C   . GLY B 1 102 ? 7.395   5.787   2.198   1.00 21.25 ? 99  GLY B C   1 
ATOM   1553 O O   . GLY B 1 102 ? 7.094   4.671   1.799   1.00 20.99 ? 99  GLY B O   1 
ATOM   1554 N N   . GLY B 1 103 ? 8.579   6.058   2.726   1.00 22.33 ? 100 GLY B N   1 
ATOM   1555 C CA  . GLY B 1 103 ? 9.588   5.018   2.837   1.00 22.13 ? 100 GLY B CA  1 
ATOM   1556 C C   . GLY B 1 103 ? 9.194   3.955   3.843   1.00 22.04 ? 100 GLY B C   1 
ATOM   1557 O O   . GLY B 1 103 ? 9.650   2.816   3.773   1.00 21.86 ? 100 GLY B O   1 
ATOM   1558 N N   . GLY B 1 104 ? 8.350   4.329   4.796   1.00 21.25 ? 101 GLY B N   1 
ATOM   1559 C CA  . GLY B 1 104 ? 7.907   3.366   5.790   1.00 20.63 ? 101 GLY B CA  1 
ATOM   1560 C C   . GLY B 1 104 ? 8.683   3.441   7.089   1.00 19.48 ? 101 GLY B C   1 
ATOM   1561 O O   . GLY B 1 104 ? 9.882   3.720   7.098   1.00 21.03 ? 101 GLY B O   1 
ATOM   1562 N N   . THR B 1 105 ? 7.992   3.205   8.194   1.00 18.46 ? 102 THR B N   1 
ATOM   1563 C CA  . THR B 1 105 ? 8.633   3.241   9.491   1.00 16.72 ? 102 THR B CA  1 
ATOM   1564 C C   . THR B 1 105 ? 8.371   1.936   10.225  1.00 15.90 ? 102 THR B C   1 
ATOM   1565 O O   . THR B 1 105 ? 7.240   1.437   10.262  1.00 16.23 ? 102 THR B O   1 
ATOM   1566 C CB  . THR B 1 105 ? 8.115   4.409   10.342  1.00 17.32 ? 102 THR B CB  1 
ATOM   1567 O OG1 . THR B 1 105 ? 8.307   5.644   9.634   1.00 17.03 ? 102 THR B OG1 1 
ATOM   1568 C CG2 . THR B 1 105 ? 8.875   4.460   11.659  1.00 15.83 ? 102 THR B CG2 1 
ATOM   1569 N N   . LYS B 1 106 ? 9.421   1.364   10.793  1.00 15.28 ? 103 LYS B N   1 
ATOM   1570 C CA  . LYS B 1 106 ? 9.272   0.120   11.532  1.00 14.85 ? 103 LYS B CA  1 
ATOM   1571 C C   . LYS B 1 106 ? 9.088   0.450   13.001  1.00 14.35 ? 103 LYS B C   1 
ATOM   1572 O O   . LYS B 1 106 ? 9.962   1.045   13.614  1.00 15.16 ? 103 LYS B O   1 
ATOM   1573 C CB  . LYS B 1 106 ? 10.502  -0.776  11.359  1.00 15.44 ? 103 LYS B CB  1 
ATOM   1574 C CG  . LYS B 1 106 ? 10.401  -2.083  12.128  1.00 16.31 ? 103 LYS B CG  1 
ATOM   1575 C CD  . LYS B 1 106 ? 9.157   -2.859  11.693  1.00 18.09 ? 103 LYS B CD  1 
ATOM   1576 C CE  . LYS B 1 106 ? 8.926   -4.097  12.546  1.00 20.22 ? 103 LYS B CE  1 
ATOM   1577 N NZ  . LYS B 1 106 ? 10.042  -5.078  12.480  1.00 19.58 ? 103 LYS B NZ  1 
ATOM   1578 N N   . LEU B 1 107 ? 7.937   0.082   13.544  1.00 15.05 ? 104 LEU B N   1 
ATOM   1579 C CA  . LEU B 1 107 ? 7.639   0.317   14.947  1.00 15.56 ? 104 LEU B CA  1 
ATOM   1580 C C   . LEU B 1 107 ? 7.983   -0.923  15.764  1.00 15.35 ? 104 LEU B C   1 
ATOM   1581 O O   . LEU B 1 107 ? 7.504   -2.025  15.461  1.00 15.31 ? 104 LEU B O   1 
ATOM   1582 C CB  . LEU B 1 107 ? 6.148   0.650   15.123  1.00 15.36 ? 104 LEU B CB  1 
ATOM   1583 C CG  . LEU B 1 107 ? 5.569   0.934   16.517  1.00 16.28 ? 104 LEU B CG  1 
ATOM   1584 C CD1 . LEU B 1 107 ? 4.155   1.472   16.369  1.00 16.13 ? 104 LEU B CD1 1 
ATOM   1585 C CD2 . LEU B 1 107 ? 5.566   -0.330  17.388  1.00 14.85 ? 104 LEU B CD2 1 
ATOM   1586 N N   . THR B 1 108 ? 8.823   -0.746  16.779  1.00 15.03 ? 105 THR B N   1 
ATOM   1587 C CA  . THR B 1 108 ? 9.186   -1.846  17.671  1.00 15.69 ? 105 THR B CA  1 
ATOM   1588 C C   . THR B 1 108 ? 8.534   -1.560  19.016  1.00 16.18 ? 105 THR B C   1 
ATOM   1589 O O   . THR B 1 108 ? 8.752   -0.495  19.601  1.00 16.94 ? 105 THR B O   1 
ATOM   1590 C CB  . THR B 1 108 ? 10.720  -1.967  17.921  1.00 15.37 ? 105 THR B CB  1 
ATOM   1591 O OG1 . THR B 1 108 ? 11.394  -2.285  16.700  1.00 15.52 ? 105 THR B OG1 1 
ATOM   1592 C CG2 . THR B 1 108 ? 11.003  -3.090  18.937  1.00 14.82 ? 105 THR B CG2 1 
ATOM   1593 N N   . VAL B 1 109 ? 7.709   -2.489  19.488  1.00 17.53 ? 106 VAL B N   1 
ATOM   1594 C CA  . VAL B 1 109 ? 7.080   -2.319  20.789  1.00 18.51 ? 106 VAL B CA  1 
ATOM   1595 C C   . VAL B 1 109 ? 7.980   -3.067  21.767  1.00 20.33 ? 106 VAL B C   1 
ATOM   1596 O O   . VAL B 1 109 ? 8.249   -4.255  21.593  1.00 19.96 ? 106 VAL B O   1 
ATOM   1597 C CB  . VAL B 1 109 ? 5.647   -2.900  20.841  1.00 18.30 ? 106 VAL B CB  1 
ATOM   1598 C CG1 . VAL B 1 109 ? 5.070   -2.680  22.218  1.00 16.96 ? 106 VAL B CG1 1 
ATOM   1599 C CG2 . VAL B 1 109 ? 4.751   -2.234  19.794  1.00 17.49 ? 106 VAL B CG2 1 
ATOM   1600 N N   . LEU B 1 110 ? 8.450   -2.361  22.786  1.00 21.82 ? 107 LEU B N   1 
ATOM   1601 C CA  . LEU B 1 110 ? 9.360   -2.929  23.771  1.00 24.19 ? 107 LEU B CA  1 
ATOM   1602 C C   . LEU B 1 110 ? 8.690   -3.647  24.936  1.00 25.17 ? 107 LEU B C   1 
ATOM   1603 O O   . LEU B 1 110 ? 9.096   -3.490  26.086  1.00 26.09 ? 107 LEU B O   1 
ATOM   1604 C CB  . LEU B 1 110 ? 10.292  -1.830  24.295  1.00 24.23 ? 107 LEU B CB  1 
ATOM   1605 C CG  . LEU B 1 110 ? 11.211  -1.214  23.231  1.00 25.63 ? 107 LEU B CG  1 
ATOM   1606 C CD1 . LEU B 1 110 ? 11.980  -0.032  23.816  1.00 26.72 ? 107 LEU B CD1 1 
ATOM   1607 C CD2 . LEU B 1 110 ? 12.172  -2.281  22.707  1.00 25.40 ? 107 LEU B CD2 1 
ATOM   1608 N N   . GLY B 1 111 ? 7.683   -4.457  24.624  1.00 26.47 ? 108 GLY B N   1 
ATOM   1609 C CA  . GLY B 1 111 ? 6.976   -5.208  25.646  1.00 27.33 ? 108 GLY B CA  1 
ATOM   1610 C C   . GLY B 1 111 ? 5.909   -6.091  25.029  1.00 27.88 ? 108 GLY B C   1 
ATOM   1611 O O   . GLY B 1 111 ? 5.753   -6.058  23.789  1.00 28.33 ? 108 GLY B O   1 
ATOM   1612 O OXT . GLY B 1 111 ? 5.224   -6.819  25.780  1.00 28.42 ? 108 GLY B OXT 1 
HETATM 1613 O O   . HOH C 2 .   ? -6.220  -4.223  -12.631 1.00 10.30 ? 501 HOH A O   1 
HETATM 1614 O O   . HOH C 2 .   ? -11.408 -12.989 -2.514  1.00 28.30 ? 502 HOH A O   1 
HETATM 1615 O O   . HOH C 2 .   ? -7.658  -13.895 0.619   1.00 23.76 ? 503 HOH A O   1 
HETATM 1616 O O   . HOH C 2 .   ? -5.340  -12.567 -0.790  1.00 24.23 ? 504 HOH A O   1 
HETATM 1617 O O   . HOH C 2 .   ? 2.873   -13.966 -0.488  1.00 17.65 ? 505 HOH A O   1 
HETATM 1618 O O   . HOH C 2 .   ? -2.595  -17.284 -2.269  1.00 44.86 ? 506 HOH A O   1 
HETATM 1619 O O   . HOH C 2 .   ? -7.437  -14.308 -7.658  1.00 25.40 ? 507 HOH A O   1 
HETATM 1620 O O   . HOH C 2 .   ? -13.167 -0.300  -11.572 1.00 43.81 ? 508 HOH A O   1 
HETATM 1621 O O   . HOH C 2 .   ? 9.943   -4.009  -11.932 1.00 21.76 ? 509 HOH A O   1 
HETATM 1622 O O   . HOH C 2 .   ? 11.009  -0.285  -9.801  1.00 30.13 ? 510 HOH A O   1 
HETATM 1623 O O   . HOH C 2 .   ? 9.249   -0.939  -6.575  1.00 14.55 ? 511 HOH A O   1 
HETATM 1624 O O   . HOH C 2 .   ? 9.876   -1.594  -4.025  1.00 24.20 ? 512 HOH A O   1 
HETATM 1625 O O   . HOH C 2 .   ? 6.581   1.590   -10.026 1.00 19.69 ? 513 HOH A O   1 
HETATM 1626 O O   . HOH C 2 .   ? 4.774   4.938   -9.870  1.00 19.20 ? 514 HOH A O   1 
HETATM 1627 O O   . HOH C 2 .   ? 1.705   -5.539  -21.976 1.00 14.23 ? 515 HOH A O   1 
HETATM 1628 O O   . HOH C 2 .   ? 1.474   -7.103  -19.785 1.00 12.37 ? 516 HOH A O   1 
HETATM 1629 O O   . HOH C 2 .   ? 2.137   -7.112  -24.039 1.00 12.69 ? 517 HOH A O   1 
HETATM 1630 O O   . HOH C 2 .   ? -8.823  -9.176  -16.511 1.00 25.22 ? 518 HOH A O   1 
HETATM 1631 O O   . HOH C 2 .   ? -10.419 -10.425 -18.953 1.00 26.16 ? 519 HOH A O   1 
HETATM 1632 O O   . HOH C 2 .   ? -8.957  -10.269 -13.911 1.00 19.49 ? 520 HOH A O   1 
HETATM 1633 O O   . HOH C 2 .   ? 1.398   -19.282 -8.736  1.00 27.35 ? 528 HOH A O   1 
HETATM 1634 O O   . HOH C 2 .   ? 15.240  -20.257 -15.024 1.00 22.97 ? 529 HOH A O   1 
HETATM 1635 O O   . HOH C 2 .   ? -0.477  -16.219 -17.493 1.00 37.90 ? 530 HOH A O   1 
HETATM 1636 O O   . HOH C 2 .   ? -13.566 -2.892  -6.592  1.00 24.45 ? 531 HOH A O   1 
HETATM 1637 O O   . HOH C 2 .   ? -13.436 5.167   -14.832 1.00 30.81 ? 532 HOH A O   1 
HETATM 1638 O O   . HOH C 2 .   ? -8.704  7.537   -8.245  1.00 46.76 ? 533 HOH A O   1 
HETATM 1639 O O   . HOH C 2 .   ? -2.386  -1.356  -18.120 1.00 15.53 ? 535 HOH A O   1 
HETATM 1640 O O   . HOH C 2 .   ? -4.735  -3.213  -19.846 1.00 25.70 ? 536 HOH A O   1 
HETATM 1641 O O   . HOH C 2 .   ? -4.577  0.260   -20.440 1.00 32.84 ? 537 HOH A O   1 
HETATM 1642 O O   . HOH C 2 .   ? 0.054   -1.141  -19.305 1.00 20.57 ? 538 HOH A O   1 
HETATM 1643 O O   . HOH C 2 .   ? 3.913   5.354   -17.901 1.00 33.65 ? 539 HOH A O   1 
HETATM 1644 O O   . HOH C 2 .   ? 6.538   7.937   -11.785 1.00 26.88 ? 540 HOH A O   1 
HETATM 1645 O O   . HOH C 2 .   ? 7.756   0.920   -21.598 1.00 19.06 ? 541 HOH A O   1 
HETATM 1646 O O   . HOH C 2 .   ? 12.794  -1.610  -19.032 1.00 26.49 ? 542 HOH A O   1 
HETATM 1647 O O   . HOH C 2 .   ? 2.648   -10.044 1.745   1.00 25.49 ? 544 HOH A O   1 
HETATM 1648 O O   . HOH C 2 .   ? 3.902   -11.403 -0.886  1.00 30.54 ? 545 HOH A O   1 
HETATM 1649 O O   . HOH C 2 .   ? 8.174   -16.741 -5.472  1.00 18.62 ? 551 HOH A O   1 
HETATM 1650 O O   . HOH C 2 .   ? 15.515  -11.809 -9.615  1.00 26.14 ? 552 HOH A O   1 
HETATM 1651 O O   . HOH C 2 .   ? 9.843   -19.935 -16.268 1.00 32.75 ? 553 HOH A O   1 
HETATM 1652 O O   . HOH C 2 .   ? 6.847   -12.706 -22.650 1.00 40.80 ? 554 HOH A O   1 
HETATM 1653 O O   . HOH C 2 .   ? 4.502   -16.777 -21.092 1.00 25.83 ? 555 HOH A O   1 
HETATM 1654 O O   . HOH C 2 .   ? 9.413   5.095   -1.747  1.00 34.74 ? 556 HOH A O   1 
HETATM 1655 O O   . HOH C 2 .   ? 9.982   2.511   -12.983 1.00 42.67 ? 557 HOH A O   1 
HETATM 1656 O O   . HOH C 2 .   ? 11.961  -0.002  -14.156 1.00 27.80 ? 558 HOH A O   1 
HETATM 1657 O O   . HOH C 2 .   ? 10.923  0.108   -20.374 1.00 35.73 ? 559 HOH A O   1 
HETATM 1658 O O   . HOH C 2 .   ? -14.781 -6.516  -18.819 1.00 31.08 ? 560 HOH A O   1 
HETATM 1659 O O   . HOH C 2 .   ? 8.411   -2.561  -21.621 1.00 13.30 ? 561 HOH A O   1 
HETATM 1660 O O   . HOH C 2 .   ? 0.909   -19.296 -5.344  1.00 26.79 ? 562 HOH A O   1 
HETATM 1661 O O   . HOH C 2 .   ? 5.420   -20.016 -10.733 1.00 37.55 ? 563 HOH A O   1 
HETATM 1662 O O   . HOH C 2 .   ? -2.875  -15.352 -10.750 1.00 33.75 ? 564 HOH A O   1 
HETATM 1663 O O   . HOH C 2 .   ? -12.677 -15.204 -4.135  1.00 20.05 ? 565 HOH A O   1 
HETATM 1664 O O   . HOH C 2 .   ? -14.250 -15.517 0.136   1.00 22.73 ? 566 HOH A O   1 
HETATM 1665 O O   . HOH C 2 .   ? -14.498 5.518   -11.238 1.00 35.77 ? 567 HOH A O   1 
HETATM 1666 O O   . HOH C 2 .   ? -14.270 2.641   -10.159 1.00 28.18 ? 568 HOH A O   1 
HETATM 1667 O O   . HOH C 2 .   ? 8.386   0.958   -11.534 1.00 40.26 ? 569 HOH A O   1 
HETATM 1668 O O   . HOH C 2 .   ? 7.919   3.908   -10.339 1.00 38.46 ? 570 HOH A O   1 
HETATM 1669 O O   . HOH C 2 .   ? -9.788  3.052   -17.096 1.00 26.63 ? 574 HOH A O   1 
HETATM 1670 O O   . HOH C 2 .   ? -1.042  4.241   -18.998 1.00 26.79 ? 575 HOH A O   1 
HETATM 1671 O O   . HOH C 2 .   ? 10.193  -4.312  -21.208 1.00 25.17 ? 576 HOH A O   1 
HETATM 1672 O O   . HOH C 2 .   ? 9.301   -0.611  -23.781 1.00 23.88 ? 577 HOH A O   1 
HETATM 1673 O O   . HOH C 2 .   ? -18.098 -7.427  -11.614 1.00 25.87 ? 578 HOH A O   1 
HETATM 1674 O O   . HOH C 2 .   ? -20.548 -8.630  -17.179 1.00 15.55 ? 579 HOH A O   1 
HETATM 1675 O O   . HOH C 2 .   ? -15.912 -9.331  -18.576 1.00 38.12 ? 580 HOH A O   1 
HETATM 1676 O O   . HOH C 2 .   ? -12.600 -15.052 -16.707 1.00 30.87 ? 581 HOH A O   1 
HETATM 1677 O O   . HOH C 2 .   ? 13.003  -8.451  -20.933 1.00 32.23 ? 582 HOH A O   1 
HETATM 1678 O O   . HOH C 2 .   ? 16.420  -9.809  -16.595 1.00 25.72 ? 583 HOH A O   1 
HETATM 1679 O O   . HOH C 2 .   ? 15.863  -6.946  -14.572 1.00 29.24 ? 584 HOH A O   1 
HETATM 1680 O O   . HOH C 2 .   ? 15.778  -15.241 -7.618  1.00 31.02 ? 585 HOH A O   1 
HETATM 1681 O O   . HOH C 2 .   ? 5.092   -10.917 2.720   1.00 24.73 ? 586 HOH A O   1 
HETATM 1682 O O   . HOH C 2 .   ? 12.153  -14.099 -4.218  1.00 33.12 ? 587 HOH A O   1 
HETATM 1683 O O   . HOH C 2 .   ? -7.168  -2.202  4.681   1.00 27.40 ? 605 HOH A O   1 
HETATM 1684 O O   . HOH D 2 .   ? -0.576  6.051   25.619  1.00 15.71 ? 521 HOH B O   1 
HETATM 1685 O O   . HOH D 2 .   ? 9.015   12.863  8.363   1.00 27.32 ? 522 HOH B O   1 
HETATM 1686 O O   . HOH D 2 .   ? -2.469  -3.405  16.007  1.00 23.15 ? 523 HOH B O   1 
HETATM 1687 O O   . HOH D 2 .   ? -2.564  -5.200  9.838   1.00 17.81 ? 524 HOH B O   1 
HETATM 1688 O O   . HOH D 2 .   ? -4.753  -5.060  13.568  1.00 52.10 ? 525 HOH B O   1 
HETATM 1689 O O   . HOH D 2 .   ? -8.586  -4.308  19.096  1.00 27.39 ? 526 HOH B O   1 
HETATM 1690 O O   . HOH D 2 .   ? -5.849  -2.970  20.212  1.00 26.40 ? 527 HOH B O   1 
HETATM 1691 O O   . HOH D 2 .   ? -4.447  7.883   -14.729 1.00 31.32 ? 534 HOH B O   1 
HETATM 1692 O O   . HOH D 2 .   ? -2.271  12.198  8.174   1.00 30.46 ? 543 HOH B O   1 
HETATM 1693 O O   . HOH D 2 .   ? 6.757   -4.504  5.283   1.00 23.29 ? 546 HOH B O   1 
HETATM 1694 O O   . HOH D 2 .   ? -8.316  9.584   13.328  1.00 31.97 ? 547 HOH B O   1 
HETATM 1695 O O   . HOH D 2 .   ? -9.061  11.374  16.945  1.00 24.69 ? 548 HOH B O   1 
HETATM 1696 O O   . HOH D 2 .   ? -0.162  -2.390  26.236  1.00 31.81 ? 549 HOH B O   1 
HETATM 1697 O O   . HOH D 2 .   ? -1.001  -6.988  21.552  1.00 20.21 ? 550 HOH B O   1 
HETATM 1698 O O   . HOH D 2 .   ? 4.330   4.969   -6.459  1.00 17.03 ? 571 HOH B O   1 
HETATM 1699 O O   . HOH D 2 .   ? 6.045   5.637   -4.121  1.00 28.71 ? 572 HOH B O   1 
HETATM 1700 O O   . HOH D 2 .   ? 7.688   7.484   -3.918  1.00 21.80 ? 573 HOH B O   1 
HETATM 1701 O O   . HOH D 2 .   ? 10.608  7.590   3.901   1.00 17.13 ? 588 HOH B O   1 
HETATM 1702 O O   . HOH D 2 .   ? 11.612  5.165   5.869   1.00 31.94 ? 589 HOH B O   1 
HETATM 1703 O O   . HOH D 2 .   ? 12.328  0.913   8.199   1.00 35.19 ? 590 HOH B O   1 
HETATM 1704 O O   . HOH D 2 .   ? 9.502   0.346   7.061   1.00 29.11 ? 591 HOH B O   1 
HETATM 1705 O O   . HOH D 2 .   ? 10.995  -2.543  7.922   1.00 23.49 ? 592 HOH B O   1 
HETATM 1706 O O   . HOH D 2 .   ? 6.006   -5.675  7.350   1.00 22.04 ? 593 HOH B O   1 
HETATM 1707 O O   . HOH D 2 .   ? 14.393  5.694   12.078  1.00 21.06 ? 594 HOH B O   1 
HETATM 1708 O O   . HOH D 2 .   ? 10.811  -1.209  28.098  1.00 22.48 ? 595 HOH B O   1 
HETATM 1709 O O   . HOH D 2 .   ? 2.945   1.944   30.089  1.00 36.77 ? 596 HOH B O   1 
HETATM 1710 O O   . HOH D 2 .   ? 5.055   -0.417  29.704  1.00 26.29 ? 597 HOH B O   1 
HETATM 1711 O O   . HOH D 2 .   ? 0.626   -1.356  28.885  1.00 27.76 ? 598 HOH B O   1 
HETATM 1712 O O   . HOH D 2 .   ? -4.551  -6.796  10.283  1.00 27.70 ? 599 HOH B O   1 
HETATM 1713 O O   . HOH D 2 .   ? -2.139  -9.061  10.668  1.00 34.34 ? 600 HOH B O   1 
HETATM 1714 O O   . HOH D 2 .   ? 2.977   -7.640  15.672  1.00 33.95 ? 601 HOH B O   1 
HETATM 1715 O O   . HOH D 2 .   ? 3.318   -3.205  1.810   1.00 15.37 ? 602 HOH B O   1 
HETATM 1716 O O   . HOH D 2 .   ? -5.957  -1.715  10.289  1.00 29.50 ? 603 HOH B O   1 
HETATM 1717 O O   . HOH D 2 .   ? -4.807  -2.988  12.347  1.00 20.88 ? 604 HOH B O   1 
HETATM 1718 O O   . HOH D 2 .   ? -18.680 -1.029  10.972  1.00 41.20 ? 606 HOH B O   1 
HETATM 1719 O O   . HOH D 2 .   ? -18.571 -2.939  8.497   1.00 31.35 ? 607 HOH B O   1 
HETATM 1720 O O   . HOH D 2 .   ? -5.047  5.144   24.126  1.00 26.55 ? 608 HOH B O   1 
HETATM 1721 O O   . HOH D 2 .   ? -5.377  2.889   25.437  1.00 26.63 ? 609 HOH B O   1 
HETATM 1722 O O   . HOH D 2 .   ? -9.326  8.370   15.203  1.00 34.75 ? 610 HOH B O   1 
HETATM 1723 O O   . HOH D 2 .   ? 0.658   -5.447  24.466  1.00 29.04 ? 611 HOH B O   1 
HETATM 1724 O O   . HOH D 2 .   ? -6.163  -4.578  17.873  1.00 4.68  ? 612 HOH B O   1 
# 
